data_2ENM
#
_entry.id   2ENM
#
_entity_poly.entity_id   1
_entity_poly.type   'polypeptide(L)'
_entity_poly.pdbx_seq_one_letter_code
;GSSGSSGMATKARVMYDFAAEPGNNELTVTEGEIITVTNPNVGGGWLEGKNNKGEQGLVPTDYVEILPNDGKDPFSC
;
_entity_poly.pdbx_strand_id   A
#
# COMPACT_ATOMS: atom_id res chain seq x y z
N GLY A 1 -10.38 -20.12 14.96
CA GLY A 1 -10.02 -20.44 13.58
C GLY A 1 -9.18 -19.36 12.94
N SER A 2 -9.66 -18.12 13.01
CA SER A 2 -8.94 -16.99 12.42
C SER A 2 -8.36 -16.08 13.51
N SER A 3 -7.61 -15.07 13.09
CA SER A 3 -6.99 -14.14 14.02
C SER A 3 -7.09 -12.71 13.50
N GLY A 4 -7.65 -11.83 14.32
CA GLY A 4 -7.80 -10.44 13.93
C GLY A 4 -9.12 -10.16 13.24
N SER A 5 -9.77 -9.06 13.62
CA SER A 5 -11.06 -8.69 13.05
C SER A 5 -10.86 -7.95 11.72
N SER A 6 -10.16 -6.83 11.79
CA SER A 6 -9.91 -6.01 10.60
C SER A 6 -8.83 -6.66 9.72
N GLY A 7 -7.70 -6.99 10.34
CA GLY A 7 -6.60 -7.60 9.61
C GLY A 7 -5.38 -6.71 9.54
N MET A 8 -4.21 -7.33 9.44
CA MET A 8 -2.95 -6.58 9.38
C MET A 8 -2.57 -6.32 7.92
N ALA A 9 -2.99 -7.21 7.03
CA ALA A 9 -2.69 -7.07 5.61
C ALA A 9 -3.50 -5.93 4.99
N THR A 10 -2.97 -4.71 5.06
CA THR A 10 -3.65 -3.54 4.52
C THR A 10 -3.33 -3.39 3.03
N LYS A 11 -4.34 -3.03 2.25
CA LYS A 11 -4.18 -2.83 0.82
C LYS A 11 -4.62 -1.44 0.40
N ALA A 12 -4.04 -0.94 -0.70
CA ALA A 12 -4.38 0.39 -1.20
C ALA A 12 -4.42 0.39 -2.72
N ARG A 13 -5.44 1.05 -3.27
CA ARG A 13 -5.60 1.14 -4.72
C ARG A 13 -5.10 2.49 -5.25
N VAL A 14 -4.34 2.45 -6.33
CA VAL A 14 -3.81 3.66 -6.93
C VAL A 14 -4.87 4.38 -7.76
N MET A 15 -5.11 5.65 -7.43
CA MET A 15 -6.11 6.45 -8.15
C MET A 15 -5.49 7.07 -9.40
N TYR A 16 -4.23 7.48 -9.30
CA TYR A 16 -3.54 8.10 -10.43
C TYR A 16 -2.18 7.46 -10.64
N ASP A 17 -1.81 7.26 -11.91
CA ASP A 17 -0.53 6.67 -12.25
C ASP A 17 0.63 7.54 -11.77
N PHE A 18 1.35 7.07 -10.75
CA PHE A 18 2.48 7.81 -10.20
C PHE A 18 3.80 7.17 -10.61
N ALA A 19 4.82 8.00 -10.81
CA ALA A 19 6.13 7.51 -11.20
C ALA A 19 7.19 7.96 -10.21
N ALA A 20 8.10 7.05 -9.87
CA ALA A 20 9.17 7.36 -8.92
C ALA A 20 10.51 7.52 -9.65
N GLU A 21 11.22 8.59 -9.33
CA GLU A 21 12.51 8.86 -9.96
C GLU A 21 13.48 7.71 -9.71
N PRO A 22 14.44 7.53 -10.64
CA PRO A 22 15.44 6.47 -10.54
C PRO A 22 16.44 6.72 -9.42
N GLY A 23 16.60 5.73 -8.54
CA GLY A 23 17.54 5.86 -7.44
C GLY A 23 17.01 6.78 -6.34
N ASN A 24 15.71 6.66 -6.05
CA ASN A 24 15.09 7.48 -5.02
C ASN A 24 14.38 6.61 -3.99
N ASN A 25 13.99 7.23 -2.87
CA ASN A 25 13.29 6.52 -1.81
C ASN A 25 11.79 6.46 -2.08
N GLU A 26 11.42 6.49 -3.36
CA GLU A 26 10.01 6.44 -3.75
C GLU A 26 9.73 5.20 -4.59
N LEU A 27 8.46 4.79 -4.62
CA LEU A 27 8.05 3.62 -5.38
C LEU A 27 7.20 4.03 -6.58
N THR A 28 7.30 3.25 -7.66
CA THR A 28 6.54 3.53 -8.88
C THR A 28 5.30 2.64 -8.96
N VAL A 29 4.15 3.28 -9.11
CA VAL A 29 2.88 2.55 -9.21
C VAL A 29 2.04 3.06 -10.38
N THR A 30 0.94 2.37 -10.64
CA THR A 30 0.04 2.76 -11.74
C THR A 30 -1.41 2.70 -11.30
N GLU A 31 -2.26 3.45 -11.99
CA GLU A 31 -3.68 3.49 -11.67
C GLU A 31 -4.30 2.10 -11.78
N GLY A 32 -5.03 1.70 -10.76
CA GLY A 32 -5.68 0.39 -10.76
C GLY A 32 -4.80 -0.67 -10.14
N GLU A 33 -3.48 -0.44 -10.14
CA GLU A 33 -2.55 -1.40 -9.58
C GLU A 33 -2.60 -1.38 -8.05
N ILE A 34 -2.63 -2.57 -7.45
CA ILE A 34 -2.68 -2.69 -6.00
C ILE A 34 -1.35 -3.19 -5.44
N ILE A 35 -1.02 -2.75 -4.24
CA ILE A 35 0.22 -3.15 -3.58
C ILE A 35 0.00 -3.44 -2.10
N THR A 36 1.05 -3.85 -1.42
CA THR A 36 0.98 -4.16 0.00
C THR A 36 1.48 -3.00 0.85
N VAL A 37 0.66 -2.57 1.80
CA VAL A 37 1.01 -1.46 2.68
C VAL A 37 1.75 -1.96 3.92
N THR A 38 2.90 -1.36 4.19
CA THR A 38 3.71 -1.74 5.34
C THR A 38 3.78 -0.60 6.36
N ASN A 39 4.02 0.61 5.87
CA ASN A 39 4.11 1.78 6.75
C ASN A 39 3.20 2.89 6.25
N PRO A 40 1.89 2.78 6.59
CA PRO A 40 0.90 3.78 6.20
C PRO A 40 1.07 5.11 6.93
N ASN A 41 1.81 5.07 8.02
CA ASN A 41 2.05 6.28 8.82
C ASN A 41 3.54 6.58 8.90
N VAL A 42 4.07 7.19 7.84
CA VAL A 42 5.50 7.54 7.79
C VAL A 42 5.77 8.84 8.54
N GLY A 43 5.09 9.91 8.12
CA GLY A 43 5.28 11.19 8.77
C GLY A 43 5.14 12.35 7.80
N GLY A 44 3.95 12.93 7.75
CA GLY A 44 3.71 14.06 6.84
C GLY A 44 2.59 13.78 5.87
N GLY A 45 2.19 12.51 5.77
CA GLY A 45 1.12 12.14 4.85
C GLY A 45 1.59 11.20 3.76
N TRP A 46 2.55 10.35 4.09
CA TRP A 46 3.10 9.40 3.13
C TRP A 46 3.00 7.97 3.67
N LEU A 47 3.18 7.00 2.78
CA LEU A 47 3.11 5.59 3.16
C LEU A 47 4.17 4.78 2.41
N GLU A 48 4.62 3.70 3.03
CA GLU A 48 5.62 2.83 2.42
C GLU A 48 5.00 1.51 1.96
N GLY A 49 5.11 1.22 0.67
CA GLY A 49 4.56 0.00 0.14
C GLY A 49 5.60 -0.83 -0.60
N LYS A 50 5.36 -2.14 -0.67
CA LYS A 50 6.28 -3.05 -1.35
C LYS A 50 5.65 -3.61 -2.62
N ASN A 51 6.49 -3.88 -3.61
CA ASN A 51 6.01 -4.42 -4.88
C ASN A 51 6.37 -5.90 -5.01
N ASN A 52 5.90 -6.53 -6.08
CA ASN A 52 6.16 -7.93 -6.32
C ASN A 52 7.66 -8.23 -6.31
N LYS A 53 8.44 -7.26 -6.80
CA LYS A 53 9.89 -7.41 -6.85
C LYS A 53 10.48 -7.50 -5.44
N GLY A 54 9.72 -7.03 -4.46
CA GLY A 54 10.17 -7.05 -3.08
C GLY A 54 10.77 -5.74 -2.64
N GLU A 55 10.79 -4.77 -3.56
CA GLU A 55 11.35 -3.45 -3.25
C GLU A 55 10.34 -2.58 -2.52
N GLN A 56 10.83 -1.73 -1.63
CA GLN A 56 9.96 -0.85 -0.86
C GLN A 56 10.30 0.61 -1.12
N GLY A 57 9.26 1.43 -1.30
CA GLY A 57 9.46 2.84 -1.57
C GLY A 57 8.36 3.70 -0.98
N LEU A 58 8.62 5.00 -0.88
CA LEU A 58 7.65 5.94 -0.35
C LEU A 58 6.64 6.37 -1.41
N VAL A 59 5.38 6.49 -1.03
CA VAL A 59 4.34 6.89 -1.96
C VAL A 59 3.36 7.86 -1.29
N PRO A 60 2.95 8.90 -2.05
CA PRO A 60 2.03 9.92 -1.56
C PRO A 60 0.62 9.37 -1.37
N THR A 61 0.12 9.42 -0.13
CA THR A 61 -1.22 8.93 0.18
C THR A 61 -2.27 9.66 -0.65
N ASP A 62 -1.92 10.84 -1.16
CA ASP A 62 -2.84 11.62 -1.98
C ASP A 62 -3.06 10.97 -3.33
N TYR A 63 -2.12 10.12 -3.74
CA TYR A 63 -2.22 9.42 -5.02
C TYR A 63 -2.96 8.10 -4.86
N VAL A 64 -2.81 7.47 -3.71
CA VAL A 64 -3.47 6.20 -3.44
C VAL A 64 -4.31 6.27 -2.18
N GLU A 65 -5.53 5.74 -2.24
CA GLU A 65 -6.44 5.75 -1.10
C GLU A 65 -6.59 4.35 -0.51
N ILE A 66 -5.97 4.14 0.65
CA ILE A 66 -6.03 2.85 1.32
C ILE A 66 -7.47 2.34 1.38
N LEU A 67 -7.63 1.03 1.16
CA LEU A 67 -8.95 0.41 1.20
C LEU A 67 -9.17 -0.32 2.51
N PRO A 68 -10.42 -0.28 3.00
CA PRO A 68 -10.80 -0.94 4.26
C PRO A 68 -10.78 -2.46 4.15
N ASN A 69 -10.89 -3.12 5.29
CA ASN A 69 -10.90 -4.58 5.32
C ASN A 69 -12.27 -5.13 5.71
N ASP A 70 -12.40 -6.45 5.73
CA ASP A 70 -13.66 -7.09 6.09
C ASP A 70 -14.06 -6.74 7.52
N GLY A 71 -14.96 -5.78 7.66
CA GLY A 71 -15.41 -5.36 8.98
C GLY A 71 -16.40 -6.34 9.58
N LYS A 72 -16.45 -6.39 10.91
CA LYS A 72 -17.37 -7.28 11.61
C LYS A 72 -18.68 -7.43 10.84
N ASP A 73 -18.93 -8.62 10.31
CA ASP A 73 -20.14 -8.89 9.57
C ASP A 73 -21.38 -8.70 10.45
N PRO A 74 -22.47 -8.21 9.83
CA PRO A 74 -23.72 -7.97 10.54
C PRO A 74 -24.42 -9.27 10.97
N PHE A 75 -25.20 -9.19 12.03
CA PHE A 75 -25.92 -10.36 12.53
C PHE A 75 -26.95 -10.84 11.52
N SER A 76 -27.56 -11.99 11.80
CA SER A 76 -28.56 -12.56 10.91
C SER A 76 -29.57 -11.51 10.47
N CYS A 77 -29.54 -11.17 9.19
CA CYS A 77 -30.44 -10.16 8.65
C CYS A 77 -31.88 -10.68 8.63
N GLY A 1 -1.10 -23.17 17.07
CA GLY A 1 -1.02 -22.26 18.19
C GLY A 1 -0.89 -20.81 17.76
N SER A 2 -2.03 -20.10 17.73
CA SER A 2 -2.03 -18.70 17.32
C SER A 2 -2.86 -17.87 18.30
N SER A 3 -2.64 -16.55 18.27
CA SER A 3 -3.36 -15.64 19.15
C SER A 3 -3.93 -14.46 18.36
N GLY A 4 -5.25 -14.32 18.39
CA GLY A 4 -5.89 -13.24 17.67
C GLY A 4 -5.69 -13.33 16.17
N SER A 5 -6.34 -12.43 15.44
CA SER A 5 -6.22 -12.41 13.98
C SER A 5 -4.80 -12.06 13.55
N SER A 6 -4.03 -13.08 13.19
CA SER A 6 -2.65 -12.89 12.77
C SER A 6 -2.58 -12.65 11.26
N GLY A 7 -1.39 -12.32 10.77
CA GLY A 7 -1.21 -12.07 9.35
C GLY A 7 -2.11 -10.97 8.85
N MET A 8 -2.03 -9.79 9.46
CA MET A 8 -2.85 -8.66 9.07
C MET A 8 -2.12 -7.79 8.04
N ALA A 9 -2.44 -8.02 6.77
CA ALA A 9 -1.81 -7.26 5.68
C ALA A 9 -2.74 -6.16 5.17
N THR A 10 -2.15 -5.05 4.74
CA THR A 10 -2.92 -3.92 4.24
C THR A 10 -2.68 -3.72 2.74
N LYS A 11 -3.68 -3.17 2.06
CA LYS A 11 -3.58 -2.92 0.63
C LYS A 11 -4.12 -1.53 0.28
N ALA A 12 -3.54 -0.91 -0.74
CA ALA A 12 -3.95 0.41 -1.18
C ALA A 12 -4.14 0.46 -2.69
N ARG A 13 -5.16 1.19 -3.13
CA ARG A 13 -5.45 1.32 -4.55
C ARG A 13 -4.95 2.65 -5.10
N VAL A 14 -4.44 2.64 -6.32
CA VAL A 14 -3.92 3.85 -6.96
C VAL A 14 -5.01 4.53 -7.80
N MET A 15 -5.23 5.81 -7.53
CA MET A 15 -6.23 6.58 -8.27
C MET A 15 -5.64 7.18 -9.53
N TYR A 16 -4.33 7.43 -9.51
CA TYR A 16 -3.64 8.01 -10.65
C TYR A 16 -2.20 7.50 -10.74
N ASP A 17 -1.78 7.19 -11.95
CA ASP A 17 -0.42 6.69 -12.18
C ASP A 17 0.62 7.63 -11.59
N PHE A 18 1.59 7.07 -10.89
CA PHE A 18 2.64 7.87 -10.27
C PHE A 18 4.02 7.44 -10.78
N ALA A 19 4.96 8.38 -10.79
CA ALA A 19 6.31 8.12 -11.25
C ALA A 19 7.34 8.43 -10.17
N ALA A 20 7.83 7.38 -9.51
CA ALA A 20 8.82 7.55 -8.46
C ALA A 20 10.14 8.07 -9.02
N GLU A 21 10.43 9.34 -8.74
CA GLU A 21 11.66 9.96 -9.22
C GLU A 21 12.86 9.07 -8.95
N PRO A 22 13.89 9.17 -9.81
CA PRO A 22 15.12 8.38 -9.66
C PRO A 22 15.95 8.82 -8.46
N GLY A 23 16.93 7.98 -8.10
CA GLY A 23 17.78 8.30 -6.96
C GLY A 23 17.04 8.98 -5.84
N ASN A 24 15.95 8.36 -5.39
CA ASN A 24 15.15 8.91 -4.31
C ASN A 24 14.36 7.82 -3.59
N ASN A 25 13.91 8.12 -2.38
CA ASN A 25 13.15 7.16 -1.59
C ASN A 25 11.68 7.17 -1.98
N GLU A 26 11.35 6.51 -3.08
CA GLU A 26 9.98 6.44 -3.56
C GLU A 26 9.76 5.18 -4.41
N LEU A 27 8.54 4.67 -4.39
CA LEU A 27 8.19 3.48 -5.15
C LEU A 27 7.29 3.83 -6.33
N THR A 28 7.51 3.16 -7.46
CA THR A 28 6.73 3.40 -8.66
C THR A 28 5.44 2.59 -8.64
N VAL A 29 4.34 3.22 -9.05
CA VAL A 29 3.03 2.56 -9.08
C VAL A 29 2.22 3.02 -10.28
N THR A 30 1.04 2.40 -10.45
CA THR A 30 0.17 2.74 -11.57
C THR A 30 -1.30 2.66 -11.16
N GLU A 31 -2.15 3.36 -11.89
CA GLU A 31 -3.58 3.37 -11.61
C GLU A 31 -4.18 1.98 -11.80
N GLY A 32 -4.94 1.52 -10.80
CA GLY A 32 -5.55 0.21 -10.87
C GLY A 32 -4.69 -0.87 -10.27
N GLU A 33 -3.40 -0.57 -10.07
CA GLU A 33 -2.47 -1.53 -9.50
C GLU A 33 -2.57 -1.54 -7.97
N ILE A 34 -2.59 -2.74 -7.41
CA ILE A 34 -2.68 -2.89 -5.96
C ILE A 34 -1.35 -3.33 -5.36
N ILE A 35 -1.05 -2.83 -4.17
CA ILE A 35 0.19 -3.16 -3.49
C ILE A 35 -0.03 -3.42 -2.01
N THR A 36 1.01 -3.86 -1.32
CA THR A 36 0.93 -4.14 0.11
C THR A 36 1.50 -2.99 0.94
N VAL A 37 0.69 -2.48 1.86
CA VAL A 37 1.12 -1.37 2.71
C VAL A 37 1.81 -1.89 3.98
N THR A 38 3.02 -1.39 4.24
CA THR A 38 3.78 -1.80 5.41
C THR A 38 3.83 -0.69 6.44
N ASN A 39 4.11 0.52 5.98
CA ASN A 39 4.20 1.68 6.87
C ASN A 39 3.42 2.86 6.30
N PRO A 40 2.10 2.85 6.50
CA PRO A 40 1.22 3.93 6.01
C PRO A 40 1.42 5.23 6.76
N ASN A 41 1.81 5.12 8.04
CA ASN A 41 2.05 6.29 8.87
C ASN A 41 3.51 6.70 8.85
N VAL A 42 4.00 7.13 7.69
CA VAL A 42 5.39 7.54 7.54
C VAL A 42 5.64 8.87 8.25
N GLY A 43 4.79 9.85 7.98
CA GLY A 43 4.94 11.15 8.59
C GLY A 43 3.76 12.07 8.32
N GLY A 44 3.77 12.69 7.14
CA GLY A 44 2.69 13.59 6.77
C GLY A 44 1.60 12.89 5.98
N GLY A 45 1.72 12.94 4.65
CA GLY A 45 0.74 12.31 3.80
C GLY A 45 1.35 11.28 2.87
N TRP A 46 2.29 10.51 3.39
CA TRP A 46 2.96 9.47 2.60
C TRP A 46 2.69 8.09 3.19
N LEU A 47 3.07 7.06 2.44
CA LEU A 47 2.87 5.68 2.88
C LEU A 47 3.91 4.75 2.25
N GLU A 48 4.31 3.73 3.00
CA GLU A 48 5.30 2.77 2.52
C GLU A 48 4.61 1.49 2.05
N GLY A 49 5.08 0.95 0.92
CA GLY A 49 4.52 -0.27 0.39
C GLY A 49 5.53 -1.09 -0.37
N LYS A 50 5.20 -2.37 -0.60
CA LYS A 50 6.09 -3.26 -1.33
C LYS A 50 5.33 -4.02 -2.42
N ASN A 51 6.02 -4.33 -3.50
CA ASN A 51 5.41 -5.06 -4.61
C ASN A 51 5.98 -6.47 -4.73
N ASN A 52 5.35 -7.29 -5.56
CA ASN A 52 5.81 -8.67 -5.76
C ASN A 52 7.31 -8.71 -6.05
N LYS A 53 7.80 -7.70 -6.77
CA LYS A 53 9.21 -7.62 -7.11
C LYS A 53 10.08 -7.55 -5.86
N GLY A 54 9.53 -6.99 -4.78
CA GLY A 54 10.25 -6.87 -3.54
C GLY A 54 10.82 -5.49 -3.32
N GLU A 55 10.39 -4.54 -4.13
CA GLU A 55 10.86 -3.16 -4.03
C GLU A 55 9.96 -2.33 -3.12
N GLN A 56 10.53 -1.83 -2.04
CA GLN A 56 9.79 -1.03 -1.07
C GLN A 56 10.23 0.43 -1.12
N GLY A 57 9.25 1.34 -1.18
CA GLY A 57 9.56 2.76 -1.24
C GLY A 57 8.45 3.61 -0.66
N LEU A 58 8.61 4.93 -0.75
CA LEU A 58 7.62 5.86 -0.23
C LEU A 58 6.66 6.29 -1.34
N VAL A 59 5.38 6.42 -0.99
CA VAL A 59 4.37 6.84 -1.95
C VAL A 59 3.37 7.81 -1.32
N PRO A 60 2.99 8.85 -2.08
CA PRO A 60 2.05 9.86 -1.61
C PRO A 60 0.63 9.32 -1.48
N THR A 61 0.02 9.56 -0.33
CA THR A 61 -1.34 9.09 -0.08
C THR A 61 -2.36 9.86 -0.91
N ASP A 62 -1.91 10.96 -1.51
CA ASP A 62 -2.77 11.79 -2.34
C ASP A 62 -3.01 11.13 -3.70
N TYR A 63 -2.10 10.25 -4.09
CA TYR A 63 -2.21 9.55 -5.36
C TYR A 63 -2.85 8.18 -5.18
N VAL A 64 -2.60 7.56 -4.03
CA VAL A 64 -3.15 6.25 -3.73
C VAL A 64 -4.00 6.28 -2.45
N GLU A 65 -5.11 5.55 -2.48
CA GLU A 65 -6.00 5.50 -1.32
C GLU A 65 -5.94 4.13 -0.64
N ILE A 66 -5.76 4.15 0.68
CA ILE A 66 -5.68 2.91 1.43
C ILE A 66 -7.07 2.32 1.69
N LEU A 67 -7.21 1.04 1.42
CA LEU A 67 -8.49 0.35 1.61
C LEU A 67 -8.54 -0.34 2.97
N PRO A 68 -9.73 -0.40 3.57
CA PRO A 68 -9.94 -1.03 4.87
C PRO A 68 -9.80 -2.54 4.81
N ASN A 69 -8.87 -3.07 5.59
CA ASN A 69 -8.64 -4.52 5.62
C ASN A 69 -9.93 -5.27 5.89
N ASP A 70 -10.13 -6.37 5.17
CA ASP A 70 -11.33 -7.18 5.32
C ASP A 70 -11.33 -7.87 6.68
N GLY A 71 -12.46 -7.78 7.39
CA GLY A 71 -12.58 -8.40 8.69
C GLY A 71 -13.37 -7.55 9.67
N LYS A 72 -14.06 -8.21 10.60
CA LYS A 72 -14.86 -7.51 11.60
C LYS A 72 -14.00 -6.58 12.44
N ASP A 73 -14.63 -5.60 13.07
CA ASP A 73 -13.93 -4.64 13.91
C ASP A 73 -14.89 -3.94 14.86
N PRO A 74 -14.40 -3.65 16.08
CA PRO A 74 -15.21 -2.98 17.11
C PRO A 74 -15.48 -1.52 16.77
N PHE A 75 -16.75 -1.18 16.60
CA PHE A 75 -17.15 0.17 16.27
C PHE A 75 -17.57 0.94 17.52
N SER A 76 -18.41 0.30 18.33
CA SER A 76 -18.90 0.93 19.56
C SER A 76 -19.60 -0.11 20.44
N CYS A 77 -19.53 0.11 21.75
CA CYS A 77 -20.15 -0.80 22.70
C CYS A 77 -21.52 -0.27 23.14
N GLY A 1 9.33 -28.51 6.17
CA GLY A 1 8.34 -28.37 5.12
C GLY A 1 8.30 -26.95 4.57
N SER A 2 7.70 -26.80 3.39
CA SER A 2 7.59 -25.49 2.75
C SER A 2 6.13 -25.07 2.62
N SER A 3 5.68 -24.21 3.54
CA SER A 3 4.30 -23.73 3.53
C SER A 3 4.27 -22.21 3.51
N GLY A 4 3.07 -21.66 3.39
CA GLY A 4 2.91 -20.22 3.37
C GLY A 4 1.81 -19.73 4.30
N SER A 5 2.17 -18.92 5.28
CA SER A 5 1.21 -18.39 6.23
C SER A 5 1.31 -16.87 6.32
N SER A 6 0.20 -16.23 6.70
CA SER A 6 0.17 -14.78 6.82
C SER A 6 -1.17 -14.32 7.38
N GLY A 7 -1.17 -13.13 7.97
CA GLY A 7 -2.39 -12.59 8.55
C GLY A 7 -2.52 -11.09 8.37
N MET A 8 -2.15 -10.34 9.41
CA MET A 8 -2.21 -8.89 9.37
C MET A 8 -1.61 -8.35 8.07
N ALA A 9 -2.47 -7.87 7.18
CA ALA A 9 -2.02 -7.34 5.90
C ALA A 9 -2.90 -6.17 5.46
N THR A 10 -2.29 -5.18 4.81
CA THR A 10 -3.01 -4.02 4.33
C THR A 10 -2.84 -3.84 2.83
N LYS A 11 -3.88 -3.31 2.17
CA LYS A 11 -3.85 -3.09 0.74
C LYS A 11 -4.25 -1.66 0.40
N ALA A 12 -3.73 -1.15 -0.70
CA ALA A 12 -4.03 0.21 -1.14
C ALA A 12 -4.17 0.28 -2.66
N ARG A 13 -5.17 1.02 -3.13
CA ARG A 13 -5.40 1.17 -4.56
C ARG A 13 -4.88 2.51 -5.06
N VAL A 14 -4.32 2.52 -6.26
CA VAL A 14 -3.79 3.74 -6.86
C VAL A 14 -4.85 4.46 -7.67
N MET A 15 -4.85 5.79 -7.59
CA MET A 15 -5.80 6.60 -8.32
C MET A 15 -5.17 7.21 -9.57
N TYR A 16 -3.95 7.74 -9.41
CA TYR A 16 -3.23 8.36 -10.51
C TYR A 16 -1.81 7.82 -10.61
N ASP A 17 -1.42 7.39 -11.81
CA ASP A 17 -0.08 6.86 -12.03
C ASP A 17 0.96 7.65 -11.24
N PHE A 18 1.81 6.93 -10.52
CA PHE A 18 2.85 7.56 -9.71
C PHE A 18 4.23 7.01 -10.06
N ALA A 19 4.82 7.55 -11.11
CA ALA A 19 6.14 7.10 -11.56
C ALA A 19 7.22 7.56 -10.59
N ALA A 20 7.57 6.71 -9.65
CA ALA A 20 8.60 7.03 -8.66
C ALA A 20 9.91 7.43 -9.34
N GLU A 21 10.61 8.37 -8.73
CA GLU A 21 11.89 8.85 -9.28
C GLU A 21 12.87 7.70 -9.45
N PRO A 22 13.74 7.81 -10.46
CA PRO A 22 14.75 6.79 -10.75
C PRO A 22 15.85 6.73 -9.69
N GLY A 23 16.00 7.82 -8.95
CA GLY A 23 17.00 7.88 -7.90
C GLY A 23 16.46 8.39 -6.59
N ASN A 24 15.29 7.87 -6.19
CA ASN A 24 14.66 8.28 -4.94
C ASN A 24 14.12 7.07 -4.19
N ASN A 25 13.78 7.29 -2.92
CA ASN A 25 13.25 6.23 -2.08
C ASN A 25 11.73 6.10 -2.24
N GLU A 26 11.28 6.04 -3.49
CA GLU A 26 9.85 5.94 -3.77
C GLU A 26 9.56 4.69 -4.62
N LEU A 27 8.42 4.07 -4.36
CA LEU A 27 8.02 2.87 -5.10
C LEU A 27 7.16 3.23 -6.30
N THR A 28 7.49 2.66 -7.46
CA THR A 28 6.74 2.92 -8.68
C THR A 28 5.41 2.17 -8.67
N VAL A 29 4.34 2.90 -9.00
CA VAL A 29 3.00 2.31 -9.03
C VAL A 29 2.17 2.91 -10.16
N THR A 30 1.02 2.29 -10.42
CA THR A 30 0.13 2.77 -11.47
C THR A 30 -1.34 2.69 -11.04
N GLU A 31 -2.18 3.49 -11.68
CA GLU A 31 -3.60 3.52 -11.35
C GLU A 31 -4.22 2.14 -11.57
N GLY A 32 -5.03 1.70 -10.59
CA GLY A 32 -5.68 0.41 -10.69
C GLY A 32 -4.83 -0.71 -10.14
N GLU A 33 -3.53 -0.45 -10.00
CA GLU A 33 -2.60 -1.44 -9.48
C GLU A 33 -2.62 -1.46 -7.96
N ILE A 34 -2.74 -2.66 -7.39
CA ILE A 34 -2.77 -2.81 -5.93
C ILE A 34 -1.40 -3.17 -5.39
N ILE A 35 -1.08 -2.64 -4.21
CA ILE A 35 0.21 -2.91 -3.57
C ILE A 35 0.03 -3.23 -2.10
N THR A 36 1.12 -3.67 -1.46
CA THR A 36 1.09 -3.99 -0.04
C THR A 36 1.58 -2.83 0.80
N VAL A 37 0.72 -2.36 1.71
CA VAL A 37 1.06 -1.25 2.59
C VAL A 37 1.74 -1.74 3.87
N THR A 38 2.97 -1.28 4.10
CA THR A 38 3.72 -1.67 5.28
C THR A 38 3.79 -0.53 6.29
N ASN A 39 3.98 0.68 5.79
CA ASN A 39 4.07 1.86 6.64
C ASN A 39 3.10 2.95 6.18
N PRO A 40 1.83 2.81 6.57
CA PRO A 40 0.78 3.77 6.19
C PRO A 40 0.95 5.11 6.90
N ASN A 41 1.77 5.13 7.95
CA ASN A 41 2.02 6.35 8.72
C ASN A 41 3.51 6.70 8.70
N VAL A 42 3.99 7.12 7.54
CA VAL A 42 5.40 7.49 7.39
C VAL A 42 5.74 8.67 8.28
N GLY A 43 5.13 9.82 8.00
CA GLY A 43 5.39 11.01 8.77
C GLY A 43 5.28 12.28 7.96
N GLY A 44 4.07 12.59 7.50
CA GLY A 44 3.86 13.77 6.70
C GLY A 44 2.89 13.55 5.56
N GLY A 45 1.92 12.66 5.78
CA GLY A 45 0.94 12.36 4.75
C GLY A 45 1.49 11.46 3.65
N TRP A 46 2.22 10.43 4.06
CA TRP A 46 2.81 9.50 3.10
C TRP A 46 2.70 8.06 3.60
N LEU A 47 2.91 7.11 2.71
CA LEU A 47 2.83 5.69 3.07
C LEU A 47 3.85 4.88 2.27
N GLU A 48 4.38 3.83 2.90
CA GLU A 48 5.38 2.98 2.26
C GLU A 48 4.74 1.67 1.80
N GLY A 49 5.25 1.13 0.69
CA GLY A 49 4.72 -0.12 0.17
C GLY A 49 5.76 -0.92 -0.58
N LYS A 50 5.50 -2.21 -0.76
CA LYS A 50 6.42 -3.10 -1.47
C LYS A 50 5.76 -3.71 -2.69
N ASN A 51 6.41 -3.58 -3.85
CA ASN A 51 5.88 -4.13 -5.09
C ASN A 51 6.26 -5.60 -5.25
N ASN A 52 5.61 -6.28 -6.18
CA ASN A 52 5.87 -7.69 -6.42
C ASN A 52 7.38 -7.94 -6.57
N LYS A 53 8.08 -6.97 -7.14
CA LYS A 53 9.52 -7.09 -7.34
C LYS A 53 10.24 -7.28 -6.02
N GLY A 54 9.70 -6.66 -4.96
CA GLY A 54 10.31 -6.78 -3.65
C GLY A 54 10.98 -5.49 -3.20
N GLU A 55 10.69 -4.41 -3.91
CA GLU A 55 11.27 -3.12 -3.58
C GLU A 55 10.29 -2.26 -2.78
N GLN A 56 10.79 -1.58 -1.76
CA GLN A 56 9.96 -0.73 -0.91
C GLN A 56 10.26 0.75 -1.17
N GLY A 57 9.24 1.59 -1.04
CA GLY A 57 9.42 3.01 -1.26
C GLY A 57 8.27 3.82 -0.69
N LEU A 58 8.46 5.14 -0.62
CA LEU A 58 7.44 6.03 -0.09
C LEU A 58 6.51 6.51 -1.20
N VAL A 59 5.22 6.60 -0.89
CA VAL A 59 4.23 7.05 -1.87
C VAL A 59 3.21 7.98 -1.23
N PRO A 60 2.84 9.04 -1.95
CA PRO A 60 1.87 10.03 -1.47
C PRO A 60 0.45 9.47 -1.40
N THR A 61 -0.14 9.52 -0.22
CA THR A 61 -1.50 9.02 -0.02
C THR A 61 -2.47 9.66 -0.99
N ASP A 62 -2.16 10.88 -1.42
CA ASP A 62 -3.01 11.61 -2.35
C ASP A 62 -3.13 10.86 -3.67
N TYR A 63 -2.10 10.10 -4.00
CA TYR A 63 -2.09 9.33 -5.25
C TYR A 63 -2.76 7.98 -5.05
N VAL A 64 -2.51 7.34 -3.91
CA VAL A 64 -3.09 6.05 -3.61
C VAL A 64 -3.88 6.10 -2.30
N GLU A 65 -5.12 5.61 -2.34
CA GLU A 65 -5.98 5.59 -1.17
C GLU A 65 -6.04 4.20 -0.55
N ILE A 66 -5.98 4.15 0.78
CA ILE A 66 -6.02 2.88 1.49
C ILE A 66 -7.45 2.39 1.66
N LEU A 67 -7.65 1.09 1.48
CA LEU A 67 -8.98 0.49 1.61
C LEU A 67 -9.21 -0.01 3.03
N PRO A 68 -10.48 0.05 3.47
CA PRO A 68 -10.86 -0.39 4.82
C PRO A 68 -10.77 -1.91 4.97
N ASN A 69 -11.13 -2.40 6.15
CA ASN A 69 -11.10 -3.83 6.42
C ASN A 69 -9.66 -4.34 6.50
N ASP A 70 -8.79 -3.55 7.12
CA ASP A 70 -7.39 -3.92 7.25
C ASP A 70 -6.99 -4.03 8.73
N GLY A 71 -7.06 -5.23 9.27
CA GLY A 71 -6.72 -5.44 10.66
C GLY A 71 -7.56 -4.61 11.60
N LYS A 72 -8.88 -4.76 11.51
CA LYS A 72 -9.80 -4.01 12.35
C LYS A 72 -10.41 -4.92 13.42
N ASP A 73 -10.96 -4.31 14.46
CA ASP A 73 -11.58 -5.05 15.54
C ASP A 73 -13.07 -4.73 15.65
N PRO A 74 -13.88 -5.38 14.79
CA PRO A 74 -15.33 -5.18 14.76
C PRO A 74 -16.02 -5.77 15.99
N PHE A 75 -17.23 -5.29 16.27
CA PHE A 75 -17.99 -5.75 17.42
C PHE A 75 -19.49 -5.68 17.15
N SER A 76 -20.20 -6.76 17.42
CA SER A 76 -21.64 -6.82 17.20
C SER A 76 -22.37 -7.26 18.46
N CYS A 77 -23.41 -6.53 18.82
CA CYS A 77 -24.19 -6.84 20.02
C CYS A 77 -24.87 -8.20 19.88
N GLY A 1 -14.75 -14.56 14.17
CA GLY A 1 -15.32 -15.70 14.86
C GLY A 1 -14.93 -17.03 14.22
N SER A 2 -15.68 -17.42 13.19
CA SER A 2 -15.41 -18.68 12.49
C SER A 2 -14.38 -18.47 11.39
N SER A 3 -14.31 -17.25 10.87
CA SER A 3 -13.38 -16.92 9.79
C SER A 3 -12.25 -16.03 10.32
N GLY A 4 -12.61 -15.05 11.14
CA GLY A 4 -11.63 -14.14 11.70
C GLY A 4 -11.87 -12.70 11.30
N SER A 5 -12.22 -11.87 12.29
CA SER A 5 -12.50 -10.46 12.03
C SER A 5 -11.27 -9.61 12.32
N SER A 6 -10.38 -9.52 11.33
CA SER A 6 -9.15 -8.74 11.48
C SER A 6 -8.44 -8.59 10.14
N GLY A 7 -7.31 -7.90 10.15
CA GLY A 7 -6.56 -7.69 8.92
C GLY A 7 -5.17 -7.15 9.20
N MET A 8 -4.33 -7.97 9.82
CA MET A 8 -2.96 -7.57 10.14
C MET A 8 -2.29 -6.94 8.92
N ALA A 9 -2.73 -7.34 7.73
CA ALA A 9 -2.17 -6.81 6.50
C ALA A 9 -2.83 -5.50 6.11
N THR A 10 -2.26 -4.82 5.12
CA THR A 10 -2.79 -3.54 4.66
C THR A 10 -2.52 -3.34 3.17
N LYS A 11 -3.48 -2.74 2.47
CA LYS A 11 -3.34 -2.47 1.05
C LYS A 11 -3.91 -1.10 0.68
N ALA A 12 -3.75 -0.72 -0.58
CA ALA A 12 -4.25 0.57 -1.05
C ALA A 12 -4.37 0.59 -2.57
N ARG A 13 -5.40 1.26 -3.07
CA ARG A 13 -5.62 1.35 -4.51
C ARG A 13 -5.16 2.71 -5.05
N VAL A 14 -4.41 2.66 -6.16
CA VAL A 14 -3.90 3.87 -6.77
C VAL A 14 -4.98 4.57 -7.59
N MET A 15 -4.98 5.91 -7.55
CA MET A 15 -5.97 6.69 -8.29
C MET A 15 -5.32 7.37 -9.50
N TYR A 16 -4.00 7.52 -9.46
CA TYR A 16 -3.27 8.15 -10.55
C TYR A 16 -1.86 7.58 -10.66
N ASP A 17 -1.45 7.25 -11.89
CA ASP A 17 -0.13 6.70 -12.13
C ASP A 17 0.95 7.55 -11.47
N PHE A 18 1.82 6.91 -10.71
CA PHE A 18 2.90 7.61 -10.02
C PHE A 18 4.26 7.04 -10.41
N ALA A 19 4.85 7.60 -11.46
CA ALA A 19 6.14 7.14 -11.94
C ALA A 19 7.27 7.69 -11.07
N ALA A 20 7.60 6.97 -10.00
CA ALA A 20 8.65 7.38 -9.08
C ALA A 20 9.84 7.96 -9.85
N GLU A 21 10.46 8.98 -9.27
CA GLU A 21 11.61 9.63 -9.90
C GLU A 21 12.83 8.71 -9.87
N PRO A 22 13.64 8.78 -10.94
CA PRO A 22 14.85 7.95 -11.06
C PRO A 22 15.94 8.39 -10.10
N GLY A 23 15.94 7.78 -8.91
CA GLY A 23 16.94 8.11 -7.91
C GLY A 23 16.34 8.77 -6.69
N ASN A 24 15.38 8.09 -6.07
CA ASN A 24 14.71 8.61 -4.88
C ASN A 24 13.99 7.49 -4.13
N ASN A 25 13.82 7.68 -2.82
CA ASN A 25 13.16 6.70 -1.98
C ASN A 25 11.67 6.65 -2.29
N GLU A 26 11.33 6.16 -3.48
CA GLU A 26 9.93 6.06 -3.90
C GLU A 26 9.72 4.86 -4.80
N LEU A 27 8.51 4.29 -4.75
CA LEU A 27 8.19 3.13 -5.58
C LEU A 27 7.28 3.53 -6.73
N THR A 28 7.55 2.97 -7.92
CA THR A 28 6.76 3.26 -9.10
C THR A 28 5.52 2.38 -9.16
N VAL A 29 4.37 3.00 -9.42
CA VAL A 29 3.11 2.28 -9.51
C VAL A 29 2.26 2.81 -10.66
N THR A 30 1.14 2.12 -10.93
CA THR A 30 0.25 2.52 -12.00
C THR A 30 -1.12 2.92 -11.45
N GLU A 31 -2.03 3.28 -12.35
CA GLU A 31 -3.37 3.68 -11.95
C GLU A 31 -4.33 2.49 -11.94
N GLY A 32 -4.56 1.93 -10.76
CA GLY A 32 -5.45 0.79 -10.63
C GLY A 32 -4.75 -0.43 -10.07
N GLU A 33 -3.43 -0.33 -9.91
CA GLU A 33 -2.64 -1.44 -9.37
C GLU A 33 -2.82 -1.53 -7.85
N ILE A 34 -2.86 -2.76 -7.34
CA ILE A 34 -3.02 -2.99 -5.92
C ILE A 34 -1.72 -3.50 -5.30
N ILE A 35 -1.14 -2.69 -4.40
CA ILE A 35 0.11 -3.06 -3.74
C ILE A 35 -0.13 -3.32 -2.26
N THR A 36 0.93 -3.75 -1.56
CA THR A 36 0.84 -4.03 -0.14
C THR A 36 1.44 -2.90 0.69
N VAL A 37 0.62 -2.33 1.58
CA VAL A 37 1.07 -1.24 2.43
C VAL A 37 1.67 -1.77 3.73
N THR A 38 2.89 -1.33 4.03
CA THR A 38 3.58 -1.76 5.24
C THR A 38 3.65 -0.62 6.26
N ASN A 39 3.83 0.60 5.77
CA ASN A 39 3.92 1.76 6.63
C ASN A 39 3.01 2.88 6.14
N PRO A 40 1.71 2.78 6.49
CA PRO A 40 0.71 3.77 6.09
C PRO A 40 0.90 5.10 6.81
N ASN A 41 1.68 5.09 7.88
CA ASN A 41 1.94 6.29 8.66
C ASN A 41 3.44 6.58 8.73
N VAL A 42 4.06 6.76 7.57
CA VAL A 42 5.49 7.06 7.50
C VAL A 42 5.88 8.12 8.50
N GLY A 43 5.40 9.34 8.28
CA GLY A 43 5.71 10.44 9.17
C GLY A 43 5.55 11.80 8.51
N GLY A 44 4.47 11.95 7.73
CA GLY A 44 4.23 13.21 7.04
C GLY A 44 3.16 13.09 5.98
N GLY A 45 2.19 12.20 6.21
CA GLY A 45 1.12 12.01 5.25
C GLY A 45 1.50 11.05 4.15
N TRP A 46 2.68 10.44 4.27
CA TRP A 46 3.16 9.50 3.26
C TRP A 46 3.04 8.07 3.76
N LEU A 47 3.05 7.12 2.83
CA LEU A 47 2.94 5.71 3.18
C LEU A 47 4.03 4.88 2.50
N GLU A 48 4.21 3.65 2.97
CA GLU A 48 5.23 2.77 2.39
C GLU A 48 4.60 1.47 1.90
N GLY A 49 5.01 1.02 0.72
CA GLY A 49 4.47 -0.21 0.16
C GLY A 49 5.54 -1.06 -0.50
N LYS A 50 5.25 -2.34 -0.68
CA LYS A 50 6.19 -3.26 -1.30
C LYS A 50 5.62 -3.82 -2.61
N ASN A 51 6.50 -4.09 -3.56
CA ASN A 51 6.09 -4.63 -4.85
C ASN A 51 6.52 -6.09 -4.99
N ASN A 52 6.09 -6.72 -6.08
CA ASN A 52 6.44 -8.11 -6.34
C ASN A 52 7.95 -8.31 -6.29
N LYS A 53 8.70 -7.27 -6.63
CA LYS A 53 10.15 -7.33 -6.62
C LYS A 53 10.71 -6.92 -5.25
N GLY A 54 9.97 -7.25 -4.20
CA GLY A 54 10.40 -6.92 -2.85
C GLY A 54 11.02 -5.54 -2.78
N GLU A 55 10.39 -4.57 -3.44
CA GLU A 55 10.89 -3.20 -3.45
C GLU A 55 10.00 -2.30 -2.60
N GLN A 56 10.60 -1.64 -1.61
CA GLN A 56 9.87 -0.74 -0.72
C GLN A 56 10.19 0.71 -1.03
N GLY A 57 9.16 1.52 -1.23
CA GLY A 57 9.36 2.92 -1.53
C GLY A 57 8.30 3.81 -0.90
N LEU A 58 8.60 5.09 -0.78
CA LEU A 58 7.66 6.05 -0.19
C LEU A 58 6.67 6.55 -1.24
N VAL A 59 5.39 6.48 -0.91
CA VAL A 59 4.33 6.92 -1.82
C VAL A 59 3.36 7.85 -1.13
N PRO A 60 2.95 8.92 -1.81
CA PRO A 60 2.01 9.90 -1.28
C PRO A 60 0.60 9.34 -1.13
N THR A 61 0.08 9.36 0.09
CA THR A 61 -1.25 8.85 0.36
C THR A 61 -2.31 9.63 -0.42
N ASP A 62 -1.90 10.74 -1.02
CA ASP A 62 -2.80 11.56 -1.80
C ASP A 62 -3.04 10.96 -3.19
N TYR A 63 -2.10 10.13 -3.64
CA TYR A 63 -2.21 9.50 -4.94
C TYR A 63 -2.97 8.18 -4.84
N VAL A 64 -2.80 7.48 -3.73
CA VAL A 64 -3.48 6.21 -3.50
C VAL A 64 -4.35 6.27 -2.25
N GLU A 65 -5.46 5.52 -2.28
CA GLU A 65 -6.37 5.49 -1.15
C GLU A 65 -6.37 4.11 -0.49
N ILE A 66 -6.27 4.09 0.84
CA ILE A 66 -6.26 2.85 1.58
C ILE A 66 -7.67 2.30 1.77
N LEU A 67 -7.83 1.00 1.51
CA LEU A 67 -9.13 0.36 1.64
C LEU A 67 -9.26 -0.30 3.01
N PRO A 68 -10.49 -0.28 3.55
CA PRO A 68 -10.79 -0.87 4.86
C PRO A 68 -10.72 -2.39 4.83
N ASN A 69 -10.28 -2.98 5.96
CA ASN A 69 -10.17 -4.43 6.06
C ASN A 69 -11.33 -5.01 6.86
N ASP A 70 -12.40 -5.38 6.14
CA ASP A 70 -13.58 -5.95 6.79
C ASP A 70 -14.49 -6.62 5.76
N GLY A 71 -15.21 -7.65 6.19
CA GLY A 71 -16.10 -8.36 5.29
C GLY A 71 -17.24 -9.04 6.03
N LYS A 72 -18.44 -8.50 5.89
CA LYS A 72 -19.62 -9.06 6.54
C LYS A 72 -19.92 -10.46 6.01
N ASP A 73 -19.63 -11.47 6.82
CA ASP A 73 -19.88 -12.86 6.43
C ASP A 73 -20.88 -13.52 7.38
N PRO A 74 -22.17 -13.25 7.15
CA PRO A 74 -23.25 -13.81 7.98
C PRO A 74 -23.43 -15.32 7.76
N PHE A 75 -23.21 -16.08 8.82
CA PHE A 75 -23.34 -17.53 8.75
C PHE A 75 -24.69 -17.98 9.30
N SER A 76 -25.42 -18.77 8.51
CA SER A 76 -26.73 -19.27 8.91
C SER A 76 -26.81 -20.78 8.73
N CYS A 77 -27.26 -21.47 9.77
CA CYS A 77 -27.39 -22.92 9.72
C CYS A 77 -28.32 -23.41 10.83
N GLY A 1 11.57 -17.90 -0.46
CA GLY A 1 10.28 -18.17 0.14
C GLY A 1 10.20 -17.72 1.59
N SER A 2 9.37 -16.71 1.84
CA SER A 2 9.22 -16.18 3.19
C SER A 2 7.77 -15.80 3.45
N SER A 3 7.34 -15.94 4.71
CA SER A 3 5.97 -15.62 5.10
C SER A 3 5.91 -15.22 6.57
N GLY A 4 4.79 -14.59 6.96
CA GLY A 4 4.63 -14.17 8.33
C GLY A 4 5.06 -12.74 8.56
N SER A 5 4.10 -11.88 8.93
CA SER A 5 4.39 -10.47 9.18
C SER A 5 3.62 -9.97 10.39
N SER A 6 4.35 -9.38 11.33
CA SER A 6 3.74 -8.85 12.55
C SER A 6 2.76 -7.73 12.23
N GLY A 7 1.58 -7.80 12.83
CA GLY A 7 0.57 -6.78 12.60
C GLY A 7 -0.53 -7.27 11.67
N MET A 8 -1.40 -6.35 11.26
CA MET A 8 -2.50 -6.69 10.36
C MET A 8 -2.12 -6.45 8.91
N ALA A 9 -2.97 -6.89 7.99
CA ALA A 9 -2.73 -6.73 6.56
C ALA A 9 -3.60 -5.62 5.98
N THR A 10 -2.97 -4.70 5.25
CA THR A 10 -3.70 -3.60 4.63
C THR A 10 -3.18 -3.31 3.22
N LYS A 11 -4.09 -3.02 2.31
CA LYS A 11 -3.73 -2.73 0.93
C LYS A 11 -4.29 -1.39 0.49
N ALA A 12 -3.74 -0.84 -0.60
CA ALA A 12 -4.19 0.44 -1.12
C ALA A 12 -4.36 0.39 -2.63
N ARG A 13 -5.22 1.26 -3.16
CA ARG A 13 -5.46 1.31 -4.60
C ARG A 13 -4.96 2.61 -5.19
N VAL A 14 -4.35 2.53 -6.37
CA VAL A 14 -3.82 3.71 -7.04
C VAL A 14 -4.91 4.43 -7.82
N MET A 15 -4.98 5.74 -7.65
CA MET A 15 -5.98 6.56 -8.35
C MET A 15 -5.34 7.35 -9.48
N TYR A 16 -4.02 7.44 -9.46
CA TYR A 16 -3.29 8.18 -10.49
C TYR A 16 -1.90 7.58 -10.71
N ASP A 17 -1.63 7.16 -11.94
CA ASP A 17 -0.34 6.56 -12.28
C ASP A 17 0.80 7.41 -11.73
N PHE A 18 1.58 6.82 -10.82
CA PHE A 18 2.71 7.51 -10.22
C PHE A 18 4.04 6.90 -10.68
N ALA A 19 4.96 7.77 -11.09
CA ALA A 19 6.27 7.31 -11.56
C ALA A 19 7.37 7.79 -10.62
N ALA A 20 7.80 6.91 -9.72
CA ALA A 20 8.85 7.25 -8.77
C ALA A 20 10.16 7.56 -9.49
N GLU A 21 10.81 8.65 -9.09
CA GLU A 21 12.07 9.06 -9.70
C GLU A 21 13.08 7.93 -9.66
N PRO A 22 13.98 7.88 -10.65
CA PRO A 22 15.02 6.86 -10.76
C PRO A 22 16.09 7.02 -9.68
N GLY A 23 16.25 5.98 -8.86
CA GLY A 23 17.25 6.02 -7.80
C GLY A 23 16.86 6.97 -6.68
N ASN A 24 15.69 6.72 -6.09
CA ASN A 24 15.21 7.56 -4.99
C ASN A 24 14.48 6.71 -3.95
N ASN A 25 14.01 7.36 -2.89
CA ASN A 25 13.30 6.68 -1.83
C ASN A 25 11.81 6.58 -2.13
N GLU A 26 11.48 6.51 -3.42
CA GLU A 26 10.08 6.41 -3.85
C GLU A 26 9.87 5.17 -4.71
N LEU A 27 8.67 4.62 -4.65
CA LEU A 27 8.33 3.44 -5.43
C LEU A 27 7.43 3.79 -6.61
N THR A 28 7.53 3.02 -7.69
CA THR A 28 6.74 3.26 -8.88
C THR A 28 5.46 2.42 -8.87
N VAL A 29 4.34 3.04 -9.21
CA VAL A 29 3.07 2.34 -9.24
C VAL A 29 2.19 2.85 -10.38
N THR A 30 1.13 2.11 -10.69
CA THR A 30 0.21 2.49 -11.75
C THR A 30 -1.23 2.54 -11.24
N GLU A 31 -2.09 3.23 -11.98
CA GLU A 31 -3.49 3.36 -11.61
C GLU A 31 -4.21 2.02 -11.72
N GLY A 32 -4.90 1.64 -10.64
CA GLY A 32 -5.62 0.39 -10.62
C GLY A 32 -4.81 -0.74 -10.01
N GLU A 33 -3.49 -0.55 -9.92
CA GLU A 33 -2.61 -1.56 -9.36
C GLU A 33 -2.73 -1.58 -7.84
N ILE A 34 -2.85 -2.78 -7.27
CA ILE A 34 -2.96 -2.95 -5.84
C ILE A 34 -1.65 -3.43 -5.23
N ILE A 35 -1.21 -2.76 -4.17
CA ILE A 35 0.03 -3.13 -3.49
C ILE A 35 -0.20 -3.38 -2.01
N THR A 36 0.85 -3.76 -1.30
CA THR A 36 0.77 -4.03 0.12
C THR A 36 1.33 -2.87 0.93
N VAL A 37 0.54 -2.39 1.90
CA VAL A 37 0.96 -1.28 2.75
C VAL A 37 1.71 -1.78 3.97
N THR A 38 2.94 -1.31 4.14
CA THR A 38 3.78 -1.71 5.26
C THR A 38 3.86 -0.59 6.30
N ASN A 39 4.03 0.64 5.82
CA ASN A 39 4.13 1.80 6.70
C ASN A 39 3.15 2.89 6.30
N PRO A 40 1.88 2.73 6.72
CA PRO A 40 0.83 3.69 6.40
C PRO A 40 1.01 5.01 7.14
N ASN A 41 1.86 5.01 8.15
CA ASN A 41 2.13 6.21 8.94
C ASN A 41 3.63 6.52 8.97
N VAL A 42 4.17 6.90 7.82
CA VAL A 42 5.59 7.22 7.72
C VAL A 42 5.98 8.33 8.70
N GLY A 43 5.43 9.51 8.49
CA GLY A 43 5.73 10.63 9.36
C GLY A 43 5.59 11.97 8.66
N GLY A 44 4.61 12.07 7.78
CA GLY A 44 4.40 13.31 7.04
C GLY A 44 3.30 13.20 6.01
N GLY A 45 2.33 12.34 6.28
CA GLY A 45 1.22 12.15 5.35
C GLY A 45 1.59 11.21 4.21
N TRP A 46 2.65 10.44 4.39
CA TRP A 46 3.09 9.50 3.36
C TRP A 46 2.98 8.07 3.85
N LEU A 47 3.08 7.12 2.93
CA LEU A 47 2.98 5.71 3.26
C LEU A 47 3.97 4.88 2.45
N GLU A 48 4.51 3.84 3.07
CA GLU A 48 5.48 2.97 2.40
C GLU A 48 4.82 1.66 1.97
N GLY A 49 5.20 1.18 0.79
CA GLY A 49 4.64 -0.06 0.28
C GLY A 49 5.64 -0.85 -0.54
N LYS A 50 5.39 -2.15 -0.66
CA LYS A 50 6.28 -3.02 -1.43
C LYS A 50 5.59 -3.54 -2.68
N ASN A 51 6.36 -3.72 -3.75
CA ASN A 51 5.83 -4.21 -5.01
C ASN A 51 6.20 -5.67 -5.23
N ASN A 52 5.61 -6.28 -6.26
CA ASN A 52 5.89 -7.67 -6.58
C ASN A 52 7.39 -7.96 -6.51
N LYS A 53 8.18 -7.13 -7.19
CA LYS A 53 9.62 -7.30 -7.20
C LYS A 53 10.17 -7.45 -5.78
N GLY A 54 9.56 -6.73 -4.84
CA GLY A 54 10.00 -6.81 -3.46
C GLY A 54 10.69 -5.53 -2.99
N GLU A 55 10.56 -4.48 -3.80
CA GLU A 55 11.17 -3.20 -3.46
C GLU A 55 10.22 -2.33 -2.66
N GLN A 56 10.78 -1.56 -1.72
CA GLN A 56 9.97 -0.68 -0.88
C GLN A 56 10.30 0.78 -1.15
N GLY A 57 9.29 1.64 -1.06
CA GLY A 57 9.50 3.06 -1.30
C GLY A 57 8.38 3.92 -0.72
N LEU A 58 8.63 5.21 -0.61
CA LEU A 58 7.64 6.14 -0.07
C LEU A 58 6.66 6.58 -1.15
N VAL A 59 5.37 6.48 -0.85
CA VAL A 59 4.33 6.88 -1.80
C VAL A 59 3.33 7.83 -1.16
N PRO A 60 2.92 8.86 -1.90
CA PRO A 60 1.96 9.85 -1.42
C PRO A 60 0.56 9.28 -1.27
N THR A 61 -0.06 9.53 -0.12
CA THR A 61 -1.40 9.03 0.14
C THR A 61 -2.44 9.76 -0.70
N ASP A 62 -2.02 10.86 -1.30
CA ASP A 62 -2.92 11.65 -2.15
C ASP A 62 -3.15 10.96 -3.49
N TYR A 63 -2.18 10.17 -3.92
CA TYR A 63 -2.27 9.46 -5.19
C TYR A 63 -2.97 8.11 -5.01
N VAL A 64 -2.69 7.46 -3.88
CA VAL A 64 -3.29 6.17 -3.58
C VAL A 64 -4.20 6.26 -2.36
N GLU A 65 -5.29 5.48 -2.38
CA GLU A 65 -6.24 5.48 -1.28
C GLU A 65 -6.35 4.09 -0.67
N ILE A 66 -6.06 3.99 0.63
CA ILE A 66 -6.12 2.71 1.32
C ILE A 66 -7.56 2.20 1.40
N LEU A 67 -7.73 0.90 1.13
CA LEU A 67 -9.05 0.30 1.16
C LEU A 67 -9.35 -0.30 2.53
N PRO A 68 -10.61 -0.24 2.96
CA PRO A 68 -11.05 -0.77 4.25
C PRO A 68 -11.01 -2.29 4.29
N ASN A 69 -10.67 -2.90 3.17
CA ASN A 69 -10.60 -4.36 3.08
C ASN A 69 -10.02 -4.95 4.37
N ASP A 70 -10.44 -6.17 4.68
CA ASP A 70 -9.97 -6.85 5.88
C ASP A 70 -9.95 -8.37 5.67
N GLY A 71 -8.86 -9.00 6.09
CA GLY A 71 -8.74 -10.44 5.95
C GLY A 71 -8.25 -11.11 7.22
N LYS A 72 -6.97 -10.98 7.50
CA LYS A 72 -6.38 -11.58 8.69
C LYS A 72 -7.08 -11.10 9.95
N ASP A 73 -6.91 -11.83 11.04
CA ASP A 73 -7.53 -11.48 12.31
C ASP A 73 -6.48 -11.04 13.33
N PRO A 74 -6.84 -10.07 14.17
CA PRO A 74 -5.95 -9.54 15.20
C PRO A 74 -5.68 -10.55 16.31
N PHE A 75 -6.70 -11.35 16.63
CA PHE A 75 -6.58 -12.36 17.68
C PHE A 75 -6.00 -13.65 17.12
N SER A 76 -5.31 -14.40 17.97
CA SER A 76 -4.69 -15.66 17.57
C SER A 76 -5.38 -16.84 18.26
N CYS A 77 -5.16 -18.04 17.73
CA CYS A 77 -5.75 -19.25 18.29
C CYS A 77 -5.84 -19.15 19.81
N GLY A 1 -1.93 -18.94 -8.82
CA GLY A 1 -1.20 -19.34 -7.63
C GLY A 1 -1.92 -18.94 -6.35
N SER A 2 -1.32 -19.29 -5.22
CA SER A 2 -1.90 -18.97 -3.92
C SER A 2 -1.48 -17.58 -3.45
N SER A 3 -2.45 -16.71 -3.24
CA SER A 3 -2.18 -15.35 -2.80
C SER A 3 -2.82 -15.07 -1.45
N GLY A 4 -2.27 -14.10 -0.72
CA GLY A 4 -2.81 -13.75 0.58
C GLY A 4 -2.13 -14.51 1.71
N SER A 5 -0.86 -14.18 1.95
CA SER A 5 -0.10 -14.83 3.01
C SER A 5 -0.93 -14.96 4.29
N SER A 6 -0.59 -15.94 5.11
CA SER A 6 -1.30 -16.18 6.36
C SER A 6 -1.31 -14.92 7.22
N GLY A 7 -2.45 -14.66 7.87
CA GLY A 7 -2.56 -13.49 8.71
C GLY A 7 -3.39 -12.38 8.07
N MET A 8 -2.77 -11.21 7.91
CA MET A 8 -3.46 -10.08 7.30
C MET A 8 -2.46 -9.12 6.66
N ALA A 9 -2.90 -8.42 5.62
CA ALA A 9 -2.05 -7.47 4.92
C ALA A 9 -2.88 -6.36 4.26
N THR A 10 -2.73 -5.15 4.76
CA THR A 10 -3.46 -4.01 4.23
C THR A 10 -3.20 -3.84 2.73
N LYS A 11 -4.19 -3.31 2.02
CA LYS A 11 -4.06 -3.09 0.58
C LYS A 11 -4.60 -1.71 0.19
N ALA A 12 -3.91 -1.06 -0.74
CA ALA A 12 -4.32 0.26 -1.21
C ALA A 12 -4.42 0.29 -2.73
N ARG A 13 -5.42 1.00 -3.24
CA ARG A 13 -5.62 1.13 -4.67
C ARG A 13 -5.09 2.45 -5.19
N VAL A 14 -4.41 2.41 -6.33
CA VAL A 14 -3.84 3.61 -6.93
C VAL A 14 -4.90 4.39 -7.69
N MET A 15 -4.97 5.69 -7.43
CA MET A 15 -5.94 6.56 -8.09
C MET A 15 -5.32 7.25 -9.30
N TYR A 16 -4.03 7.56 -9.20
CA TYR A 16 -3.33 8.23 -10.28
C TYR A 16 -1.93 7.63 -10.48
N ASP A 17 -1.60 7.31 -11.72
CA ASP A 17 -0.30 6.73 -12.04
C ASP A 17 0.83 7.55 -11.42
N PHE A 18 1.80 6.87 -10.82
CA PHE A 18 2.92 7.53 -10.18
C PHE A 18 4.23 6.84 -10.55
N ALA A 19 5.16 7.61 -11.11
CA ALA A 19 6.46 7.08 -11.51
C ALA A 19 7.56 7.58 -10.57
N ALA A 20 7.87 6.78 -9.56
CA ALA A 20 8.92 7.13 -8.60
C ALA A 20 10.05 7.89 -9.28
N GLU A 21 10.36 9.07 -8.75
CA GLU A 21 11.43 9.90 -9.30
C GLU A 21 12.62 9.05 -9.70
N PRO A 22 13.38 9.52 -10.70
CA PRO A 22 14.56 8.82 -11.21
C PRO A 22 15.71 8.83 -10.20
N GLY A 23 16.07 7.66 -9.70
CA GLY A 23 17.16 7.57 -8.74
C GLY A 23 16.81 8.23 -7.41
N ASN A 24 15.61 7.97 -6.92
CA ASN A 24 15.17 8.55 -5.65
C ASN A 24 14.52 7.49 -4.77
N ASN A 25 14.46 7.76 -3.47
CA ASN A 25 13.86 6.83 -2.52
C ASN A 25 12.35 6.81 -2.65
N GLU A 26 11.86 6.26 -3.76
CA GLU A 26 10.44 6.17 -4.02
C GLU A 26 10.09 4.89 -4.76
N LEU A 27 8.81 4.54 -4.75
CA LEU A 27 8.34 3.32 -5.43
C LEU A 27 7.52 3.67 -6.67
N THR A 28 7.69 2.87 -7.72
CA THR A 28 6.96 3.10 -8.97
C THR A 28 5.68 2.27 -9.01
N VAL A 29 4.55 2.94 -9.23
CA VAL A 29 3.26 2.26 -9.29
C VAL A 29 2.42 2.80 -10.44
N THR A 30 1.20 2.28 -10.57
CA THR A 30 0.30 2.72 -11.62
C THR A 30 -1.16 2.66 -11.17
N GLU A 31 -2.05 3.16 -12.01
CA GLU A 31 -3.48 3.16 -11.68
C GLU A 31 -4.06 1.76 -11.81
N GLY A 32 -4.84 1.36 -10.79
CA GLY A 32 -5.45 0.05 -10.80
C GLY A 32 -4.55 -1.01 -10.19
N GLU A 33 -3.26 -0.72 -10.10
CA GLU A 33 -2.30 -1.65 -9.53
C GLU A 33 -2.42 -1.68 -8.00
N ILE A 34 -2.39 -2.88 -7.44
CA ILE A 34 -2.49 -3.04 -5.99
C ILE A 34 -1.12 -3.30 -5.37
N ILE A 35 -0.89 -2.75 -4.19
CA ILE A 35 0.37 -2.91 -3.49
C ILE A 35 0.15 -3.21 -2.01
N THR A 36 1.21 -3.63 -1.33
CA THR A 36 1.13 -3.94 0.09
C THR A 36 1.56 -2.75 0.94
N VAL A 37 0.67 -2.30 1.82
CA VAL A 37 0.95 -1.17 2.69
C VAL A 37 1.60 -1.63 3.99
N THR A 38 2.86 -1.27 4.17
CA THR A 38 3.60 -1.65 5.37
C THR A 38 3.67 -0.48 6.36
N ASN A 39 4.06 0.68 5.87
CA ASN A 39 4.16 1.87 6.70
C ASN A 39 3.10 2.90 6.33
N PRO A 40 1.87 2.69 6.84
CA PRO A 40 0.74 3.59 6.57
C PRO A 40 0.90 4.94 7.25
N ASN A 41 1.81 5.00 8.22
CA ASN A 41 2.06 6.24 8.95
C ASN A 41 3.54 6.60 8.94
N VAL A 42 3.94 7.39 7.94
CA VAL A 42 5.33 7.81 7.81
C VAL A 42 5.55 9.18 8.43
N GLY A 43 4.73 10.15 8.04
CA GLY A 43 4.86 11.49 8.57
C GLY A 43 4.64 12.55 7.52
N GLY A 44 3.59 13.36 7.69
CA GLY A 44 3.30 14.41 6.74
C GLY A 44 2.18 14.03 5.80
N GLY A 45 2.24 12.81 5.26
CA GLY A 45 1.22 12.36 4.34
C GLY A 45 1.75 11.36 3.33
N TRP A 46 2.65 10.49 3.78
CA TRP A 46 3.24 9.48 2.91
C TRP A 46 3.16 8.10 3.54
N LEU A 47 3.21 7.06 2.71
CA LEU A 47 3.14 5.69 3.18
C LEU A 47 4.20 4.82 2.50
N GLU A 48 4.65 3.79 3.19
CA GLU A 48 5.66 2.88 2.65
C GLU A 48 5.02 1.56 2.22
N GLY A 49 5.24 1.20 0.96
CA GLY A 49 4.68 -0.03 0.44
C GLY A 49 5.68 -0.83 -0.37
N LYS A 50 5.40 -2.11 -0.57
CA LYS A 50 6.29 -2.98 -1.33
C LYS A 50 5.54 -3.63 -2.50
N ASN A 51 6.14 -3.56 -3.69
CA ASN A 51 5.54 -4.14 -4.89
C ASN A 51 5.84 -5.63 -4.98
N ASN A 52 5.25 -6.28 -5.98
CA ASN A 52 5.46 -7.72 -6.18
C ASN A 52 6.95 -8.04 -6.27
N LYS A 53 7.67 -7.29 -7.09
CA LYS A 53 9.10 -7.49 -7.27
C LYS A 53 9.82 -7.52 -5.91
N GLY A 54 9.21 -6.87 -4.91
CA GLY A 54 9.81 -6.84 -3.60
C GLY A 54 10.51 -5.53 -3.31
N GLU A 55 10.25 -4.52 -4.14
CA GLU A 55 10.87 -3.21 -3.97
C GLU A 55 9.99 -2.30 -3.13
N GLN A 56 10.60 -1.69 -2.12
CA GLN A 56 9.87 -0.78 -1.22
C GLN A 56 10.29 0.66 -1.46
N GLY A 57 9.38 1.59 -1.17
CA GLY A 57 9.67 3.00 -1.36
C GLY A 57 8.60 3.90 -0.78
N LEU A 58 8.83 5.20 -0.81
CA LEU A 58 7.88 6.16 -0.28
C LEU A 58 6.84 6.56 -1.33
N VAL A 59 5.59 6.62 -0.92
CA VAL A 59 4.50 6.98 -1.83
C VAL A 59 3.50 7.90 -1.15
N PRO A 60 3.02 8.92 -1.89
CA PRO A 60 2.04 9.88 -1.36
C PRO A 60 0.66 9.26 -1.18
N THR A 61 0.03 9.58 -0.05
CA THR A 61 -1.29 9.05 0.26
C THR A 61 -2.37 9.77 -0.54
N ASP A 62 -1.98 10.83 -1.24
CA ASP A 62 -2.91 11.60 -2.06
C ASP A 62 -3.13 10.94 -3.41
N TYR A 63 -2.13 10.18 -3.86
CA TYR A 63 -2.21 9.49 -5.15
C TYR A 63 -2.98 8.19 -5.02
N VAL A 64 -2.94 7.59 -3.83
CA VAL A 64 -3.63 6.33 -3.57
C VAL A 64 -4.59 6.46 -2.40
N GLU A 65 -5.46 5.48 -2.23
CA GLU A 65 -6.42 5.48 -1.14
C GLU A 65 -6.53 4.10 -0.50
N ILE A 66 -6.24 4.03 0.79
CA ILE A 66 -6.30 2.76 1.52
C ILE A 66 -7.73 2.23 1.57
N LEU A 67 -7.88 0.94 1.28
CA LEU A 67 -9.18 0.31 1.29
C LEU A 67 -9.45 -0.37 2.63
N PRO A 68 -10.73 -0.35 3.06
CA PRO A 68 -11.15 -0.96 4.32
C PRO A 68 -11.07 -2.48 4.29
N ASN A 69 -11.43 -3.11 5.41
CA ASN A 69 -11.40 -4.57 5.51
C ASN A 69 -12.75 -5.10 5.95
N ASP A 70 -13.06 -6.34 5.56
CA ASP A 70 -14.32 -6.97 5.92
C ASP A 70 -15.50 -6.23 5.30
N GLY A 71 -15.32 -5.78 4.06
CA GLY A 71 -16.38 -5.06 3.37
C GLY A 71 -16.92 -5.82 2.19
N LYS A 72 -17.90 -5.22 1.50
CA LYS A 72 -18.52 -5.86 0.35
C LYS A 72 -18.76 -4.85 -0.77
N ASP A 73 -18.62 -5.30 -2.01
CA ASP A 73 -18.82 -4.43 -3.17
C ASP A 73 -19.41 -5.21 -4.33
N PRO A 74 -20.29 -4.55 -5.10
CA PRO A 74 -20.95 -5.16 -6.26
C PRO A 74 -19.97 -5.41 -7.41
N PHE A 75 -19.47 -6.63 -7.51
CA PHE A 75 -18.53 -6.99 -8.56
C PHE A 75 -19.17 -6.83 -9.94
N SER A 76 -18.41 -6.26 -10.87
CA SER A 76 -18.90 -6.04 -12.23
C SER A 76 -17.76 -5.68 -13.17
N CYS A 77 -17.46 -6.58 -14.10
CA CYS A 77 -16.39 -6.37 -15.07
C CYS A 77 -16.82 -5.40 -16.16
N GLY A 1 4.92 -25.45 10.12
CA GLY A 1 3.91 -25.53 9.09
C GLY A 1 3.17 -24.22 8.90
N SER A 2 3.77 -23.30 8.15
CA SER A 2 3.16 -22.00 7.90
C SER A 2 1.73 -22.16 7.41
N SER A 3 0.94 -21.11 7.58
CA SER A 3 -0.46 -21.13 7.15
C SER A 3 -0.71 -20.08 6.07
N GLY A 4 -1.28 -20.51 4.95
CA GLY A 4 -1.56 -19.60 3.85
C GLY A 4 -0.31 -19.18 3.11
N SER A 5 -0.41 -19.11 1.78
CA SER A 5 0.74 -18.73 0.96
C SER A 5 0.78 -17.21 0.77
N SER A 6 -0.32 -16.65 0.29
CA SER A 6 -0.41 -15.21 0.06
C SER A 6 -0.39 -14.45 1.38
N GLY A 7 -1.31 -14.79 2.27
CA GLY A 7 -1.38 -14.12 3.57
C GLY A 7 -2.30 -12.92 3.55
N MET A 8 -2.45 -12.28 4.71
CA MET A 8 -3.31 -11.11 4.82
C MET A 8 -2.49 -9.87 5.16
N ALA A 9 -2.71 -8.80 4.40
CA ALA A 9 -2.00 -7.54 4.62
C ALA A 9 -2.77 -6.37 4.03
N THR A 10 -2.51 -5.17 4.56
CA THR A 10 -3.18 -3.97 4.09
C THR A 10 -2.86 -3.70 2.63
N LYS A 11 -3.88 -3.25 1.89
CA LYS A 11 -3.70 -2.95 0.47
C LYS A 11 -4.29 -1.59 0.13
N ALA A 12 -3.67 -0.89 -0.82
CA ALA A 12 -4.13 0.41 -1.24
C ALA A 12 -4.37 0.46 -2.76
N ARG A 13 -5.35 1.25 -3.17
CA ARG A 13 -5.67 1.38 -4.59
C ARG A 13 -5.10 2.69 -5.16
N VAL A 14 -4.56 2.61 -6.37
CA VAL A 14 -3.98 3.78 -7.02
C VAL A 14 -5.05 4.58 -7.74
N MET A 15 -5.02 5.90 -7.57
CA MET A 15 -5.98 6.78 -8.21
C MET A 15 -5.39 7.42 -9.47
N TYR A 16 -4.09 7.66 -9.44
CA TYR A 16 -3.40 8.27 -10.57
C TYR A 16 -2.02 7.65 -10.77
N ASP A 17 -1.72 7.27 -12.00
CA ASP A 17 -0.43 6.67 -12.32
C ASP A 17 0.71 7.51 -11.76
N PHE A 18 1.44 6.95 -10.79
CA PHE A 18 2.55 7.64 -10.17
C PHE A 18 3.89 7.03 -10.60
N ALA A 19 4.84 7.89 -10.98
CA ALA A 19 6.14 7.42 -11.41
C ALA A 19 7.23 7.86 -10.43
N ALA A 20 7.96 6.90 -9.88
CA ALA A 20 9.03 7.20 -8.93
C ALA A 20 10.36 7.38 -9.65
N GLU A 21 11.26 8.13 -9.02
CA GLU A 21 12.58 8.38 -9.60
C GLU A 21 13.50 7.17 -9.41
N PRO A 22 14.37 6.94 -10.41
CA PRO A 22 15.31 5.82 -10.39
C PRO A 22 16.41 6.01 -9.35
N GLY A 23 16.76 7.27 -9.09
CA GLY A 23 17.79 7.56 -8.11
C GLY A 23 17.23 8.14 -6.83
N ASN A 24 16.19 7.50 -6.30
CA ASN A 24 15.56 7.96 -5.07
C ASN A 24 14.79 6.83 -4.40
N ASN A 25 14.56 6.96 -3.10
CA ASN A 25 13.83 5.94 -2.34
C ASN A 25 12.33 6.08 -2.55
N GLU A 26 11.86 5.70 -3.74
CA GLU A 26 10.45 5.78 -4.07
C GLU A 26 10.03 4.62 -4.98
N LEU A 27 8.84 4.10 -4.74
CA LEU A 27 8.32 2.99 -5.53
C LEU A 27 7.42 3.49 -6.65
N THR A 28 7.39 2.75 -7.76
CA THR A 28 6.56 3.12 -8.90
C THR A 28 5.27 2.34 -8.92
N VAL A 29 4.16 3.04 -9.12
CA VAL A 29 2.84 2.41 -9.17
C VAL A 29 2.00 2.96 -10.31
N THR A 30 0.91 2.26 -10.62
CA THR A 30 0.02 2.68 -11.70
C THR A 30 -1.44 2.66 -11.25
N GLU A 31 -2.28 3.42 -11.94
CA GLU A 31 -3.69 3.49 -11.61
C GLU A 31 -4.35 2.11 -11.71
N GLY A 32 -4.92 1.65 -10.60
CA GLY A 32 -5.57 0.36 -10.59
C GLY A 32 -4.69 -0.72 -10.00
N GLU A 33 -3.38 -0.45 -9.91
CA GLU A 33 -2.44 -1.42 -9.36
C GLU A 33 -2.56 -1.49 -7.85
N ILE A 34 -2.69 -2.70 -7.33
CA ILE A 34 -2.80 -2.91 -5.89
C ILE A 34 -1.48 -3.35 -5.28
N ILE A 35 -0.96 -2.55 -4.36
CA ILE A 35 0.30 -2.86 -3.70
C ILE A 35 0.09 -3.19 -2.24
N THR A 36 1.15 -3.68 -1.58
CA THR A 36 1.07 -4.05 -0.17
C THR A 36 1.57 -2.90 0.71
N VAL A 37 0.72 -2.46 1.63
CA VAL A 37 1.08 -1.37 2.54
C VAL A 37 1.77 -1.90 3.78
N THR A 38 2.91 -1.33 4.11
CA THR A 38 3.68 -1.73 5.28
C THR A 38 3.78 -0.60 6.29
N ASN A 39 3.86 0.62 5.80
CA ASN A 39 3.97 1.80 6.66
C ASN A 39 2.96 2.87 6.25
N PRO A 40 1.71 2.70 6.69
CA PRO A 40 0.63 3.65 6.38
C PRO A 40 0.80 4.98 7.10
N ASN A 41 1.66 4.99 8.11
CA ASN A 41 1.92 6.21 8.88
C ASN A 41 3.41 6.52 8.91
N VAL A 42 3.92 7.08 7.81
CA VAL A 42 5.33 7.44 7.72
C VAL A 42 5.66 8.64 8.59
N GLY A 43 5.00 9.76 8.31
CA GLY A 43 5.23 10.97 9.07
C GLY A 43 4.75 12.21 8.35
N GLY A 44 5.27 12.45 7.15
CA GLY A 44 4.88 13.61 6.38
C GLY A 44 3.59 13.40 5.62
N GLY A 45 2.76 12.48 6.13
CA GLY A 45 1.49 12.20 5.48
C GLY A 45 1.64 11.27 4.29
N TRP A 46 2.69 10.46 4.31
CA TRP A 46 2.95 9.51 3.23
C TRP A 46 2.76 8.08 3.70
N LEU A 47 3.05 7.12 2.83
CA LEU A 47 2.91 5.70 3.16
C LEU A 47 3.94 4.87 2.40
N GLU A 48 4.42 3.82 3.05
CA GLU A 48 5.42 2.93 2.43
C GLU A 48 4.76 1.65 1.94
N GLY A 49 5.18 1.20 0.75
CA GLY A 49 4.62 -0.01 0.18
C GLY A 49 5.65 -0.81 -0.59
N LYS A 50 5.44 -2.12 -0.66
CA LYS A 50 6.36 -3.01 -1.37
C LYS A 50 5.70 -3.60 -2.61
N ASN A 51 6.45 -3.67 -3.71
CA ASN A 51 5.93 -4.22 -4.95
C ASN A 51 6.34 -5.68 -5.12
N ASN A 52 5.80 -6.33 -6.14
CA ASN A 52 6.10 -7.73 -6.41
C ASN A 52 7.58 -8.01 -6.22
N LYS A 53 8.42 -7.27 -6.95
CA LYS A 53 9.87 -7.44 -6.87
C LYS A 53 10.32 -7.47 -5.41
N GLY A 54 9.62 -6.73 -4.57
CA GLY A 54 9.97 -6.68 -3.16
C GLY A 54 10.59 -5.36 -2.76
N GLU A 55 10.71 -4.45 -3.72
CA GLU A 55 11.29 -3.14 -3.45
C GLU A 55 10.32 -2.26 -2.69
N GLN A 56 10.85 -1.45 -1.77
CA GLN A 56 10.05 -0.55 -0.97
C GLN A 56 10.36 0.91 -1.27
N GLY A 57 9.32 1.73 -1.30
CA GLY A 57 9.52 3.14 -1.58
C GLY A 57 8.43 4.01 -1.00
N LEU A 58 8.69 5.31 -0.90
CA LEU A 58 7.71 6.25 -0.34
C LEU A 58 6.69 6.65 -1.40
N VAL A 59 5.44 6.84 -0.96
CA VAL A 59 4.37 7.23 -1.87
C VAL A 59 3.34 8.10 -1.16
N PRO A 60 2.87 9.15 -1.85
CA PRO A 60 1.87 10.06 -1.31
C PRO A 60 0.50 9.43 -1.16
N THR A 61 -0.10 9.59 0.01
CA THR A 61 -1.41 9.02 0.29
C THR A 61 -2.48 9.65 -0.61
N ASP A 62 -2.18 10.82 -1.15
CA ASP A 62 -3.12 11.51 -2.02
C ASP A 62 -3.28 10.77 -3.34
N TYR A 63 -2.26 10.02 -3.73
CA TYR A 63 -2.30 9.26 -4.97
C TYR A 63 -2.96 7.90 -4.75
N VAL A 64 -2.72 7.30 -3.59
CA VAL A 64 -3.30 6.01 -3.26
C VAL A 64 -4.14 6.09 -2.00
N GLU A 65 -5.37 5.60 -2.08
CA GLU A 65 -6.29 5.61 -0.94
C GLU A 65 -6.48 4.21 -0.38
N ILE A 66 -5.91 3.96 0.79
CA ILE A 66 -6.03 2.65 1.44
C ILE A 66 -7.49 2.24 1.57
N LEU A 67 -7.76 0.97 1.29
CA LEU A 67 -9.12 0.44 1.39
C LEU A 67 -9.35 -0.23 2.74
N PRO A 68 -10.58 -0.09 3.26
CA PRO A 68 -10.96 -0.67 4.55
C PRO A 68 -11.04 -2.20 4.50
N ASN A 69 -11.38 -2.81 5.62
CA ASN A 69 -11.50 -4.27 5.70
C ASN A 69 -12.84 -4.67 6.29
N ASP A 70 -13.23 -5.92 6.06
CA ASP A 70 -14.50 -6.43 6.57
C ASP A 70 -14.47 -6.54 8.10
N GLY A 71 -15.27 -5.72 8.76
CA GLY A 71 -15.31 -5.74 10.21
C GLY A 71 -16.72 -5.58 10.74
N LYS A 72 -17.16 -6.53 11.56
CA LYS A 72 -18.49 -6.48 12.14
C LYS A 72 -18.48 -7.01 13.58
N ASP A 73 -19.20 -6.34 14.46
CA ASP A 73 -19.27 -6.73 15.86
C ASP A 73 -20.68 -7.17 16.23
N PRO A 74 -20.78 -8.20 17.09
CA PRO A 74 -22.07 -8.74 17.53
C PRO A 74 -22.81 -7.77 18.45
N PHE A 75 -23.94 -8.22 18.99
CA PHE A 75 -24.75 -7.40 19.89
C PHE A 75 -24.94 -8.09 21.23
N SER A 76 -23.92 -8.83 21.65
CA SER A 76 -23.98 -9.54 22.92
C SER A 76 -23.44 -8.68 24.07
N CYS A 77 -23.49 -9.21 25.28
CA CYS A 77 -23.00 -8.49 26.45
C CYS A 77 -21.51 -8.73 26.66
N GLY A 1 9.40 -23.12 9.26
CA GLY A 1 8.85 -22.59 10.50
C GLY A 1 8.81 -21.07 10.52
N SER A 2 7.61 -20.52 10.64
CA SER A 2 7.44 -19.07 10.68
C SER A 2 8.24 -18.40 9.57
N SER A 3 8.21 -19.01 8.38
CA SER A 3 8.94 -18.48 7.23
C SER A 3 7.98 -18.01 6.15
N GLY A 4 7.59 -16.73 6.23
CA GLY A 4 6.67 -16.18 5.26
C GLY A 4 5.34 -16.90 5.24
N SER A 5 4.27 -16.18 5.57
CA SER A 5 2.94 -16.76 5.59
C SER A 5 1.91 -15.75 5.09
N SER A 6 0.75 -16.26 4.67
CA SER A 6 -0.32 -15.41 4.16
C SER A 6 -1.52 -15.43 5.10
N GLY A 7 -2.29 -14.34 5.11
CA GLY A 7 -3.45 -14.25 5.96
C GLY A 7 -4.09 -12.88 5.94
N MET A 8 -3.60 -11.98 6.78
CA MET A 8 -4.13 -10.63 6.85
C MET A 8 -3.09 -9.61 6.43
N ALA A 9 -3.43 -8.79 5.44
CA ALA A 9 -2.51 -7.76 4.94
C ALA A 9 -3.27 -6.55 4.45
N THR A 10 -2.64 -5.38 4.54
CA THR A 10 -3.26 -4.13 4.09
C THR A 10 -3.06 -3.93 2.60
N LYS A 11 -4.08 -3.36 1.94
CA LYS A 11 -4.02 -3.10 0.50
C LYS A 11 -4.45 -1.67 0.19
N ALA A 12 -3.82 -1.08 -0.81
CA ALA A 12 -4.14 0.28 -1.21
C ALA A 12 -4.36 0.37 -2.71
N ARG A 13 -5.31 1.21 -3.12
CA ARG A 13 -5.64 1.39 -4.52
C ARG A 13 -5.09 2.72 -5.05
N VAL A 14 -4.49 2.68 -6.24
CA VAL A 14 -3.93 3.88 -6.84
C VAL A 14 -4.95 4.57 -7.73
N MET A 15 -4.92 5.90 -7.73
CA MET A 15 -5.84 6.69 -8.53
C MET A 15 -5.12 7.32 -9.72
N TYR A 16 -3.87 7.68 -9.52
CA TYR A 16 -3.07 8.29 -10.58
C TYR A 16 -1.67 7.68 -10.65
N ASP A 17 -1.24 7.33 -11.85
CA ASP A 17 0.06 6.73 -12.05
C ASP A 17 1.16 7.62 -11.48
N PHE A 18 1.81 7.15 -10.42
CA PHE A 18 2.88 7.91 -9.78
C PHE A 18 4.25 7.40 -10.23
N ALA A 19 4.70 7.87 -11.39
CA ALA A 19 5.99 7.47 -11.94
C ALA A 19 7.13 7.93 -11.03
N ALA A 20 7.42 7.15 -10.00
CA ALA A 20 8.49 7.48 -9.07
C ALA A 20 9.74 7.94 -9.81
N GLU A 21 10.42 8.94 -9.24
CA GLU A 21 11.63 9.47 -9.85
C GLU A 21 12.70 8.39 -9.99
N PRO A 22 13.46 8.46 -11.08
CA PRO A 22 14.53 7.49 -11.37
C PRO A 22 15.71 7.63 -10.40
N GLY A 23 15.90 6.62 -9.56
CA GLY A 23 16.99 6.65 -8.60
C GLY A 23 16.62 7.36 -7.33
N ASN A 24 15.50 6.97 -6.73
CA ASN A 24 15.05 7.58 -5.49
C ASN A 24 14.45 6.53 -4.55
N ASN A 25 14.18 6.94 -3.31
CA ASN A 25 13.61 6.04 -2.32
C ASN A 25 12.08 5.98 -2.45
N GLU A 26 11.61 6.08 -3.68
CA GLU A 26 10.17 6.04 -3.94
C GLU A 26 9.81 4.85 -4.83
N LEU A 27 8.63 4.30 -4.63
CA LEU A 27 8.16 3.15 -5.40
C LEU A 27 7.28 3.60 -6.56
N THR A 28 7.32 2.85 -7.66
CA THR A 28 6.51 3.17 -8.84
C THR A 28 5.22 2.37 -8.87
N VAL A 29 4.10 3.07 -8.97
CA VAL A 29 2.79 2.42 -9.00
C VAL A 29 1.99 2.86 -10.22
N THR A 30 0.79 2.33 -10.36
CA THR A 30 -0.09 2.66 -11.47
C THR A 30 -1.55 2.66 -11.06
N GLU A 31 -2.36 3.47 -11.72
CA GLU A 31 -3.78 3.55 -11.42
C GLU A 31 -4.46 2.20 -11.65
N GLY A 32 -4.99 1.62 -10.58
CA GLY A 32 -5.66 0.33 -10.68
C GLY A 32 -4.81 -0.80 -10.14
N GLU A 33 -3.54 -0.52 -9.87
CA GLU A 33 -2.63 -1.53 -9.36
C GLU A 33 -2.67 -1.58 -7.83
N ILE A 34 -2.82 -2.78 -7.29
CA ILE A 34 -2.87 -2.95 -5.84
C ILE A 34 -1.51 -3.37 -5.28
N ILE A 35 -1.09 -2.72 -4.21
CA ILE A 35 0.18 -3.03 -3.57
C ILE A 35 0.01 -3.33 -2.08
N THR A 36 1.09 -3.75 -1.45
CA THR A 36 1.06 -4.08 -0.03
C THR A 36 1.53 -2.90 0.82
N VAL A 37 0.70 -2.47 1.76
CA VAL A 37 1.04 -1.36 2.63
C VAL A 37 1.73 -1.85 3.90
N THR A 38 2.92 -1.32 4.17
CA THR A 38 3.68 -1.71 5.35
C THR A 38 3.77 -0.55 6.35
N ASN A 39 3.87 0.67 5.83
CA ASN A 39 3.96 1.85 6.66
C ASN A 39 2.95 2.92 6.22
N PRO A 40 1.70 2.76 6.67
CA PRO A 40 0.62 3.70 6.34
C PRO A 40 0.81 5.06 7.00
N ASN A 41 1.68 5.10 8.01
CA ASN A 41 1.94 6.34 8.73
C ASN A 41 3.44 6.61 8.81
N VAL A 42 4.02 7.02 7.68
CA VAL A 42 5.45 7.32 7.62
C VAL A 42 5.82 8.46 8.57
N GLY A 43 5.33 9.65 8.25
CA GLY A 43 5.61 10.81 9.08
C GLY A 43 5.50 12.11 8.32
N GLY A 44 4.46 12.23 7.49
CA GLY A 44 4.26 13.43 6.71
C GLY A 44 3.18 13.27 5.66
N GLY A 45 2.20 12.42 5.94
CA GLY A 45 1.11 12.19 5.00
C GLY A 45 1.51 11.24 3.89
N TRP A 46 2.55 10.44 4.13
CA TRP A 46 3.02 9.49 3.14
C TRP A 46 2.88 8.06 3.65
N LEU A 47 3.06 7.10 2.75
CA LEU A 47 2.94 5.69 3.11
C LEU A 47 3.98 4.85 2.37
N GLU A 48 4.49 3.81 3.04
CA GLU A 48 5.49 2.94 2.43
C GLU A 48 4.84 1.64 1.93
N GLY A 49 5.28 1.19 0.76
CA GLY A 49 4.75 -0.03 0.19
C GLY A 49 5.80 -0.85 -0.53
N LYS A 50 5.51 -2.12 -0.74
CA LYS A 50 6.44 -3.02 -1.42
C LYS A 50 5.74 -3.77 -2.55
N ASN A 51 6.44 -3.96 -3.66
CA ASN A 51 5.90 -4.67 -4.81
C ASN A 51 6.32 -6.13 -4.80
N ASN A 52 5.76 -6.90 -5.73
CA ASN A 52 6.07 -8.32 -5.83
C ASN A 52 7.57 -8.53 -6.05
N LYS A 53 8.20 -7.55 -6.70
CA LYS A 53 9.63 -7.62 -6.97
C LYS A 53 10.44 -7.62 -5.69
N GLY A 54 9.97 -6.87 -4.69
CA GLY A 54 10.66 -6.80 -3.42
C GLY A 54 11.24 -5.42 -3.15
N GLU A 55 10.79 -4.44 -3.91
CA GLU A 55 11.26 -3.06 -3.75
C GLU A 55 10.31 -2.24 -2.88
N GLN A 56 10.86 -1.57 -1.89
CA GLN A 56 10.05 -0.75 -0.98
C GLN A 56 10.44 0.71 -1.08
N GLY A 57 9.44 1.60 -1.03
CA GLY A 57 9.70 3.02 -1.12
C GLY A 57 8.57 3.85 -0.54
N LEU A 58 8.77 5.16 -0.50
CA LEU A 58 7.75 6.06 0.03
C LEU A 58 6.80 6.52 -1.07
N VAL A 59 5.50 6.53 -0.75
CA VAL A 59 4.48 6.94 -1.72
C VAL A 59 3.46 7.85 -1.06
N PRO A 60 3.06 8.90 -1.80
CA PRO A 60 2.07 9.87 -1.32
C PRO A 60 0.67 9.28 -1.21
N THR A 61 0.14 9.24 0.01
CA THR A 61 -1.20 8.69 0.24
C THR A 61 -2.24 9.43 -0.60
N ASP A 62 -1.87 10.58 -1.13
CA ASP A 62 -2.77 11.38 -1.94
C ASP A 62 -3.01 10.71 -3.30
N TYR A 63 -2.00 9.99 -3.79
CA TYR A 63 -2.10 9.31 -5.07
C TYR A 63 -2.91 8.02 -4.93
N VAL A 64 -2.69 7.30 -3.84
CA VAL A 64 -3.39 6.05 -3.58
C VAL A 64 -4.31 6.17 -2.38
N GLU A 65 -5.54 5.70 -2.54
CA GLU A 65 -6.52 5.76 -1.45
C GLU A 65 -6.66 4.40 -0.77
N ILE A 66 -6.09 4.29 0.42
CA ILE A 66 -6.14 3.04 1.19
C ILE A 66 -7.58 2.55 1.32
N LEU A 67 -7.80 1.29 0.98
CA LEU A 67 -9.13 0.68 1.07
C LEU A 67 -9.40 0.17 2.48
N PRO A 68 -10.67 0.30 2.92
CA PRO A 68 -11.08 -0.16 4.25
C PRO A 68 -11.09 -1.68 4.38
N ASN A 69 -11.04 -2.17 5.61
CA ASN A 69 -11.04 -3.60 5.87
C ASN A 69 -12.46 -4.16 5.83
N ASP A 70 -13.15 -3.95 4.71
CA ASP A 70 -14.51 -4.44 4.56
C ASP A 70 -14.62 -5.90 4.98
N GLY A 71 -13.62 -6.69 4.61
CA GLY A 71 -13.61 -8.10 4.96
C GLY A 71 -14.57 -8.90 4.09
N LYS A 72 -14.12 -10.07 3.63
CA LYS A 72 -14.94 -10.93 2.79
C LYS A 72 -15.58 -12.04 3.62
N ASP A 73 -16.85 -11.86 3.96
CA ASP A 73 -17.58 -12.85 4.74
C ASP A 73 -17.79 -14.13 3.94
N PRO A 74 -17.73 -15.28 4.63
CA PRO A 74 -17.91 -16.59 4.00
C PRO A 74 -19.34 -16.83 3.56
N PHE A 75 -19.52 -17.21 2.29
CA PHE A 75 -20.83 -17.47 1.74
C PHE A 75 -21.22 -18.93 1.90
N SER A 76 -21.62 -19.31 3.11
CA SER A 76 -22.01 -20.69 3.39
C SER A 76 -23.53 -20.81 3.54
N CYS A 77 -24.17 -21.31 2.51
CA CYS A 77 -25.62 -21.48 2.52
C CYS A 77 -26.11 -21.97 3.88
N GLY A 1 -7.22 -24.61 -3.03
CA GLY A 1 -8.22 -23.58 -3.15
C GLY A 1 -8.92 -23.30 -1.83
N SER A 2 -8.26 -22.57 -0.94
CA SER A 2 -8.82 -22.25 0.36
C SER A 2 -8.62 -20.77 0.68
N SER A 3 -8.84 -19.92 -0.32
CA SER A 3 -8.69 -18.48 -0.14
C SER A 3 -9.26 -18.02 1.19
N GLY A 4 -8.43 -17.37 1.99
CA GLY A 4 -8.88 -16.90 3.29
C GLY A 4 -8.20 -17.61 4.44
N SER A 5 -7.18 -16.99 5.00
CA SER A 5 -6.43 -17.58 6.12
C SER A 5 -6.38 -16.62 7.30
N SER A 6 -6.19 -17.18 8.50
CA SER A 6 -6.12 -16.38 9.72
C SER A 6 -4.95 -15.39 9.65
N GLY A 7 -5.26 -14.16 9.25
CA GLY A 7 -4.23 -13.15 9.15
C GLY A 7 -4.79 -11.78 8.82
N MET A 8 -3.91 -10.82 8.59
CA MET A 8 -4.32 -9.46 8.26
C MET A 8 -3.39 -8.83 7.23
N ALA A 9 -3.97 -8.26 6.18
CA ALA A 9 -3.19 -7.63 5.13
C ALA A 9 -3.81 -6.30 4.71
N THR A 10 -2.96 -5.30 4.46
CA THR A 10 -3.42 -3.99 4.04
C THR A 10 -3.05 -3.70 2.59
N LYS A 11 -4.07 -3.49 1.76
CA LYS A 11 -3.84 -3.20 0.34
C LYS A 11 -4.34 -1.80 0.00
N ALA A 12 -3.64 -1.14 -0.93
CA ALA A 12 -4.01 0.19 -1.36
C ALA A 12 -4.28 0.25 -2.86
N ARG A 13 -5.19 1.12 -3.26
CA ARG A 13 -5.55 1.25 -4.67
C ARG A 13 -5.08 2.60 -5.21
N VAL A 14 -4.31 2.56 -6.30
CA VAL A 14 -3.80 3.78 -6.92
C VAL A 14 -4.90 4.50 -7.70
N MET A 15 -5.01 5.81 -7.47
CA MET A 15 -6.02 6.61 -8.15
C MET A 15 -5.41 7.36 -9.33
N TYR A 16 -4.12 7.65 -9.25
CA TYR A 16 -3.42 8.36 -10.31
C TYR A 16 -2.04 7.76 -10.55
N ASP A 17 -1.81 7.31 -11.78
CA ASP A 17 -0.53 6.71 -12.15
C ASP A 17 0.63 7.59 -11.69
N PHE A 18 1.46 7.05 -10.80
CA PHE A 18 2.62 7.78 -10.29
C PHE A 18 3.91 7.19 -10.81
N ALA A 19 4.89 8.06 -11.06
CA ALA A 19 6.19 7.62 -11.55
C ALA A 19 7.30 7.94 -10.56
N ALA A 20 7.88 6.90 -9.96
CA ALA A 20 8.94 7.07 -8.99
C ALA A 20 10.29 7.28 -9.68
N GLU A 21 11.20 7.97 -9.00
CA GLU A 21 12.52 8.23 -9.56
C GLU A 21 13.57 7.36 -8.89
N PRO A 22 14.59 6.94 -9.68
CA PRO A 22 15.67 6.10 -9.18
C PRO A 22 16.59 6.84 -8.22
N GLY A 23 16.68 8.16 -8.37
CA GLY A 23 17.52 8.96 -7.52
C GLY A 23 17.02 8.99 -6.08
N ASN A 24 15.73 8.74 -5.90
CA ASN A 24 15.13 8.73 -4.57
C ASN A 24 14.53 7.37 -4.24
N ASN A 25 14.19 7.18 -2.97
CA ASN A 25 13.61 5.92 -2.53
C ASN A 25 12.09 5.93 -2.69
N GLU A 26 11.64 5.90 -3.94
CA GLU A 26 10.21 5.90 -4.24
C GLU A 26 9.82 4.70 -5.09
N LEU A 27 8.62 4.17 -4.86
CA LEU A 27 8.14 3.02 -5.61
C LEU A 27 7.24 3.46 -6.75
N THR A 28 7.49 2.93 -7.94
CA THR A 28 6.70 3.27 -9.11
C THR A 28 5.40 2.47 -9.15
N VAL A 29 4.28 3.19 -9.19
CA VAL A 29 2.97 2.55 -9.22
C VAL A 29 2.15 3.04 -10.41
N THR A 30 0.98 2.43 -10.61
CA THR A 30 0.10 2.82 -11.71
C THR A 30 -1.36 2.85 -11.25
N GLU A 31 -2.17 3.66 -11.93
CA GLU A 31 -3.58 3.78 -11.60
C GLU A 31 -4.29 2.44 -11.78
N GLY A 32 -4.85 1.93 -10.69
CA GLY A 32 -5.56 0.67 -10.74
C GLY A 32 -4.75 -0.47 -10.17
N GLU A 33 -3.44 -0.26 -10.04
CA GLU A 33 -2.55 -1.29 -9.50
C GLU A 33 -2.67 -1.36 -7.98
N ILE A 34 -2.49 -2.57 -7.44
CA ILE A 34 -2.58 -2.78 -6.00
C ILE A 34 -1.21 -3.11 -5.42
N ILE A 35 -1.00 -2.73 -4.16
CA ILE A 35 0.26 -2.99 -3.48
C ILE A 35 0.04 -3.28 -2.00
N THR A 36 1.13 -3.60 -1.30
CA THR A 36 1.04 -3.90 0.12
C THR A 36 1.51 -2.71 0.96
N VAL A 37 0.67 -2.33 1.93
CA VAL A 37 0.99 -1.20 2.80
C VAL A 37 1.71 -1.67 4.06
N THR A 38 2.95 -1.20 4.23
CA THR A 38 3.75 -1.57 5.39
C THR A 38 3.79 -0.44 6.41
N ASN A 39 4.14 0.76 5.95
CA ASN A 39 4.22 1.92 6.83
C ASN A 39 3.25 3.01 6.37
N PRO A 40 1.97 2.87 6.75
CA PRO A 40 0.94 3.85 6.38
C PRO A 40 1.11 5.18 7.10
N ASN A 41 1.78 5.15 8.24
CA ASN A 41 2.02 6.35 9.02
C ASN A 41 3.50 6.74 9.00
N VAL A 42 4.00 7.09 7.83
CA VAL A 42 5.39 7.47 7.67
C VAL A 42 5.73 8.67 8.55
N GLY A 43 5.06 9.78 8.31
CA GLY A 43 5.30 10.99 9.09
C GLY A 43 4.71 12.22 8.45
N GLY A 44 5.21 12.57 7.26
CA GLY A 44 4.71 13.74 6.56
C GLY A 44 3.42 13.47 5.83
N GLY A 45 2.70 12.43 6.24
CA GLY A 45 1.45 12.08 5.60
C GLY A 45 1.63 11.13 4.44
N TRP A 46 2.81 10.52 4.36
CA TRP A 46 3.11 9.58 3.28
C TRP A 46 3.00 8.14 3.77
N LEU A 47 2.90 7.20 2.83
CA LEU A 47 2.80 5.79 3.17
C LEU A 47 3.86 4.97 2.43
N GLU A 48 4.30 3.89 3.07
CA GLU A 48 5.32 3.02 2.48
C GLU A 48 4.72 1.69 2.06
N GLY A 49 5.18 1.16 0.92
CA GLY A 49 4.68 -0.12 0.44
C GLY A 49 5.72 -0.89 -0.33
N LYS A 50 5.51 -2.20 -0.47
CA LYS A 50 6.44 -3.05 -1.20
C LYS A 50 5.75 -3.75 -2.37
N ASN A 51 6.38 -3.72 -3.53
CA ASN A 51 5.82 -4.36 -4.72
C ASN A 51 6.17 -5.84 -4.76
N ASN A 52 5.50 -6.57 -5.64
CA ASN A 52 5.74 -8.00 -5.79
C ASN A 52 7.22 -8.27 -6.08
N LYS A 53 7.90 -7.28 -6.62
CA LYS A 53 9.32 -7.41 -6.95
C LYS A 53 10.17 -7.52 -5.67
N GLY A 54 9.70 -6.89 -4.60
CA GLY A 54 10.42 -6.93 -3.34
C GLY A 54 11.08 -5.61 -3.00
N GLU A 55 10.79 -4.59 -3.80
CA GLU A 55 11.36 -3.26 -3.58
C GLU A 55 10.38 -2.37 -2.83
N GLN A 56 10.90 -1.59 -1.89
CA GLN A 56 10.07 -0.68 -1.09
C GLN A 56 10.33 0.77 -1.48
N GLY A 57 9.35 1.63 -1.22
CA GLY A 57 9.49 3.04 -1.55
C GLY A 57 8.38 3.88 -0.96
N LEU A 58 8.59 5.18 -0.92
CA LEU A 58 7.60 6.11 -0.38
C LEU A 58 6.56 6.47 -1.44
N VAL A 59 5.32 6.64 -1.00
CA VAL A 59 4.23 7.00 -1.92
C VAL A 59 3.23 7.94 -1.24
N PRO A 60 2.77 8.94 -1.99
CA PRO A 60 1.81 9.93 -1.50
C PRO A 60 0.42 9.32 -1.28
N THR A 61 -0.09 9.47 -0.06
CA THR A 61 -1.41 8.94 0.29
C THR A 61 -2.51 9.67 -0.47
N ASP A 62 -2.15 10.79 -1.10
CA ASP A 62 -3.11 11.58 -1.86
C ASP A 62 -3.37 10.96 -3.22
N TYR A 63 -2.41 10.19 -3.71
CA TYR A 63 -2.53 9.54 -5.01
C TYR A 63 -3.22 8.18 -4.87
N VAL A 64 -2.96 7.51 -3.76
CA VAL A 64 -3.55 6.20 -3.50
C VAL A 64 -4.43 6.23 -2.26
N GLU A 65 -5.52 5.47 -2.28
CA GLU A 65 -6.44 5.42 -1.15
C GLU A 65 -6.54 3.99 -0.60
N ILE A 66 -5.91 3.78 0.55
CA ILE A 66 -5.93 2.47 1.19
C ILE A 66 -7.34 1.90 1.25
N LEU A 67 -7.46 0.60 0.98
CA LEU A 67 -8.75 -0.07 0.99
C LEU A 67 -9.00 -0.74 2.34
N PRO A 68 -10.27 -0.73 2.78
CA PRO A 68 -10.66 -1.33 4.06
C PRO A 68 -10.59 -2.86 4.02
N ASN A 69 -10.11 -3.44 5.12
CA ASN A 69 -9.99 -4.89 5.21
C ASN A 69 -11.36 -5.55 5.37
N ASP A 70 -11.39 -6.87 5.29
CA ASP A 70 -12.63 -7.62 5.43
C ASP A 70 -12.57 -8.56 6.63
N GLY A 71 -13.15 -8.14 7.75
CA GLY A 71 -13.15 -8.97 8.94
C GLY A 71 -13.64 -8.20 10.16
N LYS A 72 -12.83 -8.20 11.22
CA LYS A 72 -13.18 -7.51 12.45
C LYS A 72 -11.96 -6.85 13.08
N ASP A 73 -12.10 -5.57 13.43
CA ASP A 73 -11.00 -4.83 14.03
C ASP A 73 -11.48 -4.08 15.28
N PRO A 74 -10.60 -3.99 16.29
CA PRO A 74 -10.91 -3.32 17.55
C PRO A 74 -11.02 -1.80 17.38
N PHE A 75 -10.78 -1.33 16.16
CA PHE A 75 -10.86 0.10 15.87
C PHE A 75 -12.24 0.47 15.34
N SER A 76 -13.05 1.09 16.19
CA SER A 76 -14.40 1.49 15.81
C SER A 76 -14.65 2.96 16.17
N CYS A 77 -15.35 3.66 15.29
CA CYS A 77 -15.67 5.07 15.52
C CYS A 77 -16.87 5.22 16.45
N GLY A 1 -10.80 1.54 14.44
CA GLY A 1 -10.46 0.35 13.68
C GLY A 1 -10.72 -0.93 14.47
N SER A 2 -11.97 -1.37 14.47
CA SER A 2 -12.35 -2.58 15.20
C SER A 2 -12.61 -3.73 14.23
N SER A 3 -11.59 -4.54 13.99
CA SER A 3 -11.70 -5.67 13.08
C SER A 3 -12.23 -5.23 11.72
N GLY A 4 -11.68 -4.13 11.22
CA GLY A 4 -12.10 -3.62 9.93
C GLY A 4 -10.98 -2.91 9.18
N SER A 5 -10.39 -1.91 9.83
CA SER A 5 -9.30 -1.15 9.22
C SER A 5 -7.95 -1.82 9.50
N SER A 6 -7.74 -2.19 10.76
CA SER A 6 -6.49 -2.83 11.16
C SER A 6 -6.54 -4.33 10.90
N GLY A 7 -5.68 -4.81 10.02
CA GLY A 7 -5.64 -6.22 9.70
C GLY A 7 -4.21 -6.75 9.57
N MET A 8 -4.08 -7.97 9.05
CA MET A 8 -2.77 -8.59 8.88
C MET A 8 -2.19 -8.25 7.52
N ALA A 9 -3.06 -7.95 6.56
CA ALA A 9 -2.63 -7.62 5.21
C ALA A 9 -3.37 -6.39 4.69
N THR A 10 -2.70 -5.25 4.72
CA THR A 10 -3.29 -3.99 4.24
C THR A 10 -3.05 -3.80 2.75
N LYS A 11 -4.06 -3.28 2.06
CA LYS A 11 -3.96 -3.04 0.63
C LYS A 11 -4.47 -1.64 0.27
N ALA A 12 -3.84 -1.01 -0.70
CA ALA A 12 -4.23 0.32 -1.14
C ALA A 12 -4.44 0.36 -2.65
N ARG A 13 -5.44 1.14 -3.08
CA ARG A 13 -5.74 1.27 -4.50
C ARG A 13 -5.23 2.60 -5.04
N VAL A 14 -4.44 2.52 -6.12
CA VAL A 14 -3.88 3.72 -6.74
C VAL A 14 -4.95 4.45 -7.56
N MET A 15 -5.13 5.73 -7.27
CA MET A 15 -6.11 6.54 -7.97
C MET A 15 -5.48 7.22 -9.19
N TYR A 16 -4.19 7.52 -9.09
CA TYR A 16 -3.47 8.17 -10.18
C TYR A 16 -2.07 7.58 -10.33
N ASP A 17 -1.74 7.16 -11.54
CA ASP A 17 -0.43 6.59 -11.82
C ASP A 17 0.69 7.54 -11.41
N PHE A 18 1.50 7.12 -10.45
CA PHE A 18 2.61 7.94 -9.97
C PHE A 18 3.92 7.53 -10.63
N ALA A 19 4.77 8.50 -10.91
CA ALA A 19 6.06 8.25 -11.54
C ALA A 19 7.21 8.52 -10.57
N ALA A 20 7.88 7.46 -10.14
CA ALA A 20 9.00 7.60 -9.21
C ALA A 20 10.33 7.44 -9.94
N GLU A 21 11.41 7.89 -9.29
CA GLU A 21 12.73 7.80 -9.87
C GLU A 21 13.62 6.84 -9.08
N PRO A 22 14.49 6.11 -9.79
CA PRO A 22 15.40 5.13 -9.17
C PRO A 22 16.50 5.82 -8.36
N GLY A 23 16.34 5.83 -7.04
CA GLY A 23 17.32 6.44 -6.17
C GLY A 23 16.74 7.54 -5.32
N ASN A 24 15.41 7.58 -5.23
CA ASN A 24 14.72 8.60 -4.45
C ASN A 24 13.75 7.95 -3.45
N ASN A 25 14.12 6.77 -2.97
CA ASN A 25 13.29 6.05 -2.01
C ASN A 25 11.82 6.13 -2.39
N GLU A 26 11.54 5.95 -3.68
CA GLU A 26 10.17 6.00 -4.18
C GLU A 26 9.87 4.82 -5.09
N LEU A 27 8.62 4.36 -5.05
CA LEU A 27 8.20 3.22 -5.86
C LEU A 27 7.26 3.67 -6.98
N THR A 28 7.47 3.12 -8.17
CA THR A 28 6.64 3.46 -9.32
C THR A 28 5.36 2.63 -9.35
N VAL A 29 4.22 3.29 -9.13
CA VAL A 29 2.94 2.62 -9.13
C VAL A 29 2.08 3.07 -10.31
N THR A 30 0.94 2.40 -10.50
CA THR A 30 0.04 2.73 -11.59
C THR A 30 -1.41 2.70 -11.12
N GLU A 31 -2.28 3.39 -11.86
CA GLU A 31 -3.70 3.45 -11.52
C GLU A 31 -4.35 2.07 -11.65
N GLY A 32 -5.11 1.69 -10.63
CA GLY A 32 -5.77 0.39 -10.65
C GLY A 32 -4.92 -0.70 -10.06
N GLU A 33 -3.61 -0.49 -10.04
CA GLU A 33 -2.69 -1.48 -9.50
C GLU A 33 -2.76 -1.50 -7.97
N ILE A 34 -2.78 -2.70 -7.40
CA ILE A 34 -2.85 -2.86 -5.96
C ILE A 34 -1.50 -3.27 -5.38
N ILE A 35 -1.07 -2.59 -4.32
CA ILE A 35 0.20 -2.89 -3.69
C ILE A 35 0.02 -3.17 -2.19
N THR A 36 1.10 -3.55 -1.53
CA THR A 36 1.06 -3.85 -0.11
C THR A 36 1.54 -2.66 0.72
N VAL A 37 0.72 -2.24 1.67
CA VAL A 37 1.06 -1.11 2.54
C VAL A 37 1.83 -1.57 3.77
N THR A 38 3.15 -1.46 3.72
CA THR A 38 4.00 -1.85 4.83
C THR A 38 4.13 -0.75 5.86
N ASN A 39 4.01 0.49 5.40
CA ASN A 39 4.11 1.65 6.28
C ASN A 39 3.00 2.66 6.00
N PRO A 40 1.81 2.40 6.56
CA PRO A 40 0.65 3.27 6.38
C PRO A 40 0.81 4.61 7.09
N ASN A 41 1.78 4.68 7.99
CA ASN A 41 2.03 5.91 8.74
C ASN A 41 3.53 6.22 8.77
N VAL A 42 3.98 7.02 7.82
CA VAL A 42 5.39 7.39 7.74
C VAL A 42 5.68 8.63 8.59
N GLY A 43 5.05 9.74 8.23
CA GLY A 43 5.25 10.98 8.97
C GLY A 43 4.45 12.14 8.40
N GLY A 44 4.85 12.59 7.21
CA GLY A 44 4.15 13.70 6.58
C GLY A 44 2.89 13.26 5.85
N GLY A 45 2.29 12.17 6.32
CA GLY A 45 1.08 11.65 5.70
C GLY A 45 1.39 10.71 4.55
N TRP A 46 2.65 10.36 4.39
CA TRP A 46 3.07 9.45 3.31
C TRP A 46 3.03 8.01 3.79
N LEU A 47 3.01 7.09 2.82
CA LEU A 47 2.97 5.67 3.13
C LEU A 47 4.02 4.90 2.32
N GLU A 48 4.53 3.82 2.90
CA GLU A 48 5.53 2.99 2.24
C GLU A 48 4.92 1.71 1.69
N GLY A 49 5.05 1.51 0.38
CA GLY A 49 4.50 0.32 -0.23
C GLY A 49 5.57 -0.62 -0.75
N LYS A 50 5.30 -1.92 -0.70
CA LYS A 50 6.25 -2.91 -1.16
C LYS A 50 5.68 -3.69 -2.34
N ASN A 51 6.38 -3.64 -3.48
CA ASN A 51 5.95 -4.36 -4.67
C ASN A 51 6.40 -5.81 -4.64
N ASN A 52 5.94 -6.59 -5.62
CA ASN A 52 6.29 -8.00 -5.70
C ASN A 52 7.80 -8.18 -5.73
N LYS A 53 8.48 -7.34 -6.50
CA LYS A 53 9.93 -7.40 -6.61
C LYS A 53 10.58 -7.41 -5.24
N GLY A 54 9.85 -6.94 -4.23
CA GLY A 54 10.37 -6.91 -2.88
C GLY A 54 10.94 -5.55 -2.52
N GLU A 55 10.80 -4.59 -3.43
CA GLU A 55 11.31 -3.24 -3.20
C GLU A 55 10.32 -2.42 -2.38
N GLN A 56 10.85 -1.56 -1.52
CA GLN A 56 10.02 -0.72 -0.67
C GLN A 56 10.33 0.76 -0.89
N GLY A 57 9.31 1.54 -1.25
CA GLY A 57 9.50 2.96 -1.48
C GLY A 57 8.39 3.79 -0.88
N LEU A 58 8.59 5.11 -0.86
CA LEU A 58 7.60 6.02 -0.31
C LEU A 58 6.60 6.46 -1.38
N VAL A 59 5.32 6.53 -1.00
CA VAL A 59 4.27 6.94 -1.92
C VAL A 59 3.28 7.86 -1.25
N PRO A 60 2.85 8.91 -1.98
CA PRO A 60 1.90 9.90 -1.47
C PRO A 60 0.50 9.32 -1.31
N THR A 61 -0.05 9.42 -0.10
CA THR A 61 -1.38 8.90 0.19
C THR A 61 -2.45 9.62 -0.64
N ASP A 62 -2.06 10.76 -1.20
CA ASP A 62 -2.98 11.54 -2.02
C ASP A 62 -3.25 10.85 -3.37
N TYR A 63 -2.21 10.23 -3.91
CA TYR A 63 -2.32 9.53 -5.19
C TYR A 63 -3.00 8.19 -5.01
N VAL A 64 -2.67 7.49 -3.93
CA VAL A 64 -3.24 6.19 -3.63
C VAL A 64 -4.00 6.21 -2.31
N GLU A 65 -5.26 5.76 -2.34
CA GLU A 65 -6.09 5.72 -1.15
C GLU A 65 -6.27 4.28 -0.65
N ILE A 66 -6.02 4.08 0.64
CA ILE A 66 -6.16 2.75 1.23
C ILE A 66 -7.63 2.32 1.27
N LEU A 67 -7.86 1.05 1.03
CA LEU A 67 -9.22 0.49 1.04
C LEU A 67 -9.51 -0.18 2.38
N PRO A 68 -10.80 -0.16 2.77
CA PRO A 68 -11.25 -0.78 4.03
C PRO A 68 -11.17 -2.30 3.99
N ASN A 69 -11.64 -2.89 2.89
CA ASN A 69 -11.62 -4.34 2.73
C ASN A 69 -11.23 -4.71 1.31
N ASP A 70 -10.60 -5.88 1.16
CA ASP A 70 -10.18 -6.36 -0.14
C ASP A 70 -10.17 -7.88 -0.19
N GLY A 71 -10.81 -8.45 -1.22
CA GLY A 71 -10.86 -9.90 -1.35
C GLY A 71 -11.38 -10.33 -2.70
N LYS A 72 -11.96 -11.53 -2.76
CA LYS A 72 -12.50 -12.06 -4.00
C LYS A 72 -13.84 -11.43 -4.33
N ASP A 73 -13.86 -10.61 -5.38
CA ASP A 73 -15.09 -9.94 -5.80
C ASP A 73 -15.81 -10.75 -6.88
N PRO A 74 -17.15 -10.65 -6.90
CA PRO A 74 -17.98 -11.36 -7.87
C PRO A 74 -17.82 -10.82 -9.29
N PHE A 75 -17.77 -11.72 -10.26
CA PHE A 75 -17.61 -11.34 -11.65
C PHE A 75 -18.64 -12.05 -12.54
N SER A 76 -18.91 -11.47 -13.70
CA SER A 76 -19.88 -12.04 -14.63
C SER A 76 -19.17 -12.65 -15.83
N CYS A 77 -18.26 -11.88 -16.43
CA CYS A 77 -17.51 -12.34 -17.59
C CYS A 77 -16.49 -13.41 -17.20
N GLY A 1 7.52 -18.90 10.84
CA GLY A 1 6.39 -17.99 10.90
C GLY A 1 5.40 -18.22 9.78
N SER A 2 4.88 -19.44 9.69
CA SER A 2 3.92 -19.79 8.64
C SER A 2 2.59 -19.07 8.86
N SER A 3 1.98 -18.62 7.77
CA SER A 3 0.71 -17.91 7.83
C SER A 3 -0.26 -18.63 8.77
N GLY A 4 -0.47 -18.07 9.96
CA GLY A 4 -1.37 -18.66 10.92
C GLY A 4 -2.49 -17.72 11.34
N SER A 5 -3.29 -18.15 12.30
CA SER A 5 -4.40 -17.34 12.79
C SER A 5 -4.02 -15.86 12.83
N SER A 6 -2.94 -15.55 13.55
CA SER A 6 -2.47 -14.18 13.66
C SER A 6 -1.93 -13.67 12.33
N GLY A 7 -2.12 -12.38 12.08
CA GLY A 7 -1.65 -11.79 10.84
C GLY A 7 -2.60 -10.74 10.29
N MET A 8 -2.06 -9.57 9.96
CA MET A 8 -2.87 -8.48 9.42
C MET A 8 -2.23 -7.90 8.17
N ALA A 9 -3.02 -7.72 7.13
CA ALA A 9 -2.53 -7.16 5.87
C ALA A 9 -3.50 -6.12 5.32
N THR A 10 -2.97 -4.96 4.94
CA THR A 10 -3.80 -3.89 4.39
C THR A 10 -3.58 -3.74 2.89
N LYS A 11 -4.57 -3.19 2.20
CA LYS A 11 -4.49 -2.99 0.76
C LYS A 11 -4.78 -1.54 0.39
N ALA A 12 -4.17 -1.08 -0.69
CA ALA A 12 -4.36 0.29 -1.15
C ALA A 12 -4.49 0.35 -2.68
N ARG A 13 -5.42 1.17 -3.16
CA ARG A 13 -5.64 1.31 -4.59
C ARG A 13 -5.06 2.63 -5.10
N VAL A 14 -4.43 2.57 -6.27
CA VAL A 14 -3.83 3.75 -6.86
C VAL A 14 -4.85 4.54 -7.67
N MET A 15 -4.88 5.86 -7.46
CA MET A 15 -5.82 6.72 -8.17
C MET A 15 -5.12 7.46 -9.30
N TYR A 16 -3.79 7.55 -9.21
CA TYR A 16 -3.01 8.24 -10.23
C TYR A 16 -1.73 7.46 -10.54
N ASP A 17 -1.18 7.69 -11.74
CA ASP A 17 0.03 7.02 -12.16
C ASP A 17 1.27 7.70 -11.56
N PHE A 18 1.77 7.14 -10.47
CA PHE A 18 2.94 7.70 -9.81
C PHE A 18 4.22 6.99 -10.25
N ALA A 19 4.97 7.63 -11.14
CA ALA A 19 6.21 7.05 -11.65
C ALA A 19 7.41 7.58 -10.87
N ALA A 20 8.01 6.71 -10.06
CA ALA A 20 9.17 7.08 -9.26
C ALA A 20 10.46 6.92 -10.06
N GLU A 21 11.44 7.78 -9.76
CA GLU A 21 12.72 7.74 -10.47
C GLU A 21 13.69 6.78 -9.77
N PRO A 22 14.50 6.07 -10.57
CA PRO A 22 15.48 5.12 -10.06
C PRO A 22 16.63 5.80 -9.33
N GLY A 23 16.47 6.01 -8.02
CA GLY A 23 17.50 6.64 -7.23
C GLY A 23 16.96 7.20 -5.93
N ASN A 24 15.77 7.79 -5.98
CA ASN A 24 15.15 8.36 -4.79
C ASN A 24 14.43 7.29 -3.98
N ASN A 25 13.84 7.71 -2.86
CA ASN A 25 13.11 6.77 -2.00
C ASN A 25 11.62 6.76 -2.35
N GLU A 26 11.33 6.70 -3.64
CA GLU A 26 9.95 6.67 -4.11
C GLU A 26 9.68 5.43 -4.95
N LEU A 27 8.53 4.80 -4.72
CA LEU A 27 8.15 3.60 -5.45
C LEU A 27 7.27 3.95 -6.65
N THR A 28 7.43 3.18 -7.72
CA THR A 28 6.65 3.40 -8.93
C THR A 28 5.40 2.53 -8.96
N VAL A 29 4.25 3.17 -9.16
CA VAL A 29 2.97 2.45 -9.21
C VAL A 29 2.13 2.91 -10.38
N THR A 30 0.96 2.30 -10.54
CA THR A 30 0.05 2.64 -11.63
C THR A 30 -1.40 2.64 -11.16
N GLU A 31 -2.19 3.56 -11.70
CA GLU A 31 -3.60 3.65 -11.33
C GLU A 31 -4.31 2.31 -11.55
N GLY A 32 -4.69 1.68 -10.45
CA GLY A 32 -5.38 0.39 -10.54
C GLY A 32 -4.56 -0.74 -9.94
N GLU A 33 -3.25 -0.56 -9.89
CA GLU A 33 -2.36 -1.57 -9.34
C GLU A 33 -2.47 -1.63 -7.82
N ILE A 34 -2.67 -2.84 -7.29
CA ILE A 34 -2.79 -3.02 -5.85
C ILE A 34 -1.47 -3.51 -5.25
N ILE A 35 -0.96 -2.76 -4.27
CA ILE A 35 0.28 -3.11 -3.61
C ILE A 35 0.06 -3.36 -2.12
N THR A 36 1.14 -3.73 -1.42
CA THR A 36 1.06 -4.01 0.01
C THR A 36 1.53 -2.80 0.82
N VAL A 37 0.73 -2.42 1.81
CA VAL A 37 1.04 -1.28 2.66
C VAL A 37 1.76 -1.74 3.93
N THR A 38 3.03 -1.34 4.07
CA THR A 38 3.82 -1.71 5.22
C THR A 38 3.84 -0.58 6.26
N ASN A 39 4.10 0.64 5.79
CA ASN A 39 4.14 1.80 6.67
C ASN A 39 3.13 2.86 6.22
N PRO A 40 1.88 2.69 6.62
CA PRO A 40 0.80 3.62 6.28
C PRO A 40 0.94 4.96 6.98
N ASN A 41 1.60 4.94 8.13
CA ASN A 41 1.81 6.17 8.90
C ASN A 41 3.29 6.54 8.94
N VAL A 42 3.75 7.21 7.89
CA VAL A 42 5.15 7.63 7.81
C VAL A 42 5.37 8.96 8.51
N GLY A 43 4.72 10.00 7.99
CA GLY A 43 4.86 11.33 8.58
C GLY A 43 4.71 12.42 7.55
N GLY A 44 3.53 13.04 7.50
CA GLY A 44 3.29 14.11 6.55
C GLY A 44 2.19 13.78 5.57
N GLY A 45 1.70 12.55 5.62
CA GLY A 45 0.64 12.12 4.73
C GLY A 45 1.14 11.17 3.64
N TRP A 46 2.14 10.37 3.98
CA TRP A 46 2.70 9.42 3.04
C TRP A 46 2.55 7.99 3.55
N LEU A 47 3.07 7.04 2.77
CA LEU A 47 2.99 5.63 3.15
C LEU A 47 4.01 4.80 2.36
N GLU A 48 4.57 3.79 3.01
CA GLU A 48 5.55 2.92 2.37
C GLU A 48 4.92 1.60 1.96
N GLY A 49 5.25 1.14 0.76
CA GLY A 49 4.71 -0.11 0.26
C GLY A 49 5.72 -0.92 -0.51
N LYS A 50 5.42 -2.19 -0.73
CA LYS A 50 6.32 -3.08 -1.47
C LYS A 50 5.61 -3.70 -2.67
N ASN A 51 6.38 -3.98 -3.72
CA ASN A 51 5.83 -4.58 -4.93
C ASN A 51 6.26 -6.04 -5.07
N ASN A 52 5.67 -6.73 -6.04
CA ASN A 52 6.00 -8.13 -6.27
C ASN A 52 7.51 -8.34 -6.32
N LYS A 53 8.22 -7.37 -6.88
CA LYS A 53 9.68 -7.45 -6.99
C LYS A 53 10.32 -7.43 -5.62
N GLY A 54 9.77 -6.62 -4.72
CA GLY A 54 10.31 -6.53 -3.37
C GLY A 54 10.81 -5.14 -3.04
N GLU A 55 10.81 -4.26 -4.04
CA GLU A 55 11.26 -2.89 -3.86
C GLU A 55 10.25 -2.08 -3.03
N GLN A 56 10.76 -1.35 -2.04
CA GLN A 56 9.91 -0.55 -1.18
C GLN A 56 10.23 0.95 -1.33
N GLY A 57 9.19 1.76 -1.50
CA GLY A 57 9.40 3.19 -1.66
C GLY A 57 8.32 4.00 -0.96
N LEU A 58 8.56 5.30 -0.83
CA LEU A 58 7.60 6.20 -0.18
C LEU A 58 6.60 6.74 -1.19
N VAL A 59 5.31 6.54 -0.92
CA VAL A 59 4.25 7.01 -1.79
C VAL A 59 3.28 7.90 -1.03
N PRO A 60 2.85 8.99 -1.68
CA PRO A 60 1.89 9.95 -1.09
C PRO A 60 0.50 9.36 -0.95
N THR A 61 -0.11 9.57 0.21
CA THR A 61 -1.46 9.05 0.47
C THR A 61 -2.49 9.78 -0.37
N ASP A 62 -2.06 10.85 -1.04
CA ASP A 62 -2.95 11.63 -1.90
C ASP A 62 -3.09 10.98 -3.27
N TYR A 63 -2.13 10.13 -3.62
CA TYR A 63 -2.14 9.45 -4.91
C TYR A 63 -2.95 8.16 -4.84
N VAL A 64 -2.91 7.50 -3.68
CA VAL A 64 -3.64 6.26 -3.47
C VAL A 64 -4.56 6.36 -2.26
N GLU A 65 -5.56 5.49 -2.23
CA GLU A 65 -6.52 5.48 -1.12
C GLU A 65 -6.63 4.08 -0.52
N ILE A 66 -6.12 3.92 0.70
CA ILE A 66 -6.17 2.64 1.38
C ILE A 66 -7.59 2.13 1.50
N LEU A 67 -7.79 0.86 1.17
CA LEU A 67 -9.11 0.24 1.24
C LEU A 67 -9.29 -0.52 2.54
N PRO A 68 -10.52 -0.49 3.09
CA PRO A 68 -10.85 -1.17 4.34
C PRO A 68 -10.86 -2.69 4.18
N ASN A 69 -10.36 -3.39 5.21
CA ASN A 69 -10.31 -4.84 5.19
C ASN A 69 -11.71 -5.44 5.12
N ASP A 70 -11.79 -6.72 4.78
CA ASP A 70 -13.07 -7.41 4.68
C ASP A 70 -13.64 -7.69 6.07
N GLY A 71 -12.88 -8.43 6.87
CA GLY A 71 -13.33 -8.76 8.21
C GLY A 71 -13.83 -7.55 8.98
N LYS A 72 -13.21 -6.40 8.72
CA LYS A 72 -13.60 -5.16 9.39
C LYS A 72 -14.98 -4.71 8.93
N ASP A 73 -15.58 -3.80 9.68
CA ASP A 73 -16.90 -3.27 9.36
C ASP A 73 -16.84 -1.78 9.05
N PRO A 74 -17.67 -1.34 8.10
CA PRO A 74 -17.72 0.07 7.69
C PRO A 74 -18.34 0.96 8.76
N PHE A 75 -17.49 1.56 9.58
CA PHE A 75 -17.95 2.43 10.66
C PHE A 75 -19.13 3.27 10.19
N SER A 76 -18.93 4.05 9.13
CA SER A 76 -19.97 4.90 8.59
C SER A 76 -20.91 4.12 7.68
N CYS A 77 -22.13 4.62 7.52
CA CYS A 77 -23.11 3.95 6.66
C CYS A 77 -23.79 4.96 5.74
N GLY A 1 -18.51 -21.27 8.25
CA GLY A 1 -17.16 -20.88 8.58
C GLY A 1 -16.23 -20.93 7.37
N SER A 2 -15.38 -19.91 7.24
CA SER A 2 -14.44 -19.85 6.13
C SER A 2 -13.12 -19.22 6.57
N SER A 3 -12.10 -19.37 5.74
CA SER A 3 -10.78 -18.83 6.04
C SER A 3 -10.69 -17.36 5.63
N GLY A 4 -10.85 -16.46 6.59
CA GLY A 4 -10.78 -15.05 6.32
C GLY A 4 -9.41 -14.60 5.88
N SER A 5 -9.28 -14.18 4.63
CA SER A 5 -8.01 -13.74 4.09
C SER A 5 -7.81 -12.24 4.32
N SER A 6 -8.82 -11.45 3.96
CA SER A 6 -8.76 -10.01 4.12
C SER A 6 -8.37 -9.64 5.56
N GLY A 7 -7.25 -8.95 5.70
CA GLY A 7 -6.79 -8.54 7.01
C GLY A 7 -5.33 -8.89 7.24
N MET A 8 -4.95 -10.11 6.87
CA MET A 8 -3.57 -10.55 7.05
C MET A 8 -2.59 -9.49 6.58
N ALA A 9 -3.01 -8.68 5.60
CA ALA A 9 -2.16 -7.62 5.07
C ALA A 9 -3.00 -6.51 4.45
N THR A 10 -2.72 -5.27 4.82
CA THR A 10 -3.45 -4.13 4.31
C THR A 10 -3.13 -3.90 2.83
N LYS A 11 -4.10 -3.36 2.10
CA LYS A 11 -3.93 -3.08 0.68
C LYS A 11 -4.24 -1.62 0.36
N ALA A 12 -3.98 -1.23 -0.88
CA ALA A 12 -4.24 0.14 -1.30
C ALA A 12 -4.39 0.23 -2.83
N ARG A 13 -5.36 1.02 -3.28
CA ARG A 13 -5.60 1.18 -4.70
C ARG A 13 -5.02 2.49 -5.21
N VAL A 14 -4.36 2.44 -6.37
CA VAL A 14 -3.75 3.62 -6.96
C VAL A 14 -4.76 4.40 -7.79
N MET A 15 -4.74 5.72 -7.66
CA MET A 15 -5.65 6.57 -8.40
C MET A 15 -4.95 7.22 -9.60
N TYR A 16 -3.63 7.35 -9.51
CA TYR A 16 -2.85 7.96 -10.57
C TYR A 16 -1.44 7.36 -10.61
N ASP A 17 -1.03 6.90 -11.79
CA ASP A 17 0.29 6.30 -11.96
C ASP A 17 1.38 7.24 -11.43
N PHE A 18 2.01 6.85 -10.34
CA PHE A 18 3.07 7.66 -9.73
C PHE A 18 4.44 7.21 -10.22
N ALA A 19 4.89 7.78 -11.33
CA ALA A 19 6.19 7.45 -11.90
C ALA A 19 7.32 7.92 -11.00
N ALA A 20 7.67 7.11 -10.01
CA ALA A 20 8.74 7.45 -9.08
C ALA A 20 9.89 8.12 -9.80
N GLU A 21 10.16 9.37 -9.44
CA GLU A 21 11.25 10.13 -10.06
C GLU A 21 12.56 9.34 -10.00
N PRO A 22 13.44 9.60 -10.97
CA PRO A 22 14.75 8.93 -11.05
C PRO A 22 15.69 9.37 -9.94
N GLY A 23 16.20 8.40 -9.19
CA GLY A 23 17.12 8.71 -8.10
C GLY A 23 16.40 9.25 -6.88
N ASN A 24 15.52 8.43 -6.31
CA ASN A 24 14.77 8.83 -5.13
C ASN A 24 14.19 7.62 -4.42
N ASN A 25 13.92 7.76 -3.12
CA ASN A 25 13.37 6.67 -2.32
C ASN A 25 11.87 6.53 -2.57
N GLU A 26 11.49 6.44 -3.83
CA GLU A 26 10.08 6.30 -4.20
C GLU A 26 9.87 5.11 -5.13
N LEU A 27 8.72 4.46 -5.02
CA LEU A 27 8.41 3.31 -5.85
C LEU A 27 7.44 3.69 -6.97
N THR A 28 7.59 3.06 -8.13
CA THR A 28 6.74 3.34 -9.27
C THR A 28 5.50 2.44 -9.25
N VAL A 29 4.33 3.06 -9.44
CA VAL A 29 3.07 2.32 -9.45
C VAL A 29 2.15 2.84 -10.55
N THR A 30 1.08 2.11 -10.80
CA THR A 30 0.11 2.48 -11.82
C THR A 30 -1.30 2.56 -11.25
N GLU A 31 -2.12 3.43 -11.83
CA GLU A 31 -3.50 3.61 -11.37
C GLU A 31 -4.28 2.31 -11.51
N GLY A 32 -4.79 1.81 -10.38
CA GLY A 32 -5.55 0.58 -10.38
C GLY A 32 -4.74 -0.61 -9.91
N GLU A 33 -3.43 -0.43 -9.83
CA GLU A 33 -2.54 -1.50 -9.38
C GLU A 33 -2.56 -1.62 -7.86
N ILE A 34 -2.63 -2.86 -7.37
CA ILE A 34 -2.66 -3.12 -5.94
C ILE A 34 -1.26 -3.33 -5.39
N ILE A 35 -1.00 -2.82 -4.19
CA ILE A 35 0.29 -2.95 -3.55
C ILE A 35 0.15 -3.31 -2.07
N THR A 36 1.26 -3.72 -1.45
CA THR A 36 1.25 -4.08 -0.05
C THR A 36 1.71 -2.92 0.82
N VAL A 37 0.86 -2.53 1.77
CA VAL A 37 1.19 -1.42 2.67
C VAL A 37 1.85 -1.93 3.95
N THR A 38 3.05 -1.43 4.23
CA THR A 38 3.79 -1.84 5.41
C THR A 38 3.79 -0.73 6.47
N ASN A 39 4.09 0.49 6.04
CA ASN A 39 4.13 1.63 6.94
C ASN A 39 3.25 2.77 6.41
N PRO A 40 1.94 2.66 6.65
CA PRO A 40 0.97 3.67 6.21
C PRO A 40 1.10 4.98 6.99
N ASN A 41 1.80 4.92 8.12
CA ASN A 41 1.99 6.10 8.95
C ASN A 41 3.47 6.50 8.97
N VAL A 42 3.97 6.98 7.85
CA VAL A 42 5.36 7.40 7.75
C VAL A 42 5.61 8.67 8.55
N GLY A 43 4.77 9.68 8.34
CA GLY A 43 4.91 10.93 9.06
C GLY A 43 4.79 12.14 8.15
N GLY A 44 3.63 12.79 8.20
CA GLY A 44 3.41 13.95 7.36
C GLY A 44 2.24 13.77 6.40
N GLY A 45 2.10 12.55 5.88
CA GLY A 45 1.01 12.27 4.96
C GLY A 45 1.44 11.34 3.84
N TRP A 46 2.36 10.43 4.15
CA TRP A 46 2.85 9.48 3.16
C TRP A 46 2.68 8.04 3.66
N LEU A 47 2.93 7.08 2.78
CA LEU A 47 2.81 5.68 3.13
C LEU A 47 3.88 4.84 2.42
N GLU A 48 4.37 3.81 3.11
CA GLU A 48 5.40 2.94 2.55
C GLU A 48 4.79 1.64 2.04
N GLY A 49 4.95 1.38 0.74
CA GLY A 49 4.41 0.17 0.16
C GLY A 49 5.47 -0.65 -0.55
N LYS A 50 5.22 -1.96 -0.67
CA LYS A 50 6.16 -2.85 -1.33
C LYS A 50 5.48 -3.61 -2.46
N ASN A 51 6.16 -3.70 -3.60
CA ASN A 51 5.62 -4.41 -4.76
C ASN A 51 5.99 -5.89 -4.72
N ASN A 52 5.37 -6.66 -5.60
CA ASN A 52 5.64 -8.10 -5.66
C ASN A 52 7.13 -8.38 -5.84
N LYS A 53 7.79 -7.52 -6.61
CA LYS A 53 9.21 -7.68 -6.86
C LYS A 53 9.99 -7.76 -5.55
N GLY A 54 9.47 -7.12 -4.51
CA GLY A 54 10.13 -7.13 -3.22
C GLY A 54 10.76 -5.80 -2.86
N GLU A 55 10.57 -4.82 -3.74
CA GLU A 55 11.13 -3.49 -3.52
C GLU A 55 10.17 -2.63 -2.70
N GLN A 56 10.72 -1.63 -2.01
CA GLN A 56 9.91 -0.74 -1.18
C GLN A 56 10.16 0.72 -1.56
N GLY A 57 9.19 1.57 -1.27
CA GLY A 57 9.32 2.99 -1.58
C GLY A 57 8.23 3.82 -0.95
N LEU A 58 8.51 5.11 -0.75
CA LEU A 58 7.55 6.02 -0.15
C LEU A 58 6.56 6.54 -1.19
N VAL A 59 5.28 6.56 -0.83
CA VAL A 59 4.24 7.04 -1.74
C VAL A 59 3.26 7.95 -1.01
N PRO A 60 2.86 9.04 -1.68
CA PRO A 60 1.91 10.01 -1.11
C PRO A 60 0.51 9.45 -0.99
N THR A 61 -0.07 9.57 0.21
CA THR A 61 -1.42 9.06 0.45
C THR A 61 -2.45 9.81 -0.39
N ASP A 62 -2.00 10.87 -1.06
CA ASP A 62 -2.88 11.66 -1.92
C ASP A 62 -3.08 10.99 -3.27
N TYR A 63 -2.07 10.25 -3.71
CA TYR A 63 -2.13 9.56 -5.00
C TYR A 63 -2.88 8.24 -4.87
N VAL A 64 -2.78 7.62 -3.69
CA VAL A 64 -3.45 6.36 -3.44
C VAL A 64 -4.24 6.41 -2.13
N GLU A 65 -5.42 5.80 -2.15
CA GLU A 65 -6.29 5.78 -0.97
C GLU A 65 -6.44 4.36 -0.43
N ILE A 66 -5.84 4.10 0.73
CA ILE A 66 -5.91 2.79 1.35
C ILE A 66 -7.35 2.26 1.37
N LEU A 67 -7.54 1.05 0.86
CA LEU A 67 -8.86 0.44 0.82
C LEU A 67 -9.37 0.14 2.23
N PRO A 68 -10.69 0.24 2.41
CA PRO A 68 -11.33 -0.01 3.70
C PRO A 68 -11.27 -1.48 4.10
N ASN A 69 -10.80 -2.33 3.18
CA ASN A 69 -10.70 -3.75 3.44
C ASN A 69 -9.77 -4.03 4.63
N ASP A 70 -10.30 -3.88 5.83
CA ASP A 70 -9.52 -4.12 7.04
C ASP A 70 -10.42 -4.19 8.27
N GLY A 71 -10.12 -5.09 9.19
CA GLY A 71 -10.91 -5.23 10.39
C GLY A 71 -11.12 -3.92 11.10
N LYS A 72 -10.06 -3.39 11.69
CA LYS A 72 -10.13 -2.11 12.41
C LYS A 72 -8.73 -1.56 12.67
N ASP A 73 -8.63 -0.24 12.74
CA ASP A 73 -7.35 0.42 12.99
C ASP A 73 -6.99 0.36 14.47
N PRO A 74 -5.69 0.21 14.75
CA PRO A 74 -5.18 0.13 16.14
C PRO A 74 -5.28 1.47 16.86
N PHE A 75 -4.78 2.52 16.22
CA PHE A 75 -4.82 3.86 16.81
C PHE A 75 -6.23 4.43 16.79
N SER A 76 -6.57 5.21 17.80
CA SER A 76 -7.90 5.81 17.90
C SER A 76 -7.98 7.10 17.08
N CYS A 77 -9.02 7.23 16.28
CA CYS A 77 -9.21 8.41 15.45
C CYS A 77 -9.92 9.51 16.22
N GLY A 1 -21.95 -12.52 9.25
CA GLY A 1 -21.11 -11.39 8.91
C GLY A 1 -19.70 -11.54 9.45
N SER A 2 -19.55 -11.30 10.75
CA SER A 2 -18.24 -11.40 11.39
C SER A 2 -18.38 -11.47 12.91
N SER A 3 -17.33 -11.95 13.58
CA SER A 3 -17.34 -12.06 15.03
C SER A 3 -16.24 -11.21 15.65
N GLY A 4 -15.23 -10.90 14.86
CA GLY A 4 -14.13 -10.09 15.34
C GLY A 4 -13.32 -9.46 14.22
N SER A 5 -12.11 -9.96 14.01
CA SER A 5 -11.23 -9.44 12.97
C SER A 5 -11.00 -10.49 11.89
N SER A 6 -10.78 -10.02 10.66
CA SER A 6 -10.54 -10.91 9.53
C SER A 6 -9.77 -10.21 8.43
N GLY A 7 -9.20 -10.99 7.52
CA GLY A 7 -8.44 -10.42 6.42
C GLY A 7 -7.55 -9.28 6.86
N MET A 8 -6.47 -9.61 7.56
CA MET A 8 -5.53 -8.61 8.05
C MET A 8 -4.51 -8.26 6.97
N ALA A 9 -4.95 -8.27 5.72
CA ALA A 9 -4.07 -7.94 4.59
C ALA A 9 -4.24 -6.49 4.17
N THR A 10 -3.23 -5.67 4.46
CA THR A 10 -3.27 -4.26 4.12
C THR A 10 -2.90 -4.04 2.65
N LYS A 11 -3.75 -3.31 1.94
CA LYS A 11 -3.51 -3.02 0.53
C LYS A 11 -4.17 -1.71 0.12
N ALA A 12 -3.61 -1.06 -0.88
CA ALA A 12 -4.14 0.21 -1.37
C ALA A 12 -4.23 0.22 -2.89
N ARG A 13 -5.17 1.00 -3.42
CA ARG A 13 -5.37 1.09 -4.86
C ARG A 13 -4.84 2.41 -5.40
N VAL A 14 -4.19 2.36 -6.56
CA VAL A 14 -3.64 3.56 -7.18
C VAL A 14 -4.71 4.31 -7.97
N MET A 15 -4.75 5.62 -7.79
CA MET A 15 -5.72 6.46 -8.48
C MET A 15 -5.07 7.19 -9.66
N TYR A 16 -3.80 7.53 -9.51
CA TYR A 16 -3.06 8.23 -10.54
C TYR A 16 -1.61 7.75 -10.62
N ASP A 17 -1.23 7.21 -11.78
CA ASP A 17 0.13 6.71 -11.96
C ASP A 17 1.15 7.66 -11.35
N PHE A 18 1.93 7.15 -10.40
CA PHE A 18 2.94 7.95 -9.73
C PHE A 18 4.35 7.54 -10.18
N ALA A 19 4.81 8.14 -11.27
CA ALA A 19 6.13 7.84 -11.80
C ALA A 19 7.23 8.31 -10.85
N ALA A 20 7.55 7.48 -9.86
CA ALA A 20 8.58 7.82 -8.89
C ALA A 20 9.76 8.52 -9.56
N GLU A 21 10.24 9.59 -8.93
CA GLU A 21 11.36 10.36 -9.46
C GLU A 21 12.64 9.52 -9.44
N PRO A 22 13.55 9.80 -10.38
CA PRO A 22 14.83 9.09 -10.48
C PRO A 22 15.78 9.44 -9.34
N GLY A 23 16.58 8.46 -8.92
CA GLY A 23 17.50 8.68 -7.83
C GLY A 23 16.84 9.21 -6.58
N ASN A 24 15.69 8.62 -6.23
CA ASN A 24 14.95 9.04 -5.05
C ASN A 24 14.25 7.86 -4.41
N ASN A 25 14.18 7.87 -3.07
CA ASN A 25 13.53 6.79 -2.33
C ASN A 25 12.03 6.78 -2.60
N GLU A 26 11.65 6.18 -3.73
CA GLU A 26 10.25 6.10 -4.11
C GLU A 26 10.01 4.93 -5.05
N LEU A 27 8.78 4.40 -5.03
CA LEU A 27 8.42 3.27 -5.88
C LEU A 27 7.52 3.72 -7.02
N THR A 28 7.74 3.15 -8.21
CA THR A 28 6.94 3.49 -9.38
C THR A 28 5.69 2.62 -9.46
N VAL A 29 4.53 3.24 -9.27
CA VAL A 29 3.26 2.52 -9.33
C VAL A 29 2.40 3.01 -10.48
N THR A 30 1.35 2.26 -10.79
CA THR A 30 0.44 2.63 -11.87
C THR A 30 -1.01 2.61 -11.40
N GLU A 31 -1.87 3.32 -12.13
CA GLU A 31 -3.28 3.40 -11.78
C GLU A 31 -3.93 2.02 -11.88
N GLY A 32 -4.46 1.55 -10.75
CA GLY A 32 -5.10 0.25 -10.73
C GLY A 32 -4.22 -0.83 -10.12
N GLU A 33 -2.95 -0.50 -9.90
CA GLU A 33 -2.00 -1.44 -9.33
C GLU A 33 -2.24 -1.61 -7.83
N ILE A 34 -2.31 -2.85 -7.39
CA ILE A 34 -2.53 -3.15 -5.96
C ILE A 34 -1.24 -3.59 -5.29
N ILE A 35 -0.89 -2.91 -4.21
CA ILE A 35 0.33 -3.24 -3.46
C ILE A 35 0.04 -3.39 -1.98
N THR A 36 1.00 -3.92 -1.24
CA THR A 36 0.86 -4.12 0.20
C THR A 36 1.46 -2.96 0.98
N VAL A 37 0.76 -2.54 2.02
CA VAL A 37 1.22 -1.43 2.86
C VAL A 37 2.12 -1.94 3.98
N THR A 38 3.18 -1.18 4.26
CA THR A 38 4.12 -1.55 5.31
C THR A 38 4.24 -0.45 6.36
N ASN A 39 4.44 0.79 5.89
CA ASN A 39 4.56 1.93 6.79
C ASN A 39 3.53 3.01 6.45
N PRO A 40 2.29 2.80 6.92
CA PRO A 40 1.20 3.75 6.68
C PRO A 40 1.38 5.06 7.43
N ASN A 41 2.27 5.05 8.42
CA ASN A 41 2.55 6.24 9.21
C ASN A 41 4.01 6.66 9.09
N VAL A 42 4.36 7.20 7.92
CA VAL A 42 5.73 7.64 7.68
C VAL A 42 5.98 9.00 8.30
N GLY A 43 5.19 9.99 7.91
CA GLY A 43 5.34 11.33 8.45
C GLY A 43 4.79 12.39 7.51
N GLY A 44 3.85 13.19 8.03
CA GLY A 44 3.25 14.24 7.23
C GLY A 44 1.98 13.78 6.54
N GLY A 45 2.06 12.66 5.84
CA GLY A 45 0.90 12.14 5.14
C GLY A 45 1.27 11.22 4.00
N TRP A 46 2.27 10.39 4.22
CA TRP A 46 2.73 9.45 3.19
C TRP A 46 2.68 8.02 3.71
N LEU A 47 2.86 7.06 2.80
CA LEU A 47 2.83 5.65 3.16
C LEU A 47 3.79 4.84 2.29
N GLU A 48 4.40 3.82 2.88
CA GLU A 48 5.34 2.97 2.16
C GLU A 48 4.72 1.61 1.85
N GLY A 49 4.69 1.25 0.57
CA GLY A 49 4.12 -0.02 0.17
C GLY A 49 5.10 -0.86 -0.63
N LYS A 50 4.97 -2.19 -0.53
CA LYS A 50 5.84 -3.10 -1.24
C LYS A 50 5.08 -3.82 -2.35
N ASN A 51 5.81 -4.24 -3.39
CA ASN A 51 5.22 -4.94 -4.52
C ASN A 51 5.62 -6.41 -4.52
N ASN A 52 4.93 -7.20 -5.34
CA ASN A 52 5.23 -8.63 -5.45
C ASN A 52 6.73 -8.86 -5.64
N LYS A 53 7.37 -7.96 -6.37
CA LYS A 53 8.80 -8.06 -6.63
C LYS A 53 9.60 -8.06 -5.33
N GLY A 54 9.24 -7.16 -4.42
CA GLY A 54 9.92 -7.07 -3.14
C GLY A 54 10.51 -5.70 -2.90
N GLU A 55 10.22 -4.76 -3.79
CA GLU A 55 10.74 -3.40 -3.67
C GLU A 55 9.64 -2.44 -3.23
N GLN A 56 9.90 -1.71 -2.15
CA GLN A 56 8.93 -0.75 -1.62
C GLN A 56 9.46 0.67 -1.74
N GLY A 57 8.55 1.64 -1.65
CA GLY A 57 8.95 3.04 -1.76
C GLY A 57 7.94 3.97 -1.11
N LEU A 58 8.34 5.23 -0.93
CA LEU A 58 7.47 6.22 -0.31
C LEU A 58 6.49 6.80 -1.33
N VAL A 59 5.20 6.77 -0.98
CA VAL A 59 4.17 7.29 -1.87
C VAL A 59 3.15 8.11 -1.10
N PRO A 60 2.73 9.24 -1.70
CA PRO A 60 1.75 10.15 -1.08
C PRO A 60 0.35 9.53 -1.02
N THR A 61 -0.27 9.58 0.15
CA THR A 61 -1.61 9.04 0.33
C THR A 61 -2.61 9.70 -0.61
N ASP A 62 -2.28 10.91 -1.05
CA ASP A 62 -3.15 11.65 -1.96
C ASP A 62 -3.22 10.96 -3.32
N TYR A 63 -2.19 10.20 -3.64
CA TYR A 63 -2.14 9.50 -4.92
C TYR A 63 -2.76 8.11 -4.80
N VAL A 64 -2.65 7.51 -3.62
CA VAL A 64 -3.19 6.19 -3.37
C VAL A 64 -3.93 6.14 -2.04
N GLU A 65 -5.17 5.66 -2.08
CA GLU A 65 -6.00 5.57 -0.88
C GLU A 65 -6.17 4.11 -0.46
N ILE A 66 -5.66 3.77 0.73
CA ILE A 66 -5.76 2.42 1.25
C ILE A 66 -7.22 1.98 1.37
N LEU A 67 -7.50 0.75 0.97
CA LEU A 67 -8.85 0.21 1.03
C LEU A 67 -9.17 -0.27 2.44
N PRO A 68 -10.44 -0.09 2.86
CA PRO A 68 -10.90 -0.51 4.18
C PRO A 68 -10.97 -2.03 4.32
N ASN A 69 -11.60 -2.48 5.40
CA ASN A 69 -11.74 -3.92 5.65
C ASN A 69 -13.20 -4.31 5.79
N ASP A 70 -13.86 -4.53 4.66
CA ASP A 70 -15.27 -4.91 4.65
C ASP A 70 -15.58 -5.84 3.49
N GLY A 71 -16.71 -6.54 3.57
CA GLY A 71 -17.09 -7.45 2.50
C GLY A 71 -16.11 -8.58 2.33
N LYS A 72 -16.54 -9.66 1.68
CA LYS A 72 -15.68 -10.82 1.44
C LYS A 72 -14.69 -10.53 0.31
N ASP A 73 -13.41 -10.48 0.65
CA ASP A 73 -12.37 -10.22 -0.33
C ASP A 73 -11.48 -11.45 -0.51
N PRO A 74 -11.03 -11.68 -1.75
CA PRO A 74 -10.17 -12.82 -2.09
C PRO A 74 -8.77 -12.68 -1.51
N PHE A 75 -8.25 -13.77 -0.96
CA PHE A 75 -6.91 -13.76 -0.36
C PHE A 75 -6.48 -15.18 0.00
N SER A 76 -5.37 -15.61 -0.59
CA SER A 76 -4.83 -16.95 -0.35
C SER A 76 -3.33 -16.99 -0.58
N CYS A 77 -2.66 -17.89 0.13
CA CYS A 77 -1.21 -18.03 0.00
C CYS A 77 -0.86 -19.17 -0.96
N GLY A 1 -7.28 -25.57 16.22
CA GLY A 1 -7.31 -24.16 16.54
C GLY A 1 -5.93 -23.61 16.87
N SER A 2 -5.74 -22.31 16.63
CA SER A 2 -4.45 -21.68 16.89
C SER A 2 -4.66 -20.35 17.63
N SER A 3 -4.05 -20.25 18.81
CA SER A 3 -4.16 -19.04 19.61
C SER A 3 -3.08 -18.03 19.23
N GLY A 4 -3.50 -16.97 18.54
CA GLY A 4 -2.56 -15.94 18.13
C GLY A 4 -2.94 -15.31 16.80
N SER A 5 -2.33 -14.17 16.49
CA SER A 5 -2.61 -13.47 15.25
C SER A 5 -1.52 -12.43 14.95
N SER A 6 -1.05 -12.43 13.71
CA SER A 6 -0.01 -11.50 13.30
C SER A 6 -0.24 -11.02 11.87
N GLY A 7 0.12 -9.76 11.61
CA GLY A 7 -0.06 -9.20 10.28
C GLY A 7 -1.16 -8.17 10.23
N MET A 8 -1.13 -7.32 9.21
CA MET A 8 -2.13 -6.26 9.05
C MET A 8 -2.94 -6.47 7.78
N ALA A 9 -2.33 -7.08 6.78
CA ALA A 9 -2.99 -7.34 5.51
C ALA A 9 -3.59 -6.07 4.94
N THR A 10 -2.86 -4.97 5.05
CA THR A 10 -3.33 -3.68 4.55
C THR A 10 -3.01 -3.52 3.06
N LYS A 11 -3.89 -2.84 2.34
CA LYS A 11 -3.71 -2.62 0.91
C LYS A 11 -4.12 -1.20 0.53
N ALA A 12 -3.86 -0.83 -0.72
CA ALA A 12 -4.21 0.49 -1.21
C ALA A 12 -4.34 0.50 -2.74
N ARG A 13 -5.38 1.16 -3.24
CA ARG A 13 -5.62 1.24 -4.67
C ARG A 13 -5.13 2.57 -5.23
N VAL A 14 -4.44 2.51 -6.37
CA VAL A 14 -3.91 3.71 -7.01
C VAL A 14 -4.98 4.39 -7.85
N MET A 15 -5.03 5.72 -7.77
CA MET A 15 -6.00 6.49 -8.54
C MET A 15 -5.36 7.12 -9.77
N TYR A 16 -4.13 7.57 -9.62
CA TYR A 16 -3.40 8.19 -10.72
C TYR A 16 -2.02 7.54 -10.89
N ASP A 17 -1.60 7.40 -12.15
CA ASP A 17 -0.32 6.80 -12.46
C ASP A 17 0.83 7.67 -11.94
N PHE A 18 1.60 7.11 -11.00
CA PHE A 18 2.72 7.84 -10.41
C PHE A 18 4.05 7.35 -11.00
N ALA A 19 5.05 8.21 -10.96
CA ALA A 19 6.37 7.86 -11.48
C ALA A 19 7.46 8.13 -10.44
N ALA A 20 8.16 7.07 -10.04
CA ALA A 20 9.22 7.18 -9.06
C ALA A 20 10.56 6.74 -9.64
N GLU A 21 11.60 7.54 -9.41
CA GLU A 21 12.93 7.22 -9.93
C GLU A 21 13.71 6.40 -8.90
N PRO A 22 14.53 5.46 -9.41
CA PRO A 22 15.35 4.60 -8.56
C PRO A 22 16.49 5.35 -7.88
N GLY A 23 16.21 5.88 -6.69
CA GLY A 23 17.22 6.62 -5.96
C GLY A 23 16.61 7.54 -4.92
N ASN A 24 15.38 7.97 -5.15
CA ASN A 24 14.69 8.87 -4.23
C ASN A 24 13.83 8.08 -3.25
N ASN A 25 14.33 6.93 -2.81
CA ASN A 25 13.62 6.07 -1.87
C ASN A 25 12.12 6.10 -2.16
N GLU A 26 11.77 6.16 -3.45
CA GLU A 26 10.36 6.18 -3.85
C GLU A 26 10.04 4.96 -4.71
N LEU A 27 8.79 4.49 -4.62
CA LEU A 27 8.35 3.35 -5.39
C LEU A 27 7.44 3.78 -6.54
N THR A 28 7.48 3.02 -7.63
CA THR A 28 6.65 3.32 -8.80
C THR A 28 5.31 2.59 -8.73
N VAL A 29 4.24 3.34 -8.93
CA VAL A 29 2.90 2.76 -8.89
C VAL A 29 2.05 3.27 -10.05
N THR A 30 1.02 2.52 -10.40
CA THR A 30 0.14 2.88 -11.50
C THR A 30 -1.33 2.71 -11.11
N GLU A 31 -2.21 3.44 -11.78
CA GLU A 31 -3.65 3.35 -11.50
C GLU A 31 -4.16 1.93 -11.68
N GLY A 32 -4.90 1.44 -10.69
CA GLY A 32 -5.44 0.10 -10.77
C GLY A 32 -4.53 -0.93 -10.13
N GLU A 33 -3.23 -0.64 -10.14
CA GLU A 33 -2.24 -1.55 -9.56
C GLU A 33 -2.29 -1.51 -8.04
N ILE A 34 -2.43 -2.68 -7.43
CA ILE A 34 -2.50 -2.77 -5.97
C ILE A 34 -1.14 -3.14 -5.38
N ILE A 35 -0.81 -2.54 -4.25
CA ILE A 35 0.46 -2.81 -3.58
C ILE A 35 0.25 -3.13 -2.10
N THR A 36 1.32 -3.55 -1.44
CA THR A 36 1.26 -3.89 -0.02
C THR A 36 1.70 -2.70 0.84
N VAL A 37 0.88 -2.37 1.83
CA VAL A 37 1.19 -1.26 2.73
C VAL A 37 2.02 -1.73 3.92
N THR A 38 3.29 -1.34 3.94
CA THR A 38 4.19 -1.72 5.02
C THR A 38 4.27 -0.63 6.07
N ASN A 39 4.23 0.62 5.63
CA ASN A 39 4.30 1.76 6.53
C ASN A 39 3.18 2.76 6.25
N PRO A 40 1.99 2.50 6.79
CA PRO A 40 0.83 3.36 6.61
C PRO A 40 0.97 4.70 7.33
N ASN A 41 1.93 4.77 8.25
CA ASN A 41 2.18 5.98 9.02
C ASN A 41 3.65 6.38 8.96
N VAL A 42 4.02 7.11 7.92
CA VAL A 42 5.40 7.54 7.75
C VAL A 42 5.71 8.72 8.66
N GLY A 43 5.04 9.84 8.43
CA GLY A 43 5.27 11.02 9.25
C GLY A 43 5.18 12.30 8.46
N GLY A 44 4.15 12.40 7.62
CA GLY A 44 3.96 13.59 6.81
C GLY A 44 2.92 13.39 5.72
N GLY A 45 1.92 12.58 6.01
CA GLY A 45 0.88 12.32 5.03
C GLY A 45 1.32 11.38 3.92
N TRP A 46 2.34 10.58 4.21
CA TRP A 46 2.86 9.63 3.23
C TRP A 46 2.85 8.21 3.78
N LEU A 47 2.86 7.23 2.88
CA LEU A 47 2.84 5.83 3.28
C LEU A 47 3.95 5.05 2.56
N GLU A 48 4.19 3.83 3.03
CA GLU A 48 5.23 2.98 2.44
C GLU A 48 4.67 1.61 2.10
N GLY A 49 5.14 1.05 0.98
CA GLY A 49 4.68 -0.26 0.56
C GLY A 49 5.69 -0.98 -0.31
N LYS A 50 5.48 -2.27 -0.51
CA LYS A 50 6.38 -3.08 -1.33
C LYS A 50 5.60 -3.89 -2.36
N ASN A 51 6.08 -3.86 -3.60
CA ASN A 51 5.43 -4.59 -4.68
C ASN A 51 5.99 -6.00 -4.81
N ASN A 52 5.36 -6.82 -5.64
CA ASN A 52 5.81 -8.19 -5.84
C ASN A 52 7.31 -8.24 -6.14
N LYS A 53 7.78 -7.27 -6.92
CA LYS A 53 9.19 -7.20 -7.27
C LYS A 53 10.07 -7.12 -6.03
N GLY A 54 9.54 -6.49 -4.98
CA GLY A 54 10.27 -6.36 -3.74
C GLY A 54 10.82 -4.96 -3.55
N GLU A 55 10.30 -3.99 -4.31
CA GLU A 55 10.74 -2.61 -4.22
C GLU A 55 9.89 -1.83 -3.23
N GLN A 56 10.52 -1.33 -2.17
CA GLN A 56 9.81 -0.56 -1.15
C GLN A 56 10.18 0.91 -1.23
N GLY A 57 9.17 1.78 -1.30
CA GLY A 57 9.41 3.20 -1.37
C GLY A 57 8.28 4.01 -0.77
N LEU A 58 8.47 5.33 -0.67
CA LEU A 58 7.46 6.21 -0.11
C LEU A 58 6.46 6.65 -1.18
N VAL A 59 5.19 6.67 -0.82
CA VAL A 59 4.13 7.06 -1.76
C VAL A 59 3.11 7.97 -1.08
N PRO A 60 2.67 9.01 -1.80
CA PRO A 60 1.70 9.98 -1.29
C PRO A 60 0.31 9.37 -1.15
N THR A 61 -0.19 9.31 0.09
CA THR A 61 -1.51 8.76 0.35
C THR A 61 -2.57 9.36 -0.55
N ASP A 62 -2.24 10.53 -1.14
CA ASP A 62 -3.16 11.22 -2.02
C ASP A 62 -3.32 10.45 -3.34
N TYR A 63 -2.23 9.87 -3.81
CA TYR A 63 -2.24 9.10 -5.06
C TYR A 63 -3.01 7.79 -4.89
N VAL A 64 -2.80 7.14 -3.76
CA VAL A 64 -3.47 5.88 -3.46
C VAL A 64 -4.31 5.97 -2.19
N GLU A 65 -5.58 5.60 -2.30
CA GLU A 65 -6.48 5.64 -1.16
C GLU A 65 -6.63 4.26 -0.52
N ILE A 66 -6.14 4.12 0.70
CA ILE A 66 -6.22 2.85 1.41
C ILE A 66 -7.66 2.38 1.53
N LEU A 67 -7.86 1.07 1.34
CA LEU A 67 -9.21 0.49 1.42
C LEU A 67 -9.46 -0.09 2.81
N PRO A 68 -10.71 0.00 3.25
CA PRO A 68 -11.12 -0.51 4.58
C PRO A 68 -11.10 -2.03 4.63
N ASN A 69 -10.77 -2.57 5.80
CA ASN A 69 -10.70 -4.01 5.99
C ASN A 69 -11.93 -4.51 6.76
N ASP A 70 -12.67 -5.43 6.16
CA ASP A 70 -13.86 -5.99 6.78
C ASP A 70 -13.57 -6.39 8.22
N GLY A 71 -14.59 -6.30 9.08
CA GLY A 71 -14.43 -6.65 10.47
C GLY A 71 -15.10 -7.96 10.82
N LYS A 72 -15.32 -8.20 12.11
CA LYS A 72 -15.96 -9.42 12.57
C LYS A 72 -17.43 -9.19 12.87
N ASP A 73 -18.28 -10.12 12.42
CA ASP A 73 -19.71 -10.00 12.64
C ASP A 73 -20.13 -10.77 13.89
N PRO A 74 -21.20 -10.29 14.54
CA PRO A 74 -21.73 -10.91 15.77
C PRO A 74 -22.36 -12.27 15.51
N PHE A 75 -22.72 -12.97 16.58
CA PHE A 75 -23.34 -14.29 16.46
C PHE A 75 -24.21 -14.59 17.68
N SER A 76 -24.97 -15.68 17.59
CA SER A 76 -25.86 -16.07 18.68
C SER A 76 -26.07 -17.58 18.68
N CYS A 77 -25.99 -18.17 19.87
CA CYS A 77 -26.18 -19.61 20.02
C CYS A 77 -27.65 -19.99 19.86
N GLY A 1 3.57 -18.73 0.20
CA GLY A 1 2.67 -19.12 1.27
C GLY A 1 2.65 -18.11 2.41
N SER A 2 2.10 -18.52 3.55
CA SER A 2 2.01 -17.65 4.70
C SER A 2 3.26 -17.75 5.56
N SER A 3 4.28 -16.97 5.20
CA SER A 3 5.55 -16.97 5.93
C SER A 3 6.13 -15.57 6.01
N GLY A 4 6.54 -15.17 7.21
CA GLY A 4 7.12 -13.85 7.40
C GLY A 4 6.37 -13.03 8.43
N SER A 5 6.03 -11.80 8.08
CA SER A 5 5.31 -10.91 8.99
C SER A 5 3.81 -11.08 8.83
N SER A 6 3.36 -12.32 8.71
CA SER A 6 1.94 -12.62 8.55
C SER A 6 1.12 -11.96 9.65
N GLY A 7 0.12 -11.19 9.26
CA GLY A 7 -0.73 -10.51 10.22
C GLY A 7 -1.86 -9.74 9.57
N MET A 8 -1.68 -8.43 9.43
CA MET A 8 -2.68 -7.57 8.83
C MET A 8 -2.38 -7.36 7.35
N ALA A 9 -3.27 -7.86 6.49
CA ALA A 9 -3.11 -7.72 5.05
C ALA A 9 -3.73 -6.42 4.55
N THR A 10 -2.98 -5.34 4.64
CA THR A 10 -3.47 -4.03 4.19
C THR A 10 -3.17 -3.81 2.71
N LYS A 11 -4.20 -3.45 1.95
CA LYS A 11 -4.05 -3.20 0.53
C LYS A 11 -4.42 -1.77 0.18
N ALA A 12 -3.91 -1.29 -0.95
CA ALA A 12 -4.18 0.08 -1.40
C ALA A 12 -4.28 0.15 -2.92
N ARG A 13 -5.25 0.92 -3.40
CA ARG A 13 -5.47 1.08 -4.84
C ARG A 13 -4.92 2.41 -5.32
N VAL A 14 -4.34 2.40 -6.52
CA VAL A 14 -3.77 3.61 -7.10
C VAL A 14 -4.83 4.38 -7.90
N MET A 15 -4.90 5.69 -7.68
CA MET A 15 -5.86 6.53 -8.37
C MET A 15 -5.20 7.24 -9.56
N TYR A 16 -3.92 7.55 -9.42
CA TYR A 16 -3.19 8.22 -10.49
C TYR A 16 -1.78 7.65 -10.63
N ASP A 17 -1.45 7.18 -11.82
CA ASP A 17 -0.14 6.61 -12.09
C ASP A 17 0.96 7.48 -11.50
N PHE A 18 1.65 6.94 -10.49
CA PHE A 18 2.73 7.67 -9.82
C PHE A 18 4.09 7.14 -10.28
N ALA A 19 4.80 7.94 -11.05
CA ALA A 19 6.12 7.56 -11.55
C ALA A 19 7.22 8.06 -10.62
N ALA A 20 7.76 7.17 -9.80
CA ALA A 20 8.82 7.52 -8.87
C ALA A 20 10.11 7.86 -9.61
N GLU A 21 11.00 8.58 -8.93
CA GLU A 21 12.27 8.97 -9.53
C GLU A 21 13.33 7.88 -9.33
N PRO A 22 14.21 7.73 -10.33
CA PRO A 22 15.27 6.72 -10.30
C PRO A 22 16.35 7.05 -9.28
N GLY A 23 16.82 6.03 -8.56
CA GLY A 23 17.84 6.22 -7.55
C GLY A 23 17.36 7.09 -6.41
N ASN A 24 16.19 6.76 -5.87
CA ASN A 24 15.62 7.52 -4.76
C ASN A 24 14.66 6.65 -3.94
N ASN A 25 14.13 7.23 -2.87
CA ASN A 25 13.20 6.50 -2.01
C ASN A 25 11.76 6.68 -2.47
N GLU A 26 11.43 6.08 -3.61
CA GLU A 26 10.09 6.19 -4.17
C GLU A 26 9.80 5.02 -5.11
N LEU A 27 8.64 4.41 -4.95
CA LEU A 27 8.24 3.27 -5.79
C LEU A 27 7.35 3.74 -6.94
N THR A 28 7.49 3.09 -8.08
CA THR A 28 6.69 3.43 -9.26
C THR A 28 5.44 2.57 -9.34
N VAL A 29 4.28 3.21 -9.23
CA VAL A 29 3.00 2.50 -9.31
C VAL A 29 2.13 3.05 -10.42
N THR A 30 1.11 2.28 -10.80
CA THR A 30 0.20 2.68 -11.88
C THR A 30 -1.25 2.68 -11.38
N GLU A 31 -2.07 3.51 -12.01
CA GLU A 31 -3.47 3.61 -11.64
C GLU A 31 -4.19 2.28 -11.88
N GLY A 32 -4.55 1.60 -10.80
CA GLY A 32 -5.24 0.32 -10.92
C GLY A 32 -4.45 -0.81 -10.29
N GLU A 33 -3.14 -0.66 -10.22
CA GLU A 33 -2.27 -1.69 -9.64
C GLU A 33 -2.38 -1.69 -8.12
N ILE A 34 -2.32 -2.88 -7.53
CA ILE A 34 -2.41 -3.02 -6.09
C ILE A 34 -1.06 -3.37 -5.48
N ILE A 35 -0.83 -2.90 -4.25
CA ILE A 35 0.42 -3.17 -3.55
C ILE A 35 0.20 -3.43 -2.07
N THR A 36 1.26 -3.79 -1.36
CA THR A 36 1.17 -4.07 0.06
C THR A 36 1.63 -2.86 0.89
N VAL A 37 0.86 -2.53 1.92
CA VAL A 37 1.19 -1.41 2.79
C VAL A 37 1.98 -1.87 4.01
N THR A 38 3.08 -1.20 4.29
CA THR A 38 3.91 -1.55 5.44
C THR A 38 3.99 -0.39 6.44
N ASN A 39 4.16 0.82 5.92
CA ASN A 39 4.24 2.01 6.77
C ASN A 39 3.26 3.08 6.29
N PRO A 40 1.98 2.93 6.69
CA PRO A 40 0.92 3.87 6.32
C PRO A 40 1.07 5.22 7.02
N ASN A 41 1.90 5.24 8.07
CA ASN A 41 2.13 6.46 8.83
C ASN A 41 3.61 6.84 8.80
N VAL A 42 4.03 7.52 7.74
CA VAL A 42 5.42 7.94 7.61
C VAL A 42 5.65 9.27 8.30
N GLY A 43 4.88 10.29 7.92
CA GLY A 43 5.03 11.61 8.52
C GLY A 43 4.04 12.61 7.95
N GLY A 44 4.55 13.59 7.20
CA GLY A 44 3.70 14.60 6.62
C GLY A 44 2.37 14.05 6.16
N GLY A 45 2.36 12.77 5.77
CA GLY A 45 1.13 12.14 5.31
C GLY A 45 1.37 11.16 4.17
N TRP A 46 2.53 10.52 4.18
CA TRP A 46 2.87 9.56 3.14
C TRP A 46 2.81 8.13 3.66
N LEU A 47 3.07 7.17 2.79
CA LEU A 47 3.03 5.76 3.16
C LEU A 47 4.09 4.96 2.41
N GLU A 48 4.55 3.87 3.01
CA GLU A 48 5.56 3.03 2.39
C GLU A 48 4.97 1.67 2.00
N GLY A 49 5.00 1.37 0.71
CA GLY A 49 4.46 0.10 0.24
C GLY A 49 5.50 -0.72 -0.51
N LYS A 50 5.21 -2.00 -0.70
CA LYS A 50 6.12 -2.91 -1.39
C LYS A 50 5.43 -3.58 -2.57
N ASN A 51 6.11 -3.63 -3.71
CA ASN A 51 5.56 -4.25 -4.90
C ASN A 51 5.89 -5.74 -4.94
N ASN A 52 5.21 -6.47 -5.82
CA ASN A 52 5.42 -7.91 -5.96
C ASN A 52 6.90 -8.21 -6.18
N LYS A 53 7.61 -7.28 -6.79
CA LYS A 53 9.04 -7.45 -7.06
C LYS A 53 9.81 -7.66 -5.77
N GLY A 54 9.34 -7.04 -4.69
CA GLY A 54 10.00 -7.18 -3.40
C GLY A 54 10.72 -5.91 -2.98
N GLU A 55 10.46 -4.82 -3.69
CA GLU A 55 11.09 -3.54 -3.37
C GLU A 55 10.13 -2.63 -2.61
N GLN A 56 10.68 -1.84 -1.70
CA GLN A 56 9.87 -0.92 -0.90
C GLN A 56 10.17 0.52 -1.27
N GLY A 57 9.14 1.37 -1.22
CA GLY A 57 9.30 2.77 -1.56
C GLY A 57 8.23 3.64 -0.93
N LEU A 58 8.49 4.94 -0.87
CA LEU A 58 7.55 5.90 -0.29
C LEU A 58 6.53 6.34 -1.34
N VAL A 59 5.32 6.66 -0.87
CA VAL A 59 4.26 7.12 -1.76
C VAL A 59 3.24 7.98 -1.02
N PRO A 60 2.80 9.06 -1.67
CA PRO A 60 1.81 9.97 -1.08
C PRO A 60 0.42 9.35 -0.96
N THR A 61 -0.19 9.50 0.21
CA THR A 61 -1.52 8.95 0.45
C THR A 61 -2.57 9.68 -0.38
N ASP A 62 -2.21 10.85 -0.90
CA ASP A 62 -3.13 11.65 -1.71
C ASP A 62 -3.33 11.00 -3.08
N TYR A 63 -2.34 10.26 -3.54
CA TYR A 63 -2.41 9.59 -4.84
C TYR A 63 -3.08 8.22 -4.70
N VAL A 64 -2.89 7.58 -3.55
CA VAL A 64 -3.48 6.27 -3.30
C VAL A 64 -4.24 6.25 -1.99
N GLU A 65 -5.46 5.73 -2.03
CA GLU A 65 -6.30 5.65 -0.84
C GLU A 65 -6.40 4.21 -0.34
N ILE A 66 -5.85 3.96 0.85
CA ILE A 66 -5.87 2.64 1.45
C ILE A 66 -7.31 2.13 1.58
N LEU A 67 -7.51 0.86 1.25
CA LEU A 67 -8.83 0.24 1.34
C LEU A 67 -8.96 -0.58 2.62
N PRO A 68 -10.18 -0.57 3.19
CA PRO A 68 -10.47 -1.31 4.43
C PRO A 68 -10.47 -2.82 4.22
N ASN A 69 -10.81 -3.55 5.27
CA ASN A 69 -10.85 -5.01 5.19
C ASN A 69 -11.87 -5.58 6.18
N ASP A 70 -12.20 -6.85 6.01
CA ASP A 70 -13.16 -7.51 6.89
C ASP A 70 -12.44 -8.28 8.00
N GLY A 71 -12.92 -8.11 9.23
CA GLY A 71 -12.31 -8.79 10.36
C GLY A 71 -12.81 -10.21 10.52
N LYS A 72 -12.72 -10.73 11.74
CA LYS A 72 -13.17 -12.10 12.02
C LYS A 72 -14.46 -12.09 12.83
N ASP A 73 -15.50 -12.69 12.26
CA ASP A 73 -16.79 -12.75 12.93
C ASP A 73 -16.65 -13.29 14.35
N PRO A 74 -17.42 -12.72 15.29
CA PRO A 74 -17.40 -13.12 16.70
C PRO A 74 -18.00 -14.51 16.91
N PHE A 75 -17.49 -15.22 17.91
CA PHE A 75 -17.98 -16.56 18.22
C PHE A 75 -18.00 -16.79 19.73
N SER A 76 -18.79 -17.77 20.16
CA SER A 76 -18.90 -18.09 21.59
C SER A 76 -17.54 -18.41 22.17
N CYS A 77 -17.12 -17.62 23.15
CA CYS A 77 -15.83 -17.81 23.80
C CYS A 77 -15.98 -17.83 25.32
N GLY A 1 -8.81 -13.08 -15.21
CA GLY A 1 -9.17 -11.80 -14.62
C GLY A 1 -10.21 -11.93 -13.53
N SER A 2 -9.87 -11.49 -12.33
CA SER A 2 -10.79 -11.56 -11.19
C SER A 2 -10.28 -10.72 -10.03
N SER A 3 -11.07 -10.66 -8.96
CA SER A 3 -10.72 -9.89 -7.78
C SER A 3 -11.59 -10.26 -6.59
N GLY A 4 -10.95 -10.57 -5.47
CA GLY A 4 -11.69 -10.95 -4.28
C GLY A 4 -11.40 -10.02 -3.11
N SER A 5 -11.96 -10.35 -1.95
CA SER A 5 -11.78 -9.54 -0.75
C SER A 5 -10.38 -9.77 -0.15
N SER A 6 -9.89 -8.78 0.57
CA SER A 6 -8.57 -8.87 1.19
C SER A 6 -8.62 -9.71 2.46
N GLY A 7 -7.45 -9.96 3.05
CA GLY A 7 -7.38 -10.76 4.26
C GLY A 7 -7.02 -9.93 5.48
N MET A 8 -5.75 -9.96 5.85
CA MET A 8 -5.27 -9.21 7.00
C MET A 8 -4.22 -8.18 6.59
N ALA A 9 -3.51 -8.47 5.50
CA ALA A 9 -2.48 -7.56 5.00
C ALA A 9 -3.10 -6.30 4.40
N THR A 10 -2.66 -5.15 4.90
CA THR A 10 -3.18 -3.87 4.42
C THR A 10 -2.81 -3.64 2.95
N LYS A 11 -3.79 -3.21 2.16
CA LYS A 11 -3.57 -2.96 0.75
C LYS A 11 -4.03 -1.56 0.36
N ALA A 12 -3.64 -1.11 -0.81
CA ALA A 12 -4.02 0.21 -1.29
C ALA A 12 -4.12 0.24 -2.82
N ARG A 13 -5.15 0.90 -3.34
CA ARG A 13 -5.35 1.00 -4.77
C ARG A 13 -4.92 2.36 -5.29
N VAL A 14 -4.23 2.36 -6.43
CA VAL A 14 -3.76 3.60 -7.04
C VAL A 14 -4.88 4.32 -7.76
N MET A 15 -5.03 5.62 -7.46
CA MET A 15 -6.06 6.42 -8.09
C MET A 15 -5.48 7.30 -9.20
N TYR A 16 -4.19 7.56 -9.11
CA TYR A 16 -3.51 8.38 -10.10
C TYR A 16 -2.06 7.92 -10.30
N ASP A 17 -1.76 7.42 -11.50
CA ASP A 17 -0.42 6.94 -11.82
C ASP A 17 0.63 7.84 -11.18
N PHE A 18 1.64 7.23 -10.58
CA PHE A 18 2.72 7.96 -9.93
C PHE A 18 4.09 7.49 -10.43
N ALA A 19 4.80 8.38 -11.11
CA ALA A 19 6.11 8.06 -11.64
C ALA A 19 7.20 8.31 -10.60
N ALA A 20 7.72 7.23 -10.01
CA ALA A 20 8.76 7.34 -9.00
C ALA A 20 10.14 7.28 -9.63
N GLU A 21 10.92 8.36 -9.48
CA GLU A 21 12.25 8.42 -10.04
C GLU A 21 12.99 7.11 -9.86
N PRO A 22 13.82 6.74 -10.85
CA PRO A 22 14.59 5.50 -10.83
C PRO A 22 15.70 5.53 -9.78
N GLY A 23 16.09 6.73 -9.38
CA GLY A 23 17.15 6.87 -8.39
C GLY A 23 16.66 7.55 -7.13
N ASN A 24 15.82 6.86 -6.37
CA ASN A 24 15.28 7.40 -5.13
C ASN A 24 14.61 6.32 -4.29
N ASN A 25 14.14 6.69 -3.11
CA ASN A 25 13.48 5.75 -2.22
C ASN A 25 11.97 5.74 -2.46
N GLU A 26 11.58 5.81 -3.73
CA GLU A 26 10.17 5.80 -4.09
C GLU A 26 9.84 4.61 -4.98
N LEU A 27 8.57 4.22 -4.98
CA LEU A 27 8.12 3.09 -5.80
C LEU A 27 7.17 3.55 -6.90
N THR A 28 7.34 3.01 -8.10
CA THR A 28 6.51 3.37 -9.23
C THR A 28 5.20 2.57 -9.22
N VAL A 29 4.09 3.25 -9.44
CA VAL A 29 2.78 2.61 -9.45
C VAL A 29 1.95 3.08 -10.65
N THR A 30 0.90 2.32 -10.96
CA THR A 30 0.03 2.66 -12.08
C THR A 30 -1.43 2.72 -11.64
N GLU A 31 -2.23 3.50 -12.37
CA GLU A 31 -3.63 3.65 -12.04
C GLU A 31 -4.37 2.33 -12.18
N GLY A 32 -4.68 1.70 -11.05
CA GLY A 32 -5.37 0.43 -11.07
C GLY A 32 -4.54 -0.70 -10.48
N GLU A 33 -3.27 -0.41 -10.21
CA GLU A 33 -2.37 -1.41 -9.65
C GLU A 33 -2.59 -1.55 -8.14
N ILE A 34 -2.36 -2.75 -7.62
CA ILE A 34 -2.53 -3.01 -6.20
C ILE A 34 -1.19 -3.34 -5.54
N ILE A 35 -0.95 -2.74 -4.38
CA ILE A 35 0.29 -2.98 -3.64
C ILE A 35 0.01 -3.24 -2.17
N THR A 36 1.05 -3.65 -1.45
CA THR A 36 0.92 -3.94 -0.02
C THR A 36 1.41 -2.77 0.82
N VAL A 37 0.63 -2.41 1.85
CA VAL A 37 0.99 -1.31 2.73
C VAL A 37 1.63 -1.82 4.01
N THR A 38 2.84 -1.34 4.29
CA THR A 38 3.57 -1.76 5.48
C THR A 38 3.61 -0.62 6.52
N ASN A 39 3.99 0.57 6.07
CA ASN A 39 4.07 1.73 6.95
C ASN A 39 3.18 2.85 6.45
N PRO A 40 1.88 2.75 6.75
CA PRO A 40 0.89 3.75 6.35
C PRO A 40 1.07 5.07 7.10
N ASN A 41 1.81 5.04 8.20
CA ASN A 41 2.06 6.23 9.00
C ASN A 41 3.55 6.59 9.00
N VAL A 42 3.97 7.34 7.99
CA VAL A 42 5.37 7.75 7.87
C VAL A 42 5.58 9.13 8.50
N GLY A 43 4.85 10.12 7.99
CA GLY A 43 4.97 11.47 8.51
C GLY A 43 4.56 12.51 7.50
N GLY A 44 3.74 13.47 7.93
CA GLY A 44 3.28 14.51 7.04
C GLY A 44 2.09 14.09 6.20
N GLY A 45 2.13 12.87 5.67
CA GLY A 45 1.04 12.38 4.85
C GLY A 45 1.51 11.42 3.79
N TRP A 46 2.45 10.54 4.14
CA TRP A 46 2.99 9.57 3.20
C TRP A 46 2.81 8.15 3.72
N LEU A 47 3.11 7.17 2.88
CA LEU A 47 3.00 5.77 3.26
C LEU A 47 4.08 4.93 2.57
N GLU A 48 4.42 3.80 3.19
CA GLU A 48 5.42 2.91 2.65
C GLU A 48 4.79 1.62 2.11
N GLY A 49 5.02 1.35 0.83
CA GLY A 49 4.47 0.15 0.21
C GLY A 49 5.53 -0.68 -0.48
N LYS A 50 5.29 -1.99 -0.56
CA LYS A 50 6.22 -2.90 -1.22
C LYS A 50 5.58 -3.55 -2.44
N ASN A 51 6.38 -3.73 -3.49
CA ASN A 51 5.89 -4.34 -4.72
C ASN A 51 6.29 -5.81 -4.80
N ASN A 52 5.66 -6.55 -5.70
CA ASN A 52 5.95 -7.96 -5.87
C ASN A 52 7.46 -8.20 -6.01
N LYS A 53 8.12 -7.29 -6.70
CA LYS A 53 9.57 -7.40 -6.91
C LYS A 53 10.29 -7.54 -5.58
N GLY A 54 9.73 -6.93 -4.53
CA GLY A 54 10.35 -7.00 -3.22
C GLY A 54 10.96 -5.67 -2.80
N GLU A 55 10.81 -4.66 -3.64
CA GLU A 55 11.35 -3.34 -3.35
C GLU A 55 10.33 -2.49 -2.59
N GLN A 56 10.83 -1.66 -1.67
CA GLN A 56 9.97 -0.79 -0.88
C GLN A 56 10.24 0.68 -1.18
N GLY A 57 9.18 1.48 -1.23
CA GLY A 57 9.32 2.89 -1.51
C GLY A 57 8.23 3.73 -0.88
N LEU A 58 8.47 5.03 -0.78
CA LEU A 58 7.49 5.94 -0.18
C LEU A 58 6.53 6.47 -1.24
N VAL A 59 5.24 6.39 -0.95
CA VAL A 59 4.23 6.88 -1.88
C VAL A 59 3.24 7.81 -1.18
N PRO A 60 2.86 8.89 -1.87
CA PRO A 60 1.92 9.88 -1.34
C PRO A 60 0.50 9.33 -1.23
N THR A 61 -0.06 9.38 -0.02
CA THR A 61 -1.41 8.89 0.21
C THR A 61 -2.41 9.56 -0.71
N ASP A 62 -2.04 10.74 -1.23
CA ASP A 62 -2.90 11.49 -2.12
C ASP A 62 -3.05 10.77 -3.46
N TYR A 63 -2.03 10.01 -3.84
CA TYR A 63 -2.05 9.28 -5.09
C TYR A 63 -2.67 7.89 -4.91
N VAL A 64 -2.79 7.46 -3.66
CA VAL A 64 -3.37 6.16 -3.34
C VAL A 64 -4.11 6.20 -2.01
N GLU A 65 -5.36 5.76 -2.02
CA GLU A 65 -6.17 5.74 -0.82
C GLU A 65 -6.38 4.32 -0.31
N ILE A 66 -5.85 4.03 0.87
CA ILE A 66 -5.96 2.71 1.47
C ILE A 66 -7.42 2.28 1.56
N LEU A 67 -7.70 1.04 1.16
CA LEU A 67 -9.05 0.50 1.21
C LEU A 67 -9.32 -0.19 2.54
N PRO A 68 -10.56 -0.08 3.03
CA PRO A 68 -10.98 -0.70 4.29
C PRO A 68 -11.05 -2.21 4.21
N ASN A 69 -11.30 -2.85 5.34
CA ASN A 69 -11.40 -4.30 5.39
C ASN A 69 -12.76 -4.75 5.93
N ASP A 70 -13.48 -5.51 5.12
CA ASP A 70 -14.80 -6.00 5.51
C ASP A 70 -14.68 -7.20 6.46
N GLY A 71 -15.52 -7.22 7.49
CA GLY A 71 -15.49 -8.30 8.44
C GLY A 71 -14.68 -7.95 9.68
N LYS A 72 -15.37 -7.45 10.71
CA LYS A 72 -14.71 -7.08 11.95
C LYS A 72 -15.09 -8.05 13.07
N ASP A 73 -14.08 -8.70 13.64
CA ASP A 73 -14.31 -9.66 14.73
C ASP A 73 -15.33 -9.11 15.72
N PRO A 74 -16.20 -10.00 16.23
CA PRO A 74 -17.23 -9.62 17.21
C PRO A 74 -16.64 -9.28 18.56
N PHE A 75 -17.47 -8.72 19.44
CA PHE A 75 -17.03 -8.34 20.78
C PHE A 75 -18.18 -8.46 21.78
N SER A 76 -18.03 -9.36 22.73
CA SER A 76 -19.05 -9.57 23.76
C SER A 76 -19.48 -8.26 24.39
N CYS A 77 -18.60 -7.70 25.22
CA CYS A 77 -18.87 -6.44 25.90
C CYS A 77 -19.63 -5.49 24.98
N GLY A 1 7.66 -23.67 -0.05
CA GLY A 1 6.64 -24.30 0.77
C GLY A 1 5.97 -23.32 1.71
N SER A 2 4.63 -23.31 1.68
CA SER A 2 3.88 -22.42 2.54
C SER A 2 2.68 -23.14 3.15
N SER A 3 2.13 -22.57 4.23
CA SER A 3 0.99 -23.16 4.90
C SER A 3 -0.31 -22.47 4.48
N GLY A 4 -0.40 -21.18 4.76
CA GLY A 4 -1.60 -20.43 4.41
C GLY A 4 -2.31 -19.87 5.62
N SER A 5 -1.55 -19.31 6.56
CA SER A 5 -2.12 -18.75 7.77
C SER A 5 -2.89 -17.47 7.46
N SER A 6 -4.11 -17.37 8.01
CA SER A 6 -4.94 -16.20 7.79
C SER A 6 -4.33 -14.95 8.42
N GLY A 7 -3.95 -13.99 7.58
CA GLY A 7 -3.36 -12.77 8.06
C GLY A 7 -4.09 -11.53 7.59
N MET A 8 -4.12 -10.50 8.43
CA MET A 8 -4.80 -9.26 8.09
C MET A 8 -3.85 -8.29 7.40
N ALA A 9 -3.79 -8.36 6.07
CA ALA A 9 -2.92 -7.49 5.29
C ALA A 9 -3.71 -6.35 4.66
N THR A 10 -3.22 -5.13 4.83
CA THR A 10 -3.88 -3.96 4.28
C THR A 10 -3.48 -3.73 2.83
N LYS A 11 -4.36 -3.12 2.06
CA LYS A 11 -4.09 -2.84 0.65
C LYS A 11 -4.56 -1.44 0.27
N ALA A 12 -4.03 -0.93 -0.83
CA ALA A 12 -4.40 0.40 -1.30
C ALA A 12 -4.54 0.43 -2.81
N ARG A 13 -5.47 1.26 -3.30
CA ARG A 13 -5.71 1.37 -4.74
C ARG A 13 -5.18 2.69 -5.28
N VAL A 14 -4.39 2.61 -6.34
CA VAL A 14 -3.81 3.80 -6.95
C VAL A 14 -4.86 4.56 -7.78
N MET A 15 -5.03 5.83 -7.48
CA MET A 15 -5.98 6.67 -8.20
C MET A 15 -5.34 7.32 -9.43
N TYR A 16 -4.04 7.57 -9.33
CA TYR A 16 -3.30 8.20 -10.42
C TYR A 16 -1.93 7.54 -10.61
N ASP A 17 -1.51 7.43 -11.86
CA ASP A 17 -0.22 6.83 -12.17
C ASP A 17 0.92 7.62 -11.56
N PHE A 18 1.71 6.97 -10.72
CA PHE A 18 2.84 7.61 -10.05
C PHE A 18 4.16 6.95 -10.46
N ALA A 19 5.13 7.78 -10.84
CA ALA A 19 6.44 7.28 -11.25
C ALA A 19 7.52 7.70 -10.27
N ALA A 20 8.19 6.73 -9.67
CA ALA A 20 9.25 7.00 -8.70
C ALA A 20 10.59 7.25 -9.41
N GLU A 21 11.00 8.52 -9.44
CA GLU A 21 12.26 8.90 -10.08
C GLU A 21 13.43 8.13 -9.48
N PRO A 22 14.37 7.72 -10.34
CA PRO A 22 15.56 6.96 -9.92
C PRO A 22 16.53 7.82 -9.11
N GLY A 23 16.36 7.83 -7.79
CA GLY A 23 17.23 8.61 -6.93
C GLY A 23 16.61 8.87 -5.57
N ASN A 24 15.29 8.93 -5.52
CA ASN A 24 14.58 9.17 -4.27
C ASN A 24 13.88 7.90 -3.78
N ASN A 25 13.69 7.81 -2.47
CA ASN A 25 13.04 6.65 -1.87
C ASN A 25 11.56 6.60 -2.24
N GLU A 26 11.28 6.31 -3.52
CA GLU A 26 9.91 6.24 -4.00
C GLU A 26 9.70 4.98 -4.83
N LEU A 27 8.46 4.54 -4.92
CA LEU A 27 8.12 3.34 -5.68
C LEU A 27 7.27 3.70 -6.90
N THR A 28 7.44 2.94 -7.98
CA THR A 28 6.70 3.17 -9.21
C THR A 28 5.38 2.40 -9.21
N VAL A 29 4.28 3.13 -9.24
CA VAL A 29 2.95 2.53 -9.24
C VAL A 29 2.10 3.07 -10.38
N THR A 30 0.95 2.43 -10.62
CA THR A 30 0.04 2.85 -11.67
C THR A 30 -1.41 2.78 -11.22
N GLU A 31 -2.25 3.62 -11.82
CA GLU A 31 -3.67 3.65 -11.46
C GLU A 31 -4.33 2.30 -11.73
N GLY A 32 -4.75 1.63 -10.67
CA GLY A 32 -5.39 0.34 -10.80
C GLY A 32 -4.56 -0.79 -10.21
N GLU A 33 -3.28 -0.52 -9.99
CA GLU A 33 -2.37 -1.51 -9.43
C GLU A 33 -2.49 -1.56 -7.90
N ILE A 34 -2.64 -2.77 -7.37
CA ILE A 34 -2.77 -2.96 -5.93
C ILE A 34 -1.44 -3.38 -5.31
N ILE A 35 -1.08 -2.73 -4.21
CA ILE A 35 0.17 -3.05 -3.52
C ILE A 35 -0.07 -3.31 -2.04
N THR A 36 0.98 -3.73 -1.35
CA THR A 36 0.88 -4.02 0.08
C THR A 36 1.36 -2.85 0.92
N VAL A 37 0.57 -2.47 1.91
CA VAL A 37 0.91 -1.36 2.79
C VAL A 37 1.68 -1.83 4.01
N THR A 38 2.88 -1.31 4.20
CA THR A 38 3.72 -1.68 5.33
C THR A 38 3.86 -0.53 6.32
N ASN A 39 4.12 0.67 5.81
CA ASN A 39 4.27 1.84 6.65
C ASN A 39 3.28 2.93 6.25
N PRO A 40 2.03 2.80 6.71
CA PRO A 40 0.97 3.76 6.40
C PRO A 40 1.19 5.10 7.10
N ASN A 41 2.06 5.12 8.09
CA ASN A 41 2.37 6.33 8.84
C ASN A 41 3.87 6.62 8.82
N VAL A 42 4.39 6.95 7.65
CA VAL A 42 5.81 7.25 7.50
C VAL A 42 6.25 8.35 8.47
N GLY A 43 5.76 9.56 8.24
CA GLY A 43 6.10 10.68 9.10
C GLY A 43 5.93 12.02 8.41
N GLY A 44 4.90 12.12 7.59
CA GLY A 44 4.64 13.36 6.88
C GLY A 44 3.51 13.24 5.88
N GLY A 45 2.55 12.37 6.18
CA GLY A 45 1.42 12.17 5.29
C GLY A 45 1.75 11.25 4.13
N TRP A 46 2.80 10.45 4.29
CA TRP A 46 3.22 9.52 3.26
C TRP A 46 3.22 8.08 3.77
N LEU A 47 3.00 7.14 2.86
CA LEU A 47 2.97 5.73 3.22
C LEU A 47 4.06 4.94 2.48
N GLU A 48 4.39 3.76 3.00
CA GLU A 48 5.41 2.93 2.39
C GLU A 48 4.82 1.58 1.98
N GLY A 49 5.04 1.20 0.71
CA GLY A 49 4.52 -0.06 0.21
C GLY A 49 5.58 -0.86 -0.51
N LYS A 50 5.35 -2.17 -0.63
CA LYS A 50 6.29 -3.05 -1.31
C LYS A 50 5.67 -3.63 -2.59
N ASN A 51 6.48 -3.72 -3.63
CA ASN A 51 6.02 -4.25 -4.91
C ASN A 51 6.43 -5.72 -5.07
N ASN A 52 5.94 -6.35 -6.14
CA ASN A 52 6.26 -7.75 -6.41
C ASN A 52 7.75 -8.01 -6.22
N LYS A 53 8.58 -7.31 -6.99
CA LYS A 53 10.02 -7.48 -6.92
C LYS A 53 10.48 -7.55 -5.46
N GLY A 54 9.68 -6.98 -4.56
CA GLY A 54 10.02 -6.99 -3.16
C GLY A 54 10.67 -5.70 -2.71
N GLU A 55 10.60 -4.67 -3.55
CA GLU A 55 11.19 -3.38 -3.23
C GLU A 55 10.17 -2.46 -2.57
N GLN A 56 10.65 -1.57 -1.71
CA GLN A 56 9.77 -0.64 -1.01
C GLN A 56 10.09 0.80 -1.41
N GLY A 57 9.09 1.68 -1.28
CA GLY A 57 9.27 3.07 -1.63
C GLY A 57 8.21 3.97 -1.04
N LEU A 58 8.53 5.25 -0.90
CA LEU A 58 7.60 6.22 -0.33
C LEU A 58 6.58 6.67 -1.38
N VAL A 59 5.29 6.57 -1.03
CA VAL A 59 4.23 6.97 -1.93
C VAL A 59 3.24 7.90 -1.24
N PRO A 60 2.79 8.94 -1.96
CA PRO A 60 1.84 9.92 -1.43
C PRO A 60 0.46 9.33 -1.24
N THR A 61 -0.11 9.53 -0.04
CA THR A 61 -1.43 9.01 0.27
C THR A 61 -2.50 9.71 -0.57
N ASP A 62 -2.11 10.79 -1.25
CA ASP A 62 -3.03 11.53 -2.09
C ASP A 62 -3.20 10.86 -3.45
N TYR A 63 -2.26 10.00 -3.79
CA TYR A 63 -2.30 9.28 -5.07
C TYR A 63 -2.96 7.93 -4.92
N VAL A 64 -3.18 7.52 -3.68
CA VAL A 64 -3.81 6.23 -3.39
C VAL A 64 -4.79 6.35 -2.22
N GLU A 65 -5.75 5.43 -2.17
CA GLU A 65 -6.75 5.43 -1.10
C GLU A 65 -6.85 4.06 -0.46
N ILE A 66 -6.16 3.87 0.67
CA ILE A 66 -6.18 2.60 1.38
C ILE A 66 -7.60 2.08 1.53
N LEU A 67 -7.78 0.79 1.25
CA LEU A 67 -9.10 0.17 1.35
C LEU A 67 -9.29 -0.45 2.73
N PRO A 68 -10.53 -0.39 3.24
CA PRO A 68 -10.87 -0.94 4.55
C PRO A 68 -10.85 -2.46 4.57
N ASN A 69 -11.25 -3.05 5.69
CA ASN A 69 -11.27 -4.50 5.83
C ASN A 69 -12.67 -4.99 6.20
N ASP A 70 -12.99 -6.21 5.77
CA ASP A 70 -14.30 -6.79 6.06
C ASP A 70 -14.28 -7.57 7.37
N GLY A 71 -14.85 -6.99 8.41
CA GLY A 71 -14.89 -7.64 9.71
C GLY A 71 -13.56 -7.53 10.44
N LYS A 72 -13.61 -6.98 11.64
CA LYS A 72 -12.39 -6.82 12.46
C LYS A 72 -12.22 -7.99 13.41
N ASP A 73 -11.00 -8.48 13.53
CA ASP A 73 -10.70 -9.61 14.40
C ASP A 73 -10.93 -9.23 15.87
N PRO A 74 -11.26 -10.23 16.69
CA PRO A 74 -11.50 -10.03 18.12
C PRO A 74 -10.23 -9.68 18.89
N PHE A 75 -9.12 -9.59 18.17
CA PHE A 75 -7.84 -9.26 18.78
C PHE A 75 -8.02 -8.29 19.94
N SER A 76 -8.73 -7.20 19.68
CA SER A 76 -8.98 -6.19 20.70
C SER A 76 -9.82 -6.75 21.84
N CYS A 77 -9.17 -7.10 22.94
CA CYS A 77 -9.85 -7.66 24.10
C CYS A 77 -10.49 -6.56 24.94
N GLY A 1 1.89 -24.15 16.35
CA GLY A 1 2.76 -25.31 16.31
C GLY A 1 4.22 -24.95 16.55
N SER A 2 4.91 -24.57 15.48
CA SER A 2 6.32 -24.20 15.57
C SER A 2 6.48 -22.81 16.18
N SER A 3 5.68 -21.86 15.69
CA SER A 3 5.74 -20.49 16.18
C SER A 3 4.40 -19.79 15.96
N GLY A 4 4.33 -18.53 16.39
CA GLY A 4 3.11 -17.76 16.24
C GLY A 4 3.25 -16.63 15.25
N SER A 5 3.21 -16.96 13.96
CA SER A 5 3.34 -15.96 12.91
C SER A 5 2.30 -14.86 13.07
N SER A 6 2.71 -13.62 12.84
CA SER A 6 1.82 -12.47 12.96
C SER A 6 2.27 -11.32 12.07
N GLY A 7 1.50 -11.05 11.03
CA GLY A 7 1.84 -9.97 10.11
C GLY A 7 0.63 -9.14 9.73
N MET A 8 0.86 -7.84 9.51
CA MET A 8 -0.21 -6.93 9.14
C MET A 8 -0.53 -7.05 7.64
N ALA A 9 -1.82 -7.21 7.34
CA ALA A 9 -2.24 -7.33 5.95
C ALA A 9 -3.03 -6.10 5.51
N THR A 10 -2.38 -5.23 4.75
CA THR A 10 -3.02 -4.01 4.27
C THR A 10 -2.66 -3.74 2.81
N LYS A 11 -3.64 -3.29 2.04
CA LYS A 11 -3.43 -3.00 0.63
C LYS A 11 -3.95 -1.61 0.28
N ALA A 12 -3.54 -1.11 -0.88
CA ALA A 12 -3.96 0.21 -1.33
C ALA A 12 -4.07 0.27 -2.85
N ARG A 13 -5.09 0.97 -3.34
CA ARG A 13 -5.30 1.09 -4.78
C ARG A 13 -4.76 2.43 -5.30
N VAL A 14 -4.06 2.38 -6.43
CA VAL A 14 -3.50 3.58 -7.02
C VAL A 14 -4.52 4.31 -7.88
N MET A 15 -5.00 5.45 -7.40
CA MET A 15 -5.99 6.24 -8.13
C MET A 15 -5.34 6.96 -9.30
N TYR A 16 -4.04 7.21 -9.20
CA TYR A 16 -3.31 7.89 -10.25
C TYR A 16 -1.85 7.46 -10.27
N ASP A 17 -1.33 7.16 -11.46
CA ASP A 17 0.04 6.74 -11.62
C ASP A 17 1.00 7.76 -11.02
N PHE A 18 1.87 7.30 -10.13
CA PHE A 18 2.83 8.18 -9.47
C PHE A 18 4.25 7.85 -9.93
N ALA A 19 4.63 8.37 -11.10
CA ALA A 19 5.95 8.13 -11.64
C ALA A 19 7.04 8.57 -10.67
N ALA A 20 7.56 7.61 -9.90
CA ALA A 20 8.59 7.91 -8.92
C ALA A 20 9.99 7.68 -9.52
N GLU A 21 10.92 8.57 -9.17
CA GLU A 21 12.28 8.46 -9.67
C GLU A 21 13.11 7.48 -8.83
N PRO A 22 13.95 6.70 -9.50
CA PRO A 22 14.81 5.71 -8.84
C PRO A 22 15.91 6.35 -8.02
N GLY A 23 15.68 6.48 -6.72
CA GLY A 23 16.66 7.09 -5.84
C GLY A 23 16.04 7.96 -4.77
N ASN A 24 14.88 8.54 -5.08
CA ASN A 24 14.18 9.40 -4.14
C ASN A 24 13.38 8.57 -3.14
N ASN A 25 13.67 7.28 -3.09
CA ASN A 25 12.97 6.38 -2.17
C ASN A 25 11.47 6.36 -2.46
N GLU A 26 11.13 6.24 -3.73
CA GLU A 26 9.73 6.21 -4.14
C GLU A 26 9.50 5.13 -5.20
N LEU A 27 8.43 4.36 -5.02
CA LEU A 27 8.09 3.29 -5.95
C LEU A 27 7.21 3.80 -7.08
N THR A 28 7.43 3.28 -8.28
CA THR A 28 6.66 3.69 -9.44
C THR A 28 5.44 2.80 -9.64
N VAL A 29 4.26 3.40 -9.58
CA VAL A 29 3.01 2.66 -9.75
C VAL A 29 2.15 3.27 -10.85
N THR A 30 1.00 2.66 -11.10
CA THR A 30 0.09 3.14 -12.13
C THR A 30 -1.36 3.02 -11.68
N GLU A 31 -2.28 3.60 -12.45
CA GLU A 31 -3.69 3.56 -12.13
C GLU A 31 -4.22 2.13 -12.18
N GLY A 32 -4.46 1.54 -11.01
CA GLY A 32 -4.96 0.19 -10.95
C GLY A 32 -3.95 -0.78 -10.37
N GLU A 33 -2.78 -0.26 -10.00
CA GLU A 33 -1.72 -1.09 -9.43
C GLU A 33 -1.98 -1.35 -7.95
N ILE A 34 -1.88 -2.62 -7.56
CA ILE A 34 -2.10 -3.01 -6.16
C ILE A 34 -0.78 -3.34 -5.47
N ILE A 35 -0.60 -2.79 -4.28
CA ILE A 35 0.62 -3.02 -3.51
C ILE A 35 0.29 -3.26 -2.04
N THR A 36 1.28 -3.75 -1.30
CA THR A 36 1.11 -4.03 0.13
C THR A 36 1.61 -2.86 0.97
N VAL A 37 0.74 -2.34 1.84
CA VAL A 37 1.10 -1.23 2.71
C VAL A 37 1.70 -1.72 4.01
N THR A 38 2.83 -1.13 4.40
CA THR A 38 3.51 -1.50 5.62
C THR A 38 3.54 -0.35 6.62
N ASN A 39 3.99 0.81 6.14
CA ASN A 39 4.07 2.00 6.99
C ASN A 39 3.21 3.12 6.42
N PRO A 40 1.89 3.06 6.71
CA PRO A 40 0.93 4.07 6.24
C PRO A 40 1.11 5.40 6.95
N ASN A 41 1.83 5.39 8.06
CA ASN A 41 2.08 6.60 8.84
C ASN A 41 3.57 6.93 8.85
N VAL A 42 4.09 7.40 7.72
CA VAL A 42 5.49 7.76 7.61
C VAL A 42 5.76 9.13 8.22
N GLY A 43 4.92 10.10 7.87
CA GLY A 43 5.09 11.44 8.39
C GLY A 43 4.69 12.51 7.39
N GLY A 44 3.72 13.35 7.76
CA GLY A 44 3.27 14.40 6.87
C GLY A 44 2.08 13.96 6.02
N GLY A 45 2.08 12.70 5.62
CA GLY A 45 0.99 12.19 4.81
C GLY A 45 1.46 11.23 3.73
N TRP A 46 2.40 10.35 4.10
CA TRP A 46 2.94 9.39 3.15
C TRP A 46 2.76 7.97 3.66
N LEU A 47 3.06 6.99 2.81
CA LEU A 47 2.91 5.59 3.18
C LEU A 47 3.97 4.73 2.47
N GLU A 48 4.46 3.71 3.17
CA GLU A 48 5.47 2.82 2.60
C GLU A 48 4.84 1.51 2.14
N GLY A 49 4.95 1.24 0.85
CA GLY A 49 4.38 0.01 0.30
C GLY A 49 5.42 -0.84 -0.41
N LYS A 50 5.13 -2.13 -0.56
CA LYS A 50 6.04 -3.05 -1.23
C LYS A 50 5.29 -3.93 -2.22
N ASN A 51 5.80 -3.99 -3.45
CA ASN A 51 5.19 -4.80 -4.49
C ASN A 51 5.72 -6.22 -4.47
N ASN A 52 5.04 -7.12 -5.17
CA ASN A 52 5.45 -8.52 -5.24
C ASN A 52 6.93 -8.63 -5.60
N LYS A 53 7.38 -7.80 -6.54
CA LYS A 53 8.76 -7.81 -6.98
C LYS A 53 9.71 -7.76 -5.77
N GLY A 54 9.27 -7.11 -4.70
CA GLY A 54 10.08 -7.00 -3.51
C GLY A 54 10.58 -5.58 -3.28
N GLU A 55 10.23 -4.68 -4.18
CA GLU A 55 10.65 -3.29 -4.08
C GLU A 55 9.74 -2.52 -3.12
N GLN A 56 10.35 -1.69 -2.29
CA GLN A 56 9.60 -0.88 -1.31
C GLN A 56 10.02 0.58 -1.37
N GLY A 57 9.03 1.47 -1.39
CA GLY A 57 9.32 2.89 -1.45
C GLY A 57 8.20 3.73 -0.87
N LEU A 58 8.47 5.02 -0.68
CA LEU A 58 7.47 5.92 -0.12
C LEU A 58 6.48 6.38 -1.19
N VAL A 59 5.20 6.40 -0.84
CA VAL A 59 4.16 6.82 -1.77
C VAL A 59 3.20 7.81 -1.11
N PRO A 60 2.81 8.85 -1.88
CA PRO A 60 1.90 9.88 -1.40
C PRO A 60 0.48 9.36 -1.21
N THR A 61 -0.05 9.51 0.00
CA THR A 61 -1.39 9.06 0.32
C THR A 61 -2.44 9.82 -0.49
N ASP A 62 -2.00 10.87 -1.18
CA ASP A 62 -2.90 11.69 -1.99
C ASP A 62 -3.17 11.01 -3.34
N TYR A 63 -2.25 10.14 -3.76
CA TYR A 63 -2.39 9.44 -5.03
C TYR A 63 -3.08 8.09 -4.82
N VAL A 64 -2.76 7.43 -3.71
CA VAL A 64 -3.35 6.13 -3.40
C VAL A 64 -4.24 6.22 -2.18
N GLU A 65 -5.30 5.40 -2.16
CA GLU A 65 -6.23 5.38 -1.04
C GLU A 65 -6.33 3.98 -0.43
N ILE A 66 -5.63 3.78 0.68
CA ILE A 66 -5.64 2.49 1.36
C ILE A 66 -7.07 1.97 1.53
N LEU A 67 -7.24 0.66 1.35
CA LEU A 67 -8.55 0.03 1.49
C LEU A 67 -8.67 -0.68 2.82
N PRO A 68 -9.90 -0.75 3.35
CA PRO A 68 -10.18 -1.41 4.63
C PRO A 68 -10.04 -2.93 4.53
N ASN A 69 -9.28 -3.50 5.45
CA ASN A 69 -9.06 -4.95 5.47
C ASN A 69 -10.39 -5.69 5.56
N ASP A 70 -10.47 -6.83 4.88
CA ASP A 70 -11.68 -7.65 4.89
C ASP A 70 -11.34 -9.12 5.01
N GLY A 71 -11.95 -9.79 5.99
CA GLY A 71 -11.70 -11.21 6.19
C GLY A 71 -12.43 -11.76 7.40
N LYS A 72 -11.84 -11.58 8.58
CA LYS A 72 -12.44 -12.06 9.81
C LYS A 72 -12.77 -10.90 10.74
N ASP A 73 -14.03 -10.82 11.16
CA ASP A 73 -14.48 -9.77 12.06
C ASP A 73 -14.15 -10.11 13.50
N PRO A 74 -13.81 -9.08 14.29
CA PRO A 74 -13.46 -9.25 15.70
C PRO A 74 -14.68 -9.60 16.56
N PHE A 75 -14.43 -9.91 17.83
CA PHE A 75 -15.51 -10.26 18.74
C PHE A 75 -15.73 -9.17 19.79
N SER A 76 -16.95 -8.64 19.83
CA SER A 76 -17.29 -7.58 20.77
C SER A 76 -16.67 -7.85 22.14
N CYS A 77 -16.03 -6.83 22.71
CA CYS A 77 -15.39 -6.96 24.02
C CYS A 77 -16.43 -7.14 25.11
N GLY A 1 -10.34 -12.24 21.98
CA GLY A 1 -8.90 -12.30 21.93
C GLY A 1 -8.39 -13.42 21.03
N SER A 2 -7.38 -14.13 21.51
CA SER A 2 -6.79 -15.23 20.74
C SER A 2 -6.27 -14.74 19.40
N SER A 3 -5.61 -13.59 19.41
CA SER A 3 -5.07 -13.00 18.19
C SER A 3 -3.58 -13.30 18.06
N GLY A 4 -3.25 -14.35 17.31
CA GLY A 4 -1.86 -14.73 17.13
C GLY A 4 -1.65 -15.57 15.88
N SER A 5 -2.54 -16.52 15.66
CA SER A 5 -2.44 -17.41 14.51
C SER A 5 -2.24 -16.60 13.23
N SER A 6 -3.08 -15.58 13.04
CA SER A 6 -3.00 -14.74 11.85
C SER A 6 -2.56 -13.32 12.22
N GLY A 7 -1.85 -12.67 11.31
CA GLY A 7 -1.37 -11.32 11.56
C GLY A 7 -2.29 -10.27 10.97
N MET A 8 -1.73 -9.09 10.69
CA MET A 8 -2.50 -8.00 10.12
C MET A 8 -1.94 -7.59 8.76
N ALA A 9 -2.83 -7.31 7.81
CA ALA A 9 -2.41 -6.90 6.48
C ALA A 9 -3.18 -5.66 6.02
N THR A 10 -2.53 -4.85 5.19
CA THR A 10 -3.15 -3.63 4.68
C THR A 10 -2.82 -3.42 3.21
N LYS A 11 -3.77 -2.88 2.46
CA LYS A 11 -3.58 -2.61 1.04
C LYS A 11 -4.11 -1.24 0.66
N ALA A 12 -3.83 -0.82 -0.56
CA ALA A 12 -4.27 0.48 -1.06
C ALA A 12 -4.40 0.49 -2.57
N ARG A 13 -5.36 1.25 -3.08
CA ARG A 13 -5.59 1.34 -4.52
C ARG A 13 -4.95 2.59 -5.09
N VAL A 14 -4.40 2.48 -6.30
CA VAL A 14 -3.75 3.61 -6.96
C VAL A 14 -4.77 4.44 -7.74
N MET A 15 -4.98 5.67 -7.29
CA MET A 15 -5.92 6.57 -7.96
C MET A 15 -5.29 7.22 -9.18
N TYR A 16 -4.02 7.58 -9.06
CA TYR A 16 -3.29 8.21 -10.15
C TYR A 16 -1.89 7.63 -10.29
N ASP A 17 -1.64 6.96 -11.42
CA ASP A 17 -0.33 6.36 -11.67
C ASP A 17 0.79 7.29 -11.23
N PHE A 18 1.56 6.84 -10.25
CA PHE A 18 2.67 7.63 -9.72
C PHE A 18 4.01 7.09 -10.24
N ALA A 19 4.64 7.84 -11.14
CA ALA A 19 5.92 7.44 -11.71
C ALA A 19 7.06 7.85 -10.80
N ALA A 20 7.48 6.92 -9.93
CA ALA A 20 8.58 7.20 -9.01
C ALA A 20 9.93 6.93 -9.66
N GLU A 21 10.84 7.88 -9.52
CA GLU A 21 12.18 7.76 -10.10
C GLU A 21 13.10 6.95 -9.18
N PRO A 22 13.98 6.15 -9.79
CA PRO A 22 14.93 5.32 -9.04
C PRO A 22 16.01 6.14 -8.36
N GLY A 23 15.99 6.15 -7.03
CA GLY A 23 16.97 6.91 -6.27
C GLY A 23 16.33 7.86 -5.28
N ASN A 24 15.08 8.24 -5.55
CA ASN A 24 14.36 9.16 -4.68
C ASN A 24 13.64 8.41 -3.56
N ASN A 25 14.07 7.17 -3.32
CA ASN A 25 13.47 6.34 -2.29
C ASN A 25 11.95 6.27 -2.47
N GLU A 26 11.51 6.24 -3.72
CA GLU A 26 10.08 6.17 -4.02
C GLU A 26 9.76 4.92 -4.82
N LEU A 27 8.53 4.43 -4.67
CA LEU A 27 8.09 3.23 -5.37
C LEU A 27 7.18 3.59 -6.54
N THR A 28 7.42 2.97 -7.69
CA THR A 28 6.62 3.22 -8.88
C THR A 28 5.35 2.37 -8.89
N VAL A 29 4.22 3.01 -9.14
CA VAL A 29 2.94 2.31 -9.17
C VAL A 29 2.07 2.82 -10.31
N THR A 30 1.07 2.02 -10.70
CA THR A 30 0.17 2.39 -11.77
C THR A 30 -1.28 2.39 -11.29
N GLU A 31 -2.09 3.28 -11.88
CA GLU A 31 -3.50 3.38 -11.50
C GLU A 31 -4.22 2.05 -11.70
N GLY A 32 -4.82 1.54 -10.64
CA GLY A 32 -5.53 0.28 -10.71
C GLY A 32 -4.74 -0.87 -10.14
N GLU A 33 -3.42 -0.70 -10.07
CA GLU A 33 -2.55 -1.74 -9.54
C GLU A 33 -2.58 -1.76 -8.01
N ILE A 34 -2.79 -2.94 -7.44
CA ILE A 34 -2.86 -3.08 -5.99
C ILE A 34 -1.52 -3.56 -5.43
N ILE A 35 -1.10 -2.94 -4.32
CA ILE A 35 0.16 -3.31 -3.68
C ILE A 35 -0.04 -3.58 -2.19
N THR A 36 1.03 -4.03 -1.54
CA THR A 36 0.97 -4.35 -0.12
C THR A 36 1.50 -3.18 0.72
N VAL A 37 0.69 -2.71 1.65
CA VAL A 37 1.06 -1.61 2.51
C VAL A 37 1.80 -2.11 3.75
N THR A 38 2.83 -1.37 4.15
CA THR A 38 3.62 -1.75 5.33
C THR A 38 3.68 -0.60 6.33
N ASN A 39 3.77 0.63 5.82
CA ASN A 39 3.84 1.81 6.67
C ASN A 39 2.80 2.84 6.25
N PRO A 40 1.56 2.67 6.75
CA PRO A 40 0.46 3.58 6.44
C PRO A 40 0.64 4.95 7.08
N ASN A 41 1.55 5.03 8.04
CA ASN A 41 1.81 6.30 8.73
C ASN A 41 3.32 6.57 8.80
N VAL A 42 3.86 7.11 7.71
CA VAL A 42 5.29 7.42 7.63
C VAL A 42 5.64 8.57 8.57
N GLY A 43 5.11 9.76 8.27
CA GLY A 43 5.39 10.92 9.09
C GLY A 43 5.35 12.21 8.29
N GLY A 44 4.29 12.41 7.52
CA GLY A 44 4.16 13.61 6.71
C GLY A 44 3.18 13.44 5.57
N GLY A 45 2.15 12.64 5.80
CA GLY A 45 1.15 12.42 4.77
C GLY A 45 1.64 11.48 3.68
N TRP A 46 2.34 10.43 4.07
CA TRP A 46 2.87 9.46 3.13
C TRP A 46 2.73 8.04 3.67
N LEU A 47 3.05 7.06 2.81
CA LEU A 47 2.96 5.66 3.22
C LEU A 47 4.02 4.83 2.50
N GLU A 48 4.45 3.74 3.14
CA GLU A 48 5.46 2.86 2.56
C GLU A 48 4.85 1.53 2.14
N GLY A 49 5.18 1.09 0.93
CA GLY A 49 4.65 -0.17 0.43
C GLY A 49 5.67 -0.95 -0.38
N LYS A 50 5.38 -2.21 -0.64
CA LYS A 50 6.26 -3.06 -1.42
C LYS A 50 5.61 -3.49 -2.73
N ASN A 51 6.44 -3.70 -3.76
CA ASN A 51 5.94 -4.11 -5.07
C ASN A 51 6.37 -5.55 -5.38
N ASN A 52 5.90 -6.05 -6.51
CA ASN A 52 6.23 -7.42 -6.94
C ASN A 52 7.74 -7.64 -6.87
N LYS A 53 8.51 -6.61 -7.23
CA LYS A 53 9.96 -6.71 -7.22
C LYS A 53 10.52 -6.42 -5.83
N GLY A 54 9.74 -6.77 -4.80
CA GLY A 54 10.16 -6.54 -3.43
C GLY A 54 10.79 -5.18 -3.25
N GLU A 55 10.23 -4.18 -3.91
CA GLU A 55 10.74 -2.81 -3.81
C GLU A 55 9.94 -1.99 -2.81
N GLN A 56 10.59 -1.56 -1.73
CA GLN A 56 9.93 -0.77 -0.70
C GLN A 56 10.37 0.69 -0.77
N GLY A 57 9.40 1.59 -0.89
CA GLY A 57 9.71 3.00 -0.97
C GLY A 57 8.58 3.87 -0.44
N LEU A 58 8.77 5.18 -0.46
CA LEU A 58 7.77 6.12 0.01
C LEU A 58 6.82 6.53 -1.12
N VAL A 59 5.54 6.63 -0.80
CA VAL A 59 4.53 7.02 -1.78
C VAL A 59 3.51 7.97 -1.18
N PRO A 60 3.12 8.99 -1.95
CA PRO A 60 2.13 9.99 -1.51
C PRO A 60 0.73 9.41 -1.41
N THR A 61 0.12 9.52 -0.23
CA THR A 61 -1.21 9.01 0.00
C THR A 61 -2.22 9.69 -0.92
N ASP A 62 -2.00 10.97 -1.19
CA ASP A 62 -2.89 11.74 -2.06
C ASP A 62 -3.04 11.06 -3.41
N TYR A 63 -2.05 10.25 -3.79
CA TYR A 63 -2.07 9.55 -5.06
C TYR A 63 -2.80 8.21 -4.93
N VAL A 64 -2.58 7.53 -3.81
CA VAL A 64 -3.21 6.24 -3.56
C VAL A 64 -4.10 6.29 -2.33
N GLU A 65 -5.35 5.86 -2.48
CA GLU A 65 -6.28 5.86 -1.37
C GLU A 65 -6.39 4.47 -0.74
N ILE A 66 -5.96 4.35 0.51
CA ILE A 66 -6.00 3.08 1.22
C ILE A 66 -7.42 2.57 1.34
N LEU A 67 -7.60 1.27 1.11
CA LEU A 67 -8.91 0.65 1.18
C LEU A 67 -9.18 0.10 2.58
N PRO A 68 -10.44 0.19 3.04
CA PRO A 68 -10.85 -0.29 4.36
C PRO A 68 -10.81 -1.81 4.46
N ASN A 69 -10.39 -2.46 3.37
CA ASN A 69 -10.31 -3.91 3.34
C ASN A 69 -9.94 -4.47 4.71
N ASP A 70 -10.73 -5.44 5.18
CA ASP A 70 -10.49 -6.06 6.48
C ASP A 70 -9.38 -7.11 6.37
N GLY A 71 -9.50 -8.00 5.40
CA GLY A 71 -8.51 -9.04 5.21
C GLY A 71 -9.01 -10.16 4.32
N LYS A 72 -8.96 -11.39 4.83
CA LYS A 72 -9.41 -12.56 4.08
C LYS A 72 -10.83 -12.95 4.48
N ASP A 73 -11.01 -13.27 5.76
CA ASP A 73 -12.32 -13.66 6.27
C ASP A 73 -13.09 -14.46 5.22
N PRO A 74 -12.47 -15.53 4.71
CA PRO A 74 -13.09 -16.39 3.69
C PRO A 74 -14.24 -17.21 4.25
N PHE A 75 -14.80 -18.09 3.42
CA PHE A 75 -15.92 -18.92 3.82
C PHE A 75 -15.56 -20.40 3.72
N SER A 76 -16.38 -21.26 4.31
CA SER A 76 -16.15 -22.70 4.29
C SER A 76 -17.41 -23.44 3.87
N CYS A 77 -17.28 -24.74 3.65
CA CYS A 77 -18.40 -25.58 3.24
C CYS A 77 -19.58 -25.39 4.20
N GLY A 1 8.17 -24.05 17.90
CA GLY A 1 8.14 -25.11 16.91
C GLY A 1 8.09 -24.58 15.49
N SER A 2 6.89 -24.43 14.96
CA SER A 2 6.71 -23.95 13.59
C SER A 2 6.97 -22.44 13.53
N SER A 3 7.42 -21.98 12.36
CA SER A 3 7.73 -20.56 12.16
C SER A 3 6.58 -19.70 12.68
N GLY A 4 6.80 -18.39 12.66
CA GLY A 4 5.78 -17.46 13.12
C GLY A 4 4.54 -17.47 12.24
N SER A 5 3.49 -16.79 12.70
CA SER A 5 2.24 -16.74 11.95
C SER A 5 2.11 -15.41 11.22
N SER A 6 1.08 -15.30 10.39
CA SER A 6 0.83 -14.08 9.63
C SER A 6 -0.28 -13.25 10.25
N GLY A 7 -0.08 -11.94 10.33
CA GLY A 7 -1.08 -11.07 10.91
C GLY A 7 -2.06 -10.55 9.87
N MET A 8 -2.65 -9.38 10.14
CA MET A 8 -3.61 -8.78 9.24
C MET A 8 -2.93 -8.31 7.95
N ALA A 9 -3.73 -7.94 6.96
CA ALA A 9 -3.20 -7.47 5.69
C ALA A 9 -3.77 -6.10 5.32
N THR A 10 -3.08 -5.39 4.45
CA THR A 10 -3.51 -4.07 4.02
C THR A 10 -3.13 -3.80 2.57
N LYS A 11 -4.09 -3.35 1.78
CA LYS A 11 -3.85 -3.05 0.37
C LYS A 11 -4.42 -1.69 0.00
N ALA A 12 -3.83 -1.06 -1.01
CA ALA A 12 -4.28 0.25 -1.47
C ALA A 12 -4.36 0.29 -2.99
N ARG A 13 -5.39 0.99 -3.50
CA ARG A 13 -5.58 1.11 -4.94
C ARG A 13 -5.16 2.49 -5.43
N VAL A 14 -4.24 2.51 -6.39
CA VAL A 14 -3.75 3.78 -6.95
C VAL A 14 -4.84 4.48 -7.75
N MET A 15 -5.09 5.74 -7.41
CA MET A 15 -6.11 6.53 -8.09
C MET A 15 -5.50 7.29 -9.26
N TYR A 16 -4.21 7.57 -9.18
CA TYR A 16 -3.51 8.31 -10.22
C TYR A 16 -2.10 7.76 -10.42
N ASP A 17 -1.73 7.53 -11.67
CA ASP A 17 -0.41 7.00 -12.00
C ASP A 17 0.68 7.89 -11.40
N PHE A 18 1.65 7.25 -10.75
CA PHE A 18 2.75 7.98 -10.13
C PHE A 18 4.10 7.42 -10.58
N ALA A 19 4.88 8.24 -11.29
CA ALA A 19 6.19 7.83 -11.77
C ALA A 19 7.29 8.21 -10.78
N ALA A 20 7.57 7.32 -9.84
CA ALA A 20 8.60 7.57 -8.85
C ALA A 20 9.98 7.20 -9.37
N GLU A 21 10.87 8.18 -9.40
CA GLU A 21 12.24 7.97 -9.89
C GLU A 21 12.95 6.91 -9.06
N PRO A 22 13.71 6.04 -9.74
CA PRO A 22 14.46 4.97 -9.09
C PRO A 22 15.62 5.49 -8.26
N GLY A 23 16.10 6.69 -8.59
CA GLY A 23 17.20 7.28 -7.87
C GLY A 23 16.82 7.67 -6.45
N ASN A 24 15.61 8.19 -6.28
CA ASN A 24 15.13 8.59 -4.96
C ASN A 24 14.38 7.46 -4.28
N ASN A 25 13.98 7.69 -3.03
CA ASN A 25 13.26 6.68 -2.26
C ASN A 25 11.77 6.74 -2.57
N GLU A 26 11.40 6.36 -3.79
CA GLU A 26 10.00 6.37 -4.20
C GLU A 26 9.71 5.22 -5.15
N LEU A 27 8.63 4.49 -4.86
CA LEU A 27 8.24 3.36 -5.69
C LEU A 27 7.24 3.78 -6.76
N THR A 28 7.37 3.19 -7.95
CA THR A 28 6.49 3.52 -9.06
C THR A 28 5.18 2.74 -8.96
N VAL A 29 4.08 3.37 -9.38
CA VAL A 29 2.77 2.74 -9.34
C VAL A 29 1.91 3.20 -10.51
N THR A 30 0.99 2.32 -10.93
CA THR A 30 0.10 2.63 -12.05
C THR A 30 -1.36 2.63 -11.60
N GLU A 31 -2.17 3.43 -12.28
CA GLU A 31 -3.60 3.51 -11.95
C GLU A 31 -4.26 2.14 -12.02
N GLY A 32 -4.61 1.59 -10.87
CA GLY A 32 -5.25 0.29 -10.82
C GLY A 32 -4.35 -0.77 -10.20
N GLU A 33 -3.08 -0.43 -10.01
CA GLU A 33 -2.13 -1.36 -9.43
C GLU A 33 -2.32 -1.47 -7.92
N ILE A 34 -2.38 -2.70 -7.43
CA ILE A 34 -2.57 -2.94 -6.00
C ILE A 34 -1.26 -3.37 -5.34
N ILE A 35 -0.96 -2.77 -4.18
CA ILE A 35 0.25 -3.09 -3.46
C ILE A 35 -0.03 -3.32 -1.98
N THR A 36 0.99 -3.71 -1.23
CA THR A 36 0.85 -3.96 0.19
C THR A 36 1.39 -2.79 1.02
N VAL A 37 0.60 -2.35 1.98
CA VAL A 37 0.99 -1.23 2.84
C VAL A 37 1.70 -1.73 4.09
N THR A 38 2.91 -1.21 4.32
CA THR A 38 3.70 -1.60 5.48
C THR A 38 3.82 -0.45 6.47
N ASN A 39 3.99 0.76 5.96
CA ASN A 39 4.13 1.95 6.80
C ASN A 39 3.21 3.06 6.32
N PRO A 40 1.93 2.98 6.69
CA PRO A 40 0.93 3.97 6.30
C PRO A 40 1.14 5.31 7.00
N ASN A 41 1.94 5.30 8.06
CA ASN A 41 2.23 6.51 8.82
C ASN A 41 3.72 6.83 8.79
N VAL A 42 4.22 7.17 7.61
CA VAL A 42 5.64 7.51 7.45
C VAL A 42 6.03 8.68 8.33
N GLY A 43 5.26 9.77 8.24
CA GLY A 43 5.55 10.94 9.04
C GLY A 43 5.05 12.22 8.39
N GLY A 44 5.69 12.60 7.29
CA GLY A 44 5.30 13.81 6.58
C GLY A 44 3.93 13.68 5.92
N GLY A 45 3.33 12.51 6.06
CA GLY A 45 2.02 12.27 5.46
C GLY A 45 2.08 11.32 4.29
N TRP A 46 3.12 10.51 4.24
CA TRP A 46 3.29 9.54 3.16
C TRP A 46 3.14 8.11 3.69
N LEU A 47 3.15 7.15 2.76
CA LEU A 47 3.01 5.74 3.13
C LEU A 47 4.08 4.89 2.45
N GLU A 48 4.41 3.77 3.07
CA GLU A 48 5.42 2.87 2.52
C GLU A 48 4.79 1.53 2.13
N GLY A 49 5.11 1.07 0.92
CA GLY A 49 4.57 -0.20 0.45
C GLY A 49 5.60 -1.02 -0.29
N LYS A 50 5.27 -2.28 -0.56
CA LYS A 50 6.17 -3.18 -1.27
C LYS A 50 5.56 -3.66 -2.57
N ASN A 51 6.41 -4.10 -3.50
CA ASN A 51 5.94 -4.58 -4.79
C ASN A 51 6.40 -6.01 -5.04
N ASN A 52 5.96 -6.60 -6.15
CA ASN A 52 6.33 -7.96 -6.50
C ASN A 52 7.82 -8.19 -6.28
N LYS A 53 8.65 -7.48 -7.04
CA LYS A 53 10.09 -7.60 -6.92
C LYS A 53 10.52 -7.62 -5.46
N GLY A 54 9.68 -7.07 -4.60
CA GLY A 54 9.99 -7.03 -3.19
C GLY A 54 10.68 -5.74 -2.78
N GLU A 55 10.46 -4.68 -3.55
CA GLU A 55 11.08 -3.39 -3.28
C GLU A 55 10.13 -2.50 -2.48
N GLN A 56 10.68 -1.75 -1.53
CA GLN A 56 9.89 -0.86 -0.69
C GLN A 56 10.27 0.60 -0.94
N GLY A 57 9.25 1.44 -1.16
CA GLY A 57 9.50 2.84 -1.40
C GLY A 57 8.44 3.74 -0.79
N LEU A 58 8.64 5.04 -0.89
CA LEU A 58 7.70 6.01 -0.34
C LEU A 58 6.65 6.41 -1.38
N VAL A 59 5.39 6.49 -0.95
CA VAL A 59 4.31 6.87 -1.85
C VAL A 59 3.32 7.80 -1.15
N PRO A 60 2.87 8.83 -1.89
CA PRO A 60 1.91 9.81 -1.36
C PRO A 60 0.52 9.21 -1.16
N THR A 61 0.02 9.30 0.08
CA THR A 61 -1.28 8.77 0.41
C THR A 61 -2.39 9.53 -0.32
N ASP A 62 -2.01 10.63 -0.97
CA ASP A 62 -2.97 11.45 -1.71
C ASP A 62 -3.26 10.83 -3.08
N TYR A 63 -2.28 10.12 -3.63
CA TYR A 63 -2.44 9.49 -4.93
C TYR A 63 -3.13 8.14 -4.79
N VAL A 64 -3.02 7.53 -3.62
CA VAL A 64 -3.63 6.24 -3.35
C VAL A 64 -4.52 6.29 -2.12
N GLU A 65 -5.71 5.72 -2.23
CA GLU A 65 -6.66 5.70 -1.11
C GLU A 65 -6.78 4.30 -0.53
N ILE A 66 -6.09 4.06 0.58
CA ILE A 66 -6.12 2.76 1.24
C ILE A 66 -7.55 2.25 1.39
N LEU A 67 -7.74 0.95 1.18
CA LEU A 67 -9.06 0.34 1.28
C LEU A 67 -9.25 -0.30 2.66
N PRO A 68 -10.49 -0.22 3.17
CA PRO A 68 -10.84 -0.79 4.48
C PRO A 68 -10.83 -2.31 4.47
N ASN A 69 -10.87 -2.91 5.66
CA ASN A 69 -10.86 -4.36 5.78
C ASN A 69 -12.24 -4.93 5.53
N ASP A 70 -12.41 -5.56 4.36
CA ASP A 70 -13.69 -6.16 4.00
C ASP A 70 -13.55 -6.98 2.72
N GLY A 71 -13.98 -8.24 2.79
CA GLY A 71 -13.90 -9.12 1.64
C GLY A 71 -13.93 -10.58 2.02
N LYS A 72 -14.70 -11.37 1.29
CA LYS A 72 -14.82 -12.80 1.55
C LYS A 72 -13.51 -13.52 1.24
N ASP A 73 -13.00 -14.27 2.21
CA ASP A 73 -11.76 -15.02 2.05
C ASP A 73 -11.83 -15.92 0.82
N PRO A 74 -10.70 -16.08 0.13
CA PRO A 74 -10.61 -16.92 -1.07
C PRO A 74 -10.72 -18.41 -0.75
N PHE A 75 -10.32 -18.77 0.47
CA PHE A 75 -10.38 -20.17 0.90
C PHE A 75 -11.65 -20.84 0.38
N SER A 76 -11.49 -21.68 -0.64
CA SER A 76 -12.61 -22.39 -1.23
C SER A 76 -12.59 -23.86 -0.85
N CYS A 77 -13.62 -24.31 -0.15
CA CYS A 77 -13.71 -25.70 0.27
C CYS A 77 -13.74 -26.63 -0.94
#